data_7QBJ
#
_entry.id   7QBJ
#
_cell.length_a   145.041
_cell.length_b   145.041
_cell.length_c   120.099
_cell.angle_alpha   90.000
_cell.angle_beta   90.000
_cell.angle_gamma   90.000
#
_symmetry.space_group_name_H-M   'P 4'
#
loop_
_entity.id
_entity.type
_entity.pdbx_description
1 polymer "Inosine-5'-monophosphate dehydrogenase"
2 water water
#
_entity_poly.entity_id   1
_entity_poly.type   'polypeptide(L)'
_entity_poly.pdbx_seq_one_letter_code
;MGSSHHHHHHSSGLVPRGSHMLRIAKEALTFDDVLLVPAHSTVLPNTADLSTQLTKTIRLNIPMLSAAMDTVTEARLAIA
LAQEGGIGFIHKNMSIERQAEEVRRVKKHESAIVRDPVTVTPSTKIIELLQMAREYGFSGFPVVEQGELVGIVTGRDLRV
KPNAGDTVAAIMTPKDKLVTAREGTPLEEMKAKLYENRIEKMLVVDENFYLRGLVTFRDIEKAERKPNACKDEQGRLRVG
AAVGAGAGNEERVDALVAAGVDVLLIDSSHGHSEGVLQRIRETRAKYPDLQIIGGNVATAAGARALAEAGCSAVKVGIGP
GSICTTRIVTGVGVPQITAVADAVEALEGTGIPVIADGGIRFSGDIAKAIAAGASAVMVGSMLAGTEESPGEIELYQGRS
YKSYRGMGSLGAMSKGSSDRYFQSDNAADKLVPEGIEGRVAYKGRLKEIIHQQMGGLRSCMGLTGCGTIDELRTKAEFVR
ISGAGIQESHVHDVTITKESPNYRLGS
;
_entity_poly.pdbx_strand_id   A,B,C,D
#
# COMPACT_ATOMS: atom_id res chain seq x y z
N MET A 21 -44.58 43.44 6.32
CA MET A 21 -45.27 43.40 7.60
C MET A 21 -45.35 41.98 8.11
N LEU A 22 -44.67 41.74 9.22
CA LEU A 22 -44.41 40.40 9.73
C LEU A 22 -43.70 39.62 8.64
N ARG A 23 -42.39 39.62 8.72
CA ARG A 23 -41.51 39.14 7.66
C ARG A 23 -40.95 37.79 8.11
N ILE A 24 -41.67 36.71 7.77
CA ILE A 24 -41.19 35.35 7.99
C ILE A 24 -40.46 34.85 6.76
N ALA A 25 -39.14 34.65 6.88
CA ALA A 25 -38.37 34.24 5.72
C ALA A 25 -38.82 32.87 5.23
N LYS A 26 -38.92 31.92 6.14
CA LYS A 26 -39.20 30.53 5.78
C LYS A 26 -39.41 29.75 7.07
N GLU A 27 -39.56 28.44 6.92
CA GLU A 27 -39.51 27.53 8.04
C GLU A 27 -38.13 26.91 8.13
N ALA A 28 -37.65 26.70 9.35
CA ALA A 28 -36.34 26.13 9.58
C ALA A 28 -36.46 24.88 10.45
N LEU A 29 -35.65 23.88 10.15
CA LEU A 29 -35.72 22.56 10.78
C LEU A 29 -34.49 22.29 11.64
N THR A 30 -34.67 21.52 12.71
CA THR A 30 -33.59 21.12 13.59
C THR A 30 -33.36 19.62 13.47
N PHE A 31 -32.34 19.13 14.18
CA PHE A 31 -32.00 17.71 14.11
C PHE A 31 -33.17 16.82 14.44
N ASP A 32 -34.01 17.24 15.38
CA ASP A 32 -35.09 16.41 15.86
C ASP A 32 -36.29 16.39 14.93
N ASP A 33 -36.32 17.24 13.90
CA ASP A 33 -37.45 17.32 12.98
C ASP A 33 -37.33 16.34 11.82
N VAL A 34 -36.15 15.73 11.62
CA VAL A 34 -35.89 14.88 10.47
C VAL A 34 -35.30 13.55 10.93
N LEU A 35 -35.45 12.54 10.07
CA LEU A 35 -34.80 11.25 10.22
C LEU A 35 -34.22 10.87 8.86
N LEU A 36 -33.17 10.07 8.85
CA LEU A 36 -32.61 9.58 7.60
C LEU A 36 -33.36 8.33 7.14
N VAL A 37 -33.52 8.20 5.81
CA VAL A 37 -34.26 7.08 5.21
C VAL A 37 -33.35 5.90 4.89
N PRO A 38 -33.69 4.67 5.30
CA PRO A 38 -32.88 3.52 4.88
C PRO A 38 -33.03 3.24 3.40
N ALA A 39 -31.90 2.91 2.75
CA ALA A 39 -31.92 2.66 1.33
C ALA A 39 -31.23 1.35 1.05
N HIS A 40 -31.32 0.92 -0.20
CA HIS A 40 -30.58 -0.26 -0.62
C HIS A 40 -29.10 -0.06 -0.40
N SER A 41 -28.49 -1.03 0.29
CA SER A 41 -27.13 -0.86 0.77
C SER A 41 -26.25 -2.03 0.42
N THR A 42 -25.05 -1.74 -0.08
CA THR A 42 -23.97 -2.70 -0.18
C THR A 42 -22.80 -2.32 0.72
N VAL A 43 -23.06 -1.49 1.73
CA VAL A 43 -22.05 -0.95 2.61
C VAL A 43 -22.06 -1.73 3.92
N LEU A 44 -20.93 -2.31 4.27
CA LEU A 44 -20.79 -2.76 5.64
C LEU A 44 -20.37 -1.60 6.51
N PRO A 45 -20.97 -1.42 7.67
CA PRO A 45 -20.51 -0.36 8.57
C PRO A 45 -19.01 -0.32 8.78
N ASN A 46 -18.38 -1.47 9.02
CA ASN A 46 -16.93 -1.45 9.27
C ASN A 46 -16.10 -1.20 8.02
N THR A 47 -16.67 -1.32 6.82
CA THR A 47 -15.97 -0.96 5.58
C THR A 47 -16.35 0.44 5.08
N ALA A 48 -17.21 1.16 5.79
CA ALA A 48 -17.52 2.53 5.39
C ALA A 48 -16.25 3.40 5.49
N ASP A 49 -16.12 4.35 4.57
CA ASP A 49 -14.98 5.26 4.52
C ASP A 49 -15.36 6.62 5.13
N LEU A 50 -14.66 7.00 6.18
CA LEU A 50 -14.98 8.18 6.98
C LEU A 50 -14.16 9.42 6.62
N SER A 51 -13.35 9.38 5.57
CA SER A 51 -12.45 10.50 5.30
C SER A 51 -13.17 11.58 4.50
N THR A 52 -12.66 12.81 4.60
CA THR A 52 -13.33 13.98 4.07
C THR A 52 -12.34 15.14 3.95
N GLN A 53 -12.50 15.95 2.91
CA GLN A 53 -11.72 17.18 2.75
C GLN A 53 -12.19 18.22 3.77
N LEU A 54 -11.29 18.67 4.63
CA LEU A 54 -11.60 19.84 5.46
C LEU A 54 -11.46 21.12 4.64
N THR A 55 -10.43 21.24 3.82
CA THR A 55 -10.31 22.30 2.83
C THR A 55 -9.92 21.64 1.53
N LYS A 56 -9.64 22.41 0.48
CA LYS A 56 -9.16 21.78 -0.74
C LYS A 56 -7.85 21.03 -0.54
N THR A 57 -7.05 21.44 0.44
CA THR A 57 -5.71 20.91 0.60
C THR A 57 -5.53 20.05 1.85
N ILE A 58 -6.52 19.99 2.74
CA ILE A 58 -6.42 19.22 3.98
C ILE A 58 -7.52 18.17 4.03
N ARG A 59 -7.13 16.91 4.17
CA ARG A 59 -8.04 15.77 4.23
C ARG A 59 -7.98 15.12 5.61
N LEU A 60 -9.13 14.99 6.25
CA LEU A 60 -9.27 14.33 7.53
C LEU A 60 -9.59 12.86 7.33
N ASN A 61 -9.23 12.06 8.32
CA ASN A 61 -9.59 10.65 8.23
C ASN A 61 -10.87 10.31 8.98
N ILE A 62 -11.33 11.16 9.89
CA ILE A 62 -12.69 11.06 10.42
C ILE A 62 -13.29 12.46 10.34
N PRO A 63 -14.59 12.62 10.23
CA PRO A 63 -15.15 13.97 10.02
C PRO A 63 -15.36 14.75 11.32
N MET A 64 -14.29 14.92 12.11
CA MET A 64 -14.47 15.51 13.44
C MET A 64 -13.35 16.45 13.83
N LEU A 65 -13.74 17.59 14.44
CA LEU A 65 -12.87 18.66 14.94
C LEU A 65 -13.21 18.95 16.39
N SER A 66 -12.22 19.26 17.22
CA SER A 66 -12.55 19.60 18.60
C SER A 66 -12.56 21.12 18.76
N ALA A 67 -13.44 21.60 19.63
CA ALA A 67 -13.67 23.03 19.75
C ALA A 67 -12.54 23.72 20.49
N ALA A 68 -12.33 24.99 20.13
CA ALA A 68 -11.32 25.84 20.75
C ALA A 68 -11.84 26.37 22.09
N MET A 69 -12.04 25.44 23.03
CA MET A 69 -12.58 25.78 24.35
C MET A 69 -11.54 25.49 25.40
N ASP A 70 -11.43 26.34 26.41
CA ASP A 70 -10.37 26.17 27.40
C ASP A 70 -10.53 24.90 28.24
N THR A 71 -11.70 24.27 28.19
CA THR A 71 -11.97 23.03 28.88
C THR A 71 -11.91 21.82 27.96
N VAL A 72 -11.65 22.03 26.66
CA VAL A 72 -11.63 20.96 25.67
C VAL A 72 -10.24 20.79 25.05
N THR A 73 -9.80 21.76 24.26
CA THR A 73 -8.62 21.53 23.41
C THR A 73 -7.41 22.32 23.88
N GLU A 74 -6.41 21.59 24.38
CA GLU A 74 -5.05 22.09 24.38
C GLU A 74 -4.18 21.04 23.70
N ALA A 75 -2.86 21.13 23.82
CA ALA A 75 -1.98 20.27 23.02
C ALA A 75 -2.23 18.79 23.29
N ARG A 76 -2.50 18.42 24.54
CA ARG A 76 -2.69 17.01 24.84
C ARG A 76 -3.88 16.44 24.07
N LEU A 77 -5.03 17.10 24.16
CA LEU A 77 -6.21 16.61 23.47
C LEU A 77 -6.07 16.74 21.95
N ALA A 78 -5.46 17.83 21.47
CA ALA A 78 -5.28 18.00 20.04
C ALA A 78 -4.37 16.93 19.45
N ILE A 79 -3.36 16.49 20.21
CA ILE A 79 -2.51 15.38 19.76
C ILE A 79 -3.34 14.10 19.65
N ALA A 80 -4.13 13.82 20.69
CA ALA A 80 -4.89 12.57 20.76
C ALA A 80 -5.98 12.51 19.69
N LEU A 81 -6.51 13.67 19.27
CA LEU A 81 -7.52 13.66 18.20
C LEU A 81 -6.87 13.51 16.83
N ALA A 82 -5.78 14.23 16.55
CA ALA A 82 -5.07 14.03 15.29
C ALA A 82 -4.66 12.57 15.10
N GLN A 83 -4.30 11.88 16.17
CA GLN A 83 -3.91 10.48 16.06
C GLN A 83 -5.10 9.59 15.72
N GLU A 84 -6.32 10.07 15.90
CA GLU A 84 -7.53 9.33 15.54
C GLU A 84 -8.09 9.75 14.19
N GLY A 85 -7.62 10.86 13.60
CA GLY A 85 -7.93 11.20 12.22
C GLY A 85 -8.48 12.58 11.98
N GLY A 86 -8.78 13.29 13.07
CA GLY A 86 -9.33 14.63 13.04
C GLY A 86 -8.30 15.68 13.43
N ILE A 87 -8.79 16.90 13.67
CA ILE A 87 -7.92 18.04 13.99
C ILE A 87 -8.51 18.78 15.18
N GLY A 88 -7.68 19.06 16.19
CA GLY A 88 -8.11 19.87 17.33
C GLY A 88 -7.69 21.32 17.18
N PHE A 89 -8.44 22.22 17.84
CA PHE A 89 -8.19 23.66 17.76
C PHE A 89 -7.82 24.21 19.13
N ILE A 90 -6.56 24.62 19.28
CA ILE A 90 -6.07 25.15 20.54
C ILE A 90 -6.84 26.43 20.87
N HIS A 91 -7.44 26.45 22.06
CA HIS A 91 -8.18 27.63 22.45
C HIS A 91 -7.25 28.82 22.66
N LYS A 92 -7.80 30.01 22.57
CA LYS A 92 -7.03 31.24 22.69
C LYS A 92 -7.06 31.85 24.09
N ASN A 93 -7.71 31.21 25.06
CA ASN A 93 -7.74 31.79 26.40
C ASN A 93 -6.43 31.49 27.13
N MET A 94 -5.36 32.05 26.56
CA MET A 94 -3.99 31.85 27.03
C MET A 94 -3.10 32.85 26.30
N SER A 95 -1.89 33.04 26.81
CA SER A 95 -0.96 34.01 26.22
C SER A 95 -0.55 33.57 24.82
N ILE A 96 -0.15 34.55 24.01
CA ILE A 96 0.32 34.23 22.67
C ILE A 96 1.48 33.26 22.73
N GLU A 97 2.43 33.50 23.64
CA GLU A 97 3.61 32.65 23.71
C GLU A 97 3.25 31.23 24.10
N ARG A 98 2.22 31.08 24.93
CA ARG A 98 1.80 29.75 25.35
C ARG A 98 1.01 29.03 24.28
N GLN A 99 0.15 29.75 23.55
CA GLN A 99 -0.66 29.13 22.51
C GLN A 99 0.20 28.65 21.36
N ALA A 100 1.15 29.48 20.91
CA ALA A 100 2.07 29.05 19.88
C ALA A 100 2.89 27.85 20.31
N GLU A 101 3.18 27.74 21.61
CA GLU A 101 3.93 26.59 22.08
C GLU A 101 3.03 25.35 22.16
N GLU A 102 1.71 25.51 22.32
CA GLU A 102 0.81 24.36 22.22
C GLU A 102 0.74 23.83 20.79
N VAL A 103 0.76 24.75 19.81
CA VAL A 103 0.77 24.34 18.42
C VAL A 103 2.05 23.58 18.10
N ARG A 104 3.21 24.12 18.54
CA ARG A 104 4.48 23.42 18.32
C ARG A 104 4.50 22.07 19.01
N ARG A 105 3.90 21.96 20.20
CA ARG A 105 3.86 20.68 20.91
C ARG A 105 3.14 19.62 20.09
N VAL A 106 2.11 20.02 19.33
CA VAL A 106 1.40 19.05 18.52
C VAL A 106 2.18 18.74 17.25
N LYS A 107 2.76 19.77 16.63
CA LYS A 107 3.48 19.55 15.37
C LYS A 107 4.72 18.67 15.57
N LYS A 108 5.36 18.73 16.73
CA LYS A 108 6.62 18.04 16.96
C LYS A 108 6.46 16.80 17.83
N HIS A 109 5.22 16.39 18.11
CA HIS A 109 5.00 15.24 18.96
C HIS A 109 5.42 13.95 18.28
N GLU A 110 6.37 13.24 18.89
CA GLU A 110 6.73 11.89 18.48
C GLU A 110 6.92 11.08 19.76
N SER A 111 6.13 10.02 19.90
CA SER A 111 6.10 9.23 21.12
C SER A 111 7.40 8.45 21.34
N ALA A 112 8.08 8.08 20.26
CA ALA A 112 9.29 7.29 20.37
C ALA A 112 10.48 8.05 20.95
N ILE A 113 10.44 9.38 20.99
CA ILE A 113 11.57 10.17 21.46
C ILE A 113 11.47 10.34 22.97
N VAL A 114 12.56 10.01 23.67
CA VAL A 114 12.68 10.24 25.10
C VAL A 114 13.21 11.65 25.31
N ARG A 115 12.39 12.49 25.93
CA ARG A 115 12.79 13.87 26.20
C ARG A 115 13.50 13.93 27.54
N ASP A 116 14.19 15.04 27.75
CA ASP A 116 14.80 15.35 29.03
C ASP A 116 15.62 14.16 29.53
N PRO A 117 16.68 13.77 28.81
CA PRO A 117 17.67 12.86 29.38
C PRO A 117 18.62 13.61 30.28
N VAL A 118 19.34 12.86 31.09
CA VAL A 118 20.32 13.42 32.00
C VAL A 118 21.58 13.76 31.21
N THR A 119 22.03 15.02 31.31
CA THR A 119 23.14 15.54 30.51
C THR A 119 24.20 16.13 31.43
N VAL A 120 25.37 16.44 30.85
CA VAL A 120 26.41 17.21 31.53
C VAL A 120 26.86 18.37 30.65
N THR A 121 27.79 19.19 31.13
CA THR A 121 28.37 20.28 30.37
C THR A 121 29.87 20.06 30.25
N PRO A 122 30.55 20.75 29.31
CA PRO A 122 32.01 20.54 29.17
C PRO A 122 32.82 21.01 30.38
N SER A 123 32.19 21.70 31.34
CA SER A 123 32.82 22.17 32.57
C SER A 123 32.59 21.23 33.74
N THR A 124 31.83 20.15 33.55
CA THR A 124 31.50 19.25 34.66
C THR A 124 32.75 18.54 35.13
N LYS A 125 32.93 18.53 36.45
CA LYS A 125 34.08 17.86 37.05
C LYS A 125 33.97 16.35 36.89
N ILE A 126 35.10 15.69 36.67
CA ILE A 126 35.09 14.24 36.47
C ILE A 126 34.48 13.54 37.68
N ILE A 127 34.77 14.06 38.88
CA ILE A 127 34.22 13.49 40.12
C ILE A 127 32.71 13.56 40.13
N GLU A 128 32.13 14.64 39.61
CA GLU A 128 30.69 14.66 39.41
C GLU A 128 30.29 13.66 38.33
N LEU A 129 31.07 13.58 37.25
CA LEU A 129 30.78 12.62 36.18
C LEU A 129 30.77 11.19 36.69
N LEU A 130 31.55 10.90 37.72
CA LEU A 130 31.58 9.53 38.22
C LEU A 130 30.46 9.28 39.22
N GLN A 131 30.03 10.31 39.96
CA GLN A 131 28.92 10.16 40.89
C GLN A 131 27.63 9.86 40.16
N MET A 132 27.44 10.49 38.99
CA MET A 132 26.25 10.26 38.18
C MET A 132 26.35 8.95 37.41
N ALA A 133 27.56 8.58 37.01
CA ALA A 133 27.77 7.30 36.34
C ALA A 133 27.33 6.13 37.20
N ARG A 134 27.57 6.21 38.51
CA ARG A 134 27.15 5.12 39.37
C ARG A 134 25.63 5.13 39.56
N GLU A 135 25.00 6.30 39.40
CA GLU A 135 23.57 6.44 39.58
C GLU A 135 22.77 6.15 38.32
N TYR A 136 23.30 6.54 37.15
CA TYR A 136 22.61 6.40 35.87
C TYR A 136 23.28 5.45 34.90
N GLY A 137 24.40 4.83 35.27
CA GLY A 137 25.16 4.03 34.35
C GLY A 137 26.08 4.88 33.51
N PHE A 138 26.96 4.21 32.77
CA PHE A 138 27.97 4.90 31.99
C PHE A 138 27.80 4.62 30.48
N SER A 139 26.55 4.52 30.01
CA SER A 139 26.32 4.27 28.58
C SER A 139 26.67 5.49 27.73
N GLY A 140 26.38 6.70 28.23
CA GLY A 140 26.73 7.91 27.52
C GLY A 140 25.92 9.12 27.90
N PHE A 141 26.55 10.08 28.59
CA PHE A 141 25.88 11.33 28.95
C PHE A 141 26.05 12.36 27.85
N PRO A 142 24.98 12.88 27.25
CA PRO A 142 25.14 14.01 26.33
C PRO A 142 25.79 15.22 27.00
N VAL A 143 26.79 15.80 26.34
CA VAL A 143 27.44 17.04 26.79
C VAL A 143 26.77 18.21 26.07
N VAL A 144 26.22 19.16 26.83
CA VAL A 144 25.55 20.31 26.24
C VAL A 144 26.14 21.58 26.82
N GLU A 145 26.10 22.64 26.01
CA GLU A 145 26.53 23.97 26.41
C GLU A 145 25.37 24.89 26.05
N GLN A 146 24.51 25.16 27.04
CA GLN A 146 23.36 26.04 26.85
C GLN A 146 22.34 25.44 25.90
N GLY A 147 22.12 24.12 25.97
CA GLY A 147 21.17 23.44 25.12
C GLY A 147 21.71 23.01 23.76
N GLU A 148 22.80 23.61 23.30
CA GLU A 148 23.45 23.12 22.10
C GLU A 148 24.21 21.84 22.42
N LEU A 149 24.02 20.82 21.61
CA LEU A 149 24.72 19.56 21.82
C LEU A 149 26.15 19.67 21.31
N VAL A 150 27.12 19.36 22.18
CA VAL A 150 28.53 19.47 21.82
C VAL A 150 29.27 18.15 21.87
N GLY A 151 28.72 17.12 22.48
CA GLY A 151 29.34 15.81 22.45
C GLY A 151 28.66 14.84 23.40
N ILE A 152 29.32 13.72 23.63
CA ILE A 152 28.86 12.68 24.55
C ILE A 152 30.08 12.10 25.25
N VAL A 153 29.94 11.78 26.53
CA VAL A 153 31.04 11.23 27.31
C VAL A 153 30.56 9.89 27.87
N THR A 154 31.28 8.81 27.53
CA THR A 154 30.98 7.42 27.88
C THR A 154 31.96 6.90 28.93
N GLY A 155 31.74 5.66 29.38
CA GLY A 155 32.68 5.02 30.29
C GLY A 155 34.04 4.75 29.65
N ARG A 156 34.05 4.42 28.36
CA ARG A 156 35.31 4.22 27.65
C ARG A 156 36.13 5.50 27.59
N ASP A 157 35.44 6.65 27.44
CA ASP A 157 36.12 7.94 27.41
C ASP A 157 36.89 8.21 28.70
N LEU A 158 36.29 7.85 29.85
CA LEU A 158 36.94 8.10 31.13
C LEU A 158 37.99 7.03 31.44
N ARG A 159 37.68 5.77 31.18
CA ARG A 159 38.56 4.70 31.62
C ARG A 159 39.74 4.46 30.67
N VAL A 160 39.85 5.26 29.61
CA VAL A 160 41.05 5.23 28.78
C VAL A 160 41.89 6.52 28.96
N LYS A 161 41.34 7.60 29.59
CA LYS A 161 42.04 8.80 30.10
C LYS A 161 42.42 9.79 28.99
N PRO A 162 42.89 11.04 29.30
CA PRO A 162 43.41 11.89 28.22
C PRO A 162 44.90 11.65 27.98
N ASP A 166 40.47 18.34 36.48
CA ASP A 166 40.20 18.13 35.05
C ASP A 166 38.67 18.09 34.84
N THR A 167 38.23 18.13 33.57
CA THR A 167 36.83 18.36 33.27
C THR A 167 36.40 17.48 32.11
N VAL A 168 35.09 17.33 31.94
CA VAL A 168 34.49 16.50 30.89
C VAL A 168 34.97 16.92 29.50
N ALA A 169 35.17 18.22 29.26
CA ALA A 169 35.59 18.68 27.94
C ALA A 169 36.80 17.92 27.44
N ALA A 170 37.74 17.61 28.33
CA ALA A 170 39.01 16.99 27.97
C ALA A 170 38.89 15.54 27.54
N ILE A 171 37.74 14.90 27.77
CA ILE A 171 37.60 13.46 27.57
C ILE A 171 36.44 13.09 26.68
N MET A 172 35.49 14.00 26.45
CA MET A 172 34.22 13.67 25.81
C MET A 172 34.44 13.31 24.33
N THR A 173 33.59 12.46 23.78
CA THR A 173 33.60 12.22 22.36
C THR A 173 33.14 13.47 21.63
N PRO A 174 33.87 13.99 20.64
CA PRO A 174 33.52 15.32 20.11
C PRO A 174 32.34 15.31 19.15
N LYS A 175 31.79 16.49 18.96
CA LYS A 175 30.67 16.68 18.05
C LYS A 175 30.91 16.01 16.68
N ASP A 176 32.16 16.01 16.20
CA ASP A 176 32.44 15.51 14.86
C ASP A 176 32.43 13.98 14.76
N LYS A 177 32.29 13.26 15.88
CA LYS A 177 32.14 11.81 15.84
C LYS A 177 30.79 11.37 16.38
N LEU A 178 29.83 12.28 16.50
CA LEU A 178 28.50 11.94 16.97
C LEU A 178 27.64 11.44 15.83
N VAL A 179 26.84 10.42 16.12
CA VAL A 179 25.82 9.91 15.19
C VAL A 179 24.47 10.39 15.70
N THR A 180 23.85 11.35 15.00
CA THR A 180 22.60 11.95 15.44
C THR A 180 21.55 11.88 14.32
N ALA A 181 20.28 11.98 14.74
CA ALA A 181 19.16 12.10 13.83
C ALA A 181 18.45 13.43 14.10
N ARG A 182 17.90 14.01 13.04
CA ARG A 182 17.12 15.22 13.19
C ARG A 182 15.71 14.88 13.66
N GLU A 183 15.13 15.82 14.45
CA GLU A 183 13.73 15.73 14.84
C GLU A 183 12.86 15.70 13.60
N GLY A 184 11.95 14.73 13.54
CA GLY A 184 11.09 14.54 12.39
C GLY A 184 11.47 13.39 11.49
N THR A 185 12.57 12.67 11.81
CA THR A 185 13.01 11.52 11.03
C THR A 185 12.08 10.33 11.27
N PRO A 186 11.63 9.65 10.22
CA PRO A 186 10.73 8.52 10.41
C PRO A 186 11.35 7.42 11.26
N LEU A 187 10.50 6.72 12.02
CA LEU A 187 10.97 5.68 12.93
C LEU A 187 11.78 4.61 12.21
N GLU A 188 11.41 4.26 10.98
CA GLU A 188 12.13 3.20 10.30
C GLU A 188 13.49 3.65 9.86
N GLU A 189 13.61 4.93 9.51
CA GLU A 189 14.92 5.53 9.21
C GLU A 189 15.80 5.57 10.45
N MET A 190 15.21 5.83 11.60
CA MET A 190 15.97 5.90 12.83
C MET A 190 16.45 4.51 13.23
N LYS A 191 15.61 3.49 13.04
CA LYS A 191 16.03 2.12 13.29
C LYS A 191 17.17 1.72 12.35
N ALA A 192 17.13 2.22 11.12
CA ALA A 192 18.19 1.91 10.16
C ALA A 192 19.50 2.54 10.57
N LYS A 193 19.44 3.80 11.02
CA LYS A 193 20.62 4.51 11.48
C LYS A 193 21.24 3.83 12.69
N LEU A 194 20.41 3.46 13.66
CA LEU A 194 20.90 2.76 14.84
C LEU A 194 21.58 1.45 14.45
N TYR A 195 20.93 0.69 13.56
CA TYR A 195 21.53 -0.57 13.14
C TYR A 195 22.83 -0.32 12.38
N GLU A 196 22.79 0.55 11.36
CA GLU A 196 23.94 0.68 10.47
C GLU A 196 25.12 1.43 11.10
N ASN A 197 24.92 2.18 12.18
CA ASN A 197 26.04 2.76 12.91
C ASN A 197 26.35 1.96 14.15
N ARG A 198 25.68 0.83 14.30
CA ARG A 198 25.97 -0.09 15.37
C ARG A 198 25.88 0.65 16.70
N ILE A 199 24.79 1.39 16.87
CA ILE A 199 24.58 2.10 18.12
C ILE A 199 23.24 1.68 18.68
N GLU A 200 23.15 1.74 20.01
CA GLU A 200 21.93 1.39 20.70
C GLU A 200 21.25 2.62 21.30
N LYS A 201 21.92 3.78 21.26
CA LYS A 201 21.37 5.10 21.58
C LYS A 201 21.70 6.06 20.46
N MET A 202 20.74 6.92 20.13
CA MET A 202 20.95 7.95 19.13
C MET A 202 20.33 9.25 19.61
N LEU A 203 21.12 10.31 19.67
CA LEU A 203 20.62 11.61 20.14
C LEU A 203 19.88 12.34 19.01
N VAL A 204 18.86 13.10 19.38
CA VAL A 204 17.97 13.77 18.43
C VAL A 204 18.17 15.28 18.57
N VAL A 205 18.52 15.95 17.46
CA VAL A 205 18.84 17.37 17.43
C VAL A 205 17.86 18.11 16.52
N ASP A 206 17.76 19.43 16.70
CA ASP A 206 17.01 20.27 15.77
C ASP A 206 17.97 20.82 14.71
N GLU A 207 17.49 21.81 13.95
CA GLU A 207 18.29 22.36 12.85
C GLU A 207 19.50 23.13 13.37
N ASN A 208 19.47 23.58 14.61
CA ASN A 208 20.57 24.32 15.19
C ASN A 208 21.48 23.45 16.02
N PHE A 209 21.35 22.13 15.89
CA PHE A 209 22.11 21.17 16.68
C PHE A 209 21.88 21.36 18.18
N TYR A 210 20.64 21.66 18.56
CA TYR A 210 20.26 21.63 19.96
C TYR A 210 19.66 20.27 20.26
N LEU A 211 20.04 19.71 21.39
CA LEU A 211 19.54 18.42 21.79
C LEU A 211 18.05 18.51 22.05
N ARG A 212 17.29 17.53 21.50
CA ARG A 212 15.85 17.46 21.67
C ARG A 212 15.37 16.14 22.27
N GLY A 213 16.26 15.18 22.49
CA GLY A 213 15.89 13.88 23.00
C GLY A 213 16.82 12.81 22.46
N LEU A 214 16.33 11.57 22.48
CA LEU A 214 17.09 10.43 21.99
C LEU A 214 16.12 9.29 21.68
N VAL A 215 16.64 8.28 21.00
CA VAL A 215 15.86 7.09 20.67
C VAL A 215 16.74 5.87 20.78
N THR A 216 16.11 4.74 21.05
CA THR A 216 16.71 3.42 21.04
C THR A 216 15.81 2.53 20.21
N PHE A 217 16.19 1.27 20.06
CA PHE A 217 15.31 0.33 19.38
C PHE A 217 14.04 0.09 20.20
N ARG A 218 14.19 0.04 21.53
CA ARG A 218 13.07 -0.29 22.42
C ARG A 218 12.03 0.82 22.47
N ASP A 219 12.49 2.06 22.53
CA ASP A 219 11.56 3.18 22.54
C ASP A 219 10.83 3.32 21.21
N ILE A 220 11.50 3.04 20.10
CA ILE A 220 10.81 3.04 18.81
C ILE A 220 9.77 1.92 18.77
N GLU A 221 10.06 0.80 19.41
CA GLU A 221 9.16 -0.36 19.38
C GLU A 221 7.87 -0.09 20.14
N LYS A 222 7.96 0.54 21.30
CA LYS A 222 6.78 0.76 22.13
C LYS A 222 6.07 2.08 21.84
N ALA A 223 6.58 2.87 20.89
CA ALA A 223 5.78 3.95 20.35
C ALA A 223 4.50 3.38 19.78
N GLU A 224 3.36 3.80 20.33
CA GLU A 224 2.07 3.37 19.80
C GLU A 224 1.92 3.73 18.34
N ARG A 225 1.47 2.76 17.55
CA ARG A 225 1.22 2.98 16.13
C ARG A 225 -0.20 3.51 15.92
N LYS A 226 -0.33 4.54 15.08
CA LYS A 226 -1.58 5.28 14.90
C LYS A 226 -1.90 5.40 13.41
N PRO A 227 -2.46 4.35 12.82
CA PRO A 227 -2.57 4.29 11.34
C PRO A 227 -3.50 5.33 10.77
N ASN A 228 -4.41 5.86 11.58
CA ASN A 228 -5.42 6.78 11.09
C ASN A 228 -5.06 8.23 11.35
N ALA A 229 -3.87 8.49 11.90
CA ALA A 229 -3.44 9.86 12.19
C ALA A 229 -3.57 10.78 10.98
N CYS A 230 -4.09 11.98 11.23
CA CYS A 230 -4.18 13.03 10.23
C CYS A 230 -2.86 13.81 10.26
N LYS A 231 -2.01 13.58 9.25
CA LYS A 231 -0.67 14.12 9.23
C LYS A 231 -0.46 14.92 7.96
N ASP A 232 0.47 15.87 8.00
CA ASP A 232 0.76 16.68 6.82
C ASP A 232 1.74 15.95 5.90
N GLU A 233 2.16 16.64 4.85
CA GLU A 233 3.08 16.08 3.88
C GLU A 233 4.44 15.74 4.49
N GLN A 234 4.78 16.30 5.64
CA GLN A 234 6.01 15.98 6.32
C GLN A 234 5.86 14.86 7.34
N GLY A 235 4.67 14.27 7.47
CA GLY A 235 4.40 13.26 8.48
C GLY A 235 4.12 13.77 9.88
N ARG A 236 3.91 15.06 10.05
CA ARG A 236 3.59 15.61 11.35
C ARG A 236 2.08 15.66 11.55
N LEU A 237 1.65 15.42 12.79
CA LEU A 237 0.25 15.61 13.15
C LEU A 237 -0.21 17.02 12.74
N ARG A 238 -1.45 17.09 12.24
CA ARG A 238 -2.09 18.37 11.92
C ARG A 238 -2.79 18.95 13.15
N VAL A 239 -2.82 20.29 13.21
CA VAL A 239 -3.34 21.01 14.38
C VAL A 239 -3.96 22.32 13.91
N GLY A 240 -4.93 22.83 14.68
CA GLY A 240 -5.45 24.16 14.48
C GLY A 240 -5.30 25.01 15.73
N ALA A 241 -5.59 26.30 15.58
CA ALA A 241 -5.58 27.21 16.72
C ALA A 241 -6.61 28.30 16.44
N ALA A 242 -7.26 28.78 17.50
CA ALA A 242 -8.28 29.82 17.39
C ALA A 242 -7.74 31.18 17.79
N VAL A 243 -8.24 32.21 17.10
CA VAL A 243 -8.00 33.61 17.42
C VAL A 243 -9.33 34.33 17.41
N GLY A 244 -9.40 35.43 18.15
CA GLY A 244 -10.55 36.30 18.05
C GLY A 244 -10.61 37.02 16.71
N ALA A 245 -11.81 37.43 16.34
CA ALA A 245 -11.99 38.21 15.12
C ALA A 245 -11.75 39.68 15.34
N GLY A 246 -11.39 40.08 16.55
CA GLY A 246 -11.22 41.47 16.86
C GLY A 246 -9.93 42.04 16.31
N ALA A 247 -9.79 43.35 16.51
CA ALA A 247 -8.53 44.00 16.18
C ALA A 247 -7.50 43.74 17.28
N GLY A 248 -6.23 43.80 16.90
CA GLY A 248 -5.16 43.52 17.83
C GLY A 248 -4.72 42.08 17.89
N ASN A 249 -5.25 41.21 17.03
CA ASN A 249 -4.87 39.81 17.04
C ASN A 249 -3.74 39.48 16.05
N GLU A 250 -3.22 40.48 15.33
CA GLU A 250 -2.21 40.23 14.30
C GLU A 250 -0.93 39.62 14.88
N GLU A 251 -0.56 40.00 16.10
CA GLU A 251 0.60 39.36 16.72
C GLU A 251 0.30 37.91 17.06
N ARG A 252 -0.92 37.59 17.47
CA ARG A 252 -1.28 36.21 17.77
C ARG A 252 -1.29 35.38 16.49
N VAL A 253 -1.84 35.92 15.40
CA VAL A 253 -1.93 35.16 14.16
C VAL A 253 -0.54 34.87 13.61
N ASP A 254 0.34 35.87 13.64
CA ASP A 254 1.65 35.67 13.04
C ASP A 254 2.45 34.65 13.84
N ALA A 255 2.16 34.55 15.14
CA ALA A 255 2.87 33.60 15.99
C ALA A 255 2.38 32.18 15.76
N LEU A 256 1.09 32.01 15.48
CA LEU A 256 0.54 30.69 15.21
C LEU A 256 0.98 30.20 13.84
N VAL A 257 0.92 31.05 12.83
CA VAL A 257 1.39 30.67 11.50
C VAL A 257 2.84 30.25 11.56
N ALA A 258 3.67 31.06 12.23
CA ALA A 258 5.09 30.77 12.37
C ALA A 258 5.33 29.51 13.19
N ALA A 259 4.39 29.16 14.07
CA ALA A 259 4.49 27.91 14.80
C ALA A 259 4.15 26.69 13.95
N GLY A 260 3.70 26.87 12.71
CA GLY A 260 3.35 25.74 11.87
C GLY A 260 1.93 25.24 12.00
N VAL A 261 1.01 26.10 12.42
CA VAL A 261 -0.39 25.70 12.48
C VAL A 261 -0.88 25.37 11.08
N ASP A 262 -1.69 24.31 10.98
CA ASP A 262 -2.11 23.82 9.67
C ASP A 262 -3.32 24.60 9.16
N VAL A 263 -4.22 24.97 10.07
CA VAL A 263 -5.44 25.68 9.74
C VAL A 263 -5.74 26.68 10.86
N LEU A 264 -6.07 27.92 10.48
CA LEU A 264 -6.37 28.99 11.44
C LEU A 264 -7.87 29.22 11.54
N LEU A 265 -8.38 29.28 12.77
CA LEU A 265 -9.79 29.47 13.06
C LEU A 265 -10.02 30.89 13.52
N ILE A 266 -10.74 31.67 12.72
CA ILE A 266 -11.14 33.03 13.08
C ILE A 266 -12.61 32.94 13.46
N ASP A 267 -12.89 32.93 14.77
CA ASP A 267 -14.24 32.64 15.26
C ASP A 267 -14.84 33.84 15.98
N SER A 268 -16.10 34.13 15.66
CA SER A 268 -16.89 35.10 16.40
C SER A 268 -18.32 34.61 16.47
N SER A 269 -19.07 35.22 17.37
CA SER A 269 -20.48 34.93 17.53
C SER A 269 -21.35 35.48 16.39
N HIS A 270 -20.83 36.36 15.51
CA HIS A 270 -21.57 36.91 14.35
C HIS A 270 -20.59 36.96 13.18
N GLY A 271 -20.43 35.84 12.49
CA GLY A 271 -19.53 35.80 11.38
C GLY A 271 -19.94 36.67 10.21
N HIS A 272 -21.18 37.10 10.15
CA HIS A 272 -21.62 37.98 9.07
C HIS A 272 -21.36 39.44 9.42
N SER A 273 -20.66 39.72 10.50
CA SER A 273 -20.33 41.07 10.89
C SER A 273 -19.29 41.65 9.93
N GLU A 274 -19.40 42.95 9.63
CA GLU A 274 -18.52 43.53 8.62
C GLU A 274 -17.06 43.59 9.09
N GLY A 275 -16.83 43.84 10.38
CA GLY A 275 -15.47 43.80 10.89
C GLY A 275 -14.89 42.40 10.93
N VAL A 276 -15.73 41.38 10.94
CA VAL A 276 -15.24 40.00 10.81
C VAL A 276 -14.82 39.73 9.37
N LEU A 277 -15.67 40.10 8.41
CA LEU A 277 -15.32 39.94 7.00
C LEU A 277 -14.04 40.68 6.66
N GLN A 278 -13.78 41.84 7.29
CA GLN A 278 -12.61 42.64 6.95
C GLN A 278 -11.34 42.03 7.52
N ARG A 279 -11.44 41.46 8.71
CA ARG A 279 -10.30 40.81 9.37
C ARG A 279 -9.83 39.58 8.59
N ILE A 280 -10.77 38.85 7.99
CA ILE A 280 -10.41 37.70 7.18
C ILE A 280 -9.77 38.13 5.88
N ARG A 281 -10.26 39.23 5.30
CA ARG A 281 -9.70 39.69 4.04
C ARG A 281 -8.25 40.07 4.19
N GLU A 282 -7.89 40.59 5.36
CA GLU A 282 -6.55 41.09 5.65
C GLU A 282 -5.57 39.95 5.92
N THR A 283 -6.05 38.87 6.54
CA THR A 283 -5.24 37.67 6.76
C THR A 283 -5.00 36.89 5.46
N ARG A 284 -6.02 36.80 4.61
CA ARG A 284 -5.85 36.14 3.32
C ARG A 284 -4.87 36.90 2.42
N ALA A 285 -4.84 38.24 2.49
CA ALA A 285 -3.86 38.95 1.68
C ALA A 285 -2.45 38.71 2.19
N LYS A 286 -2.30 38.52 3.48
CA LYS A 286 -0.95 38.41 4.02
C LYS A 286 -0.40 37.00 3.84
N TYR A 287 -1.24 35.99 4.01
CA TYR A 287 -0.90 34.59 3.89
C TYR A 287 -1.76 33.98 2.81
N PRO A 288 -1.38 34.14 1.53
CA PRO A 288 -2.27 33.67 0.47
C PRO A 288 -2.52 32.18 0.48
N ASP A 289 -1.65 31.40 1.14
CA ASP A 289 -1.70 29.94 1.16
C ASP A 289 -2.19 29.37 2.49
N LEU A 290 -2.39 30.21 3.49
CA LEU A 290 -2.85 29.70 4.78
C LEU A 290 -4.29 29.24 4.70
N GLN A 291 -4.57 28.06 5.27
CA GLN A 291 -5.93 27.53 5.32
C GLN A 291 -6.66 28.21 6.47
N ILE A 292 -7.80 28.82 6.16
CA ILE A 292 -8.53 29.66 7.11
C ILE A 292 -9.98 29.17 7.20
N ILE A 293 -10.46 29.03 8.44
CA ILE A 293 -11.86 28.76 8.76
C ILE A 293 -12.44 30.03 9.41
N GLY A 294 -13.63 30.44 8.97
CA GLY A 294 -14.35 31.53 9.60
C GLY A 294 -15.75 31.13 9.99
N GLY A 295 -16.24 31.72 11.08
CA GLY A 295 -17.58 31.50 11.57
C GLY A 295 -17.90 32.54 12.63
N ASN A 296 -19.14 32.48 13.14
CA ASN A 296 -20.16 31.53 12.65
C ASN A 296 -21.23 32.22 11.86
N VAL A 297 -21.76 31.51 10.86
CA VAL A 297 -22.89 32.00 10.11
C VAL A 297 -24.01 30.99 10.15
N ALA A 298 -25.18 31.36 9.61
CA ALA A 298 -26.33 30.47 9.61
C ALA A 298 -27.24 30.74 8.41
N THR A 299 -26.76 31.45 7.38
CA THR A 299 -27.55 31.81 6.21
C THR A 299 -26.70 31.56 4.96
N ALA A 300 -27.39 31.44 3.82
CA ALA A 300 -26.68 31.36 2.55
C ALA A 300 -25.86 32.63 2.31
N ALA A 301 -26.38 33.78 2.70
CA ALA A 301 -25.69 35.04 2.47
C ALA A 301 -24.48 35.17 3.39
N GLY A 302 -24.58 34.63 4.61
CA GLY A 302 -23.44 34.70 5.49
C GLY A 302 -22.30 33.83 5.01
N ALA A 303 -22.62 32.70 4.39
CA ALA A 303 -21.59 31.79 3.90
C ALA A 303 -20.92 32.31 2.64
N ARG A 304 -21.68 32.87 1.73
CA ARG A 304 -21.10 33.50 0.56
C ARG A 304 -20.17 34.64 0.96
N ALA A 305 -20.56 35.41 1.97
CA ALA A 305 -19.75 36.54 2.39
C ALA A 305 -18.42 36.07 2.98
N LEU A 306 -18.43 34.96 3.71
CA LEU A 306 -17.20 34.42 4.28
C LEU A 306 -16.32 33.79 3.23
N ALA A 307 -16.92 33.10 2.25
CA ALA A 307 -16.13 32.58 1.15
C ALA A 307 -15.55 33.70 0.33
N GLU A 308 -16.31 34.78 0.17
CA GLU A 308 -15.81 35.93 -0.57
C GLU A 308 -14.66 36.61 0.16
N ALA A 309 -14.67 36.59 1.49
CA ALA A 309 -13.57 37.20 2.25
C ALA A 309 -12.27 36.39 2.15
N GLY A 310 -12.35 35.10 1.82
CA GLY A 310 -11.15 34.31 1.64
C GLY A 310 -11.01 33.05 2.48
N CYS A 311 -12.13 32.53 2.94
CA CYS A 311 -12.13 31.34 3.79
C CYS A 311 -11.93 30.06 2.98
N SER A 312 -11.10 29.18 3.52
CA SER A 312 -10.91 27.87 2.95
C SER A 312 -12.04 26.93 3.34
N ALA A 313 -12.77 27.28 4.39
CA ALA A 313 -13.92 26.54 4.89
C ALA A 313 -14.78 27.49 5.74
N VAL A 314 -16.05 27.12 5.94
CA VAL A 314 -17.08 27.96 6.57
C VAL A 314 -17.75 27.18 7.70
N LYS A 315 -17.70 27.73 8.92
CA LYS A 315 -18.30 27.09 10.09
C LYS A 315 -19.69 27.68 10.35
N VAL A 316 -20.68 26.80 10.52
CA VAL A 316 -22.09 27.16 10.58
C VAL A 316 -22.61 26.84 11.98
N GLY A 317 -23.35 27.78 12.58
CA GLY A 317 -23.92 27.57 13.89
C GLY A 317 -24.16 28.84 14.68
N ILE A 318 -25.33 29.44 14.51
CA ILE A 318 -25.82 30.57 15.32
C ILE A 318 -27.11 30.10 16.00
N GLY A 319 -27.05 29.81 17.30
CA GLY A 319 -28.18 29.26 18.04
C GLY A 319 -28.82 28.02 17.41
N PRO A 320 -28.05 26.94 17.29
CA PRO A 320 -28.50 25.79 16.48
C PRO A 320 -29.49 24.82 17.14
N GLY A 321 -29.67 24.88 18.48
CA GLY A 321 -30.57 23.97 19.16
C GLY A 321 -31.22 24.62 20.36
N SER A 322 -32.21 23.92 20.92
CA SER A 322 -33.10 24.45 21.97
C SER A 322 -32.35 24.98 23.20
N CYS A 324 -29.86 26.66 23.76
CA CYS A 324 -28.83 27.66 23.68
CA CYS A 324 -28.89 27.72 23.53
C CYS A 324 -29.33 29.04 24.17
N THR A 325 -28.36 29.91 24.53
CA THR A 325 -28.62 31.17 25.21
C THR A 325 -28.60 32.38 24.28
N THR A 326 -27.89 32.31 23.15
CA THR A 326 -28.04 33.37 22.14
C THR A 326 -29.51 33.55 21.75
N ARG A 327 -30.26 32.44 21.70
CA ARG A 327 -31.67 32.50 21.34
C ARG A 327 -32.49 33.16 22.43
N ILE A 328 -32.19 32.85 23.69
CA ILE A 328 -33.00 33.33 24.80
C ILE A 328 -32.78 34.82 25.01
N VAL A 329 -31.52 35.25 24.90
CA VAL A 329 -31.08 36.59 25.26
C VAL A 329 -31.26 37.58 24.11
N THR A 330 -30.87 37.18 22.90
CA THR A 330 -30.89 38.03 21.72
C THR A 330 -32.12 37.83 20.85
N GLY A 331 -32.72 36.62 20.86
CA GLY A 331 -33.85 36.22 20.02
C GLY A 331 -33.46 35.56 18.72
N VAL A 332 -32.18 35.34 18.48
CA VAL A 332 -31.61 35.11 17.15
C VAL A 332 -31.11 33.67 17.06
N GLY A 333 -31.29 33.07 15.89
CA GLY A 333 -30.77 31.74 15.61
C GLY A 333 -31.49 31.10 14.46
N VAL A 334 -30.81 30.15 13.82
CA VAL A 334 -31.41 29.28 12.81
C VAL A 334 -31.22 27.82 13.19
N PRO A 335 -32.30 27.03 13.25
CA PRO A 335 -32.16 25.58 13.50
C PRO A 335 -31.14 24.97 12.56
N GLN A 336 -30.51 23.89 13.02
CA GLN A 336 -29.22 23.56 12.44
C GLN A 336 -29.34 22.78 11.14
N ILE A 337 -30.41 22.04 10.91
CA ILE A 337 -30.46 21.33 9.64
C ILE A 337 -30.61 22.33 8.49
N THR A 338 -31.43 23.35 8.69
CA THR A 338 -31.64 24.36 7.65
C THR A 338 -30.41 25.21 7.44
N ALA A 339 -29.76 25.64 8.52
CA ALA A 339 -28.55 26.45 8.42
C ALA A 339 -27.48 25.76 7.58
N VAL A 340 -27.26 24.46 7.81
CA VAL A 340 -26.20 23.73 7.11
C VAL A 340 -26.55 23.53 5.64
N ALA A 341 -27.81 23.22 5.35
CA ALA A 341 -28.20 22.99 3.97
C ALA A 341 -28.14 24.27 3.15
N ASP A 342 -28.56 25.40 3.75
CA ASP A 342 -28.53 26.69 3.05
C ASP A 342 -27.09 27.12 2.74
N ALA A 343 -26.19 26.98 3.71
CA ALA A 343 -24.78 27.29 3.49
C ALA A 343 -24.16 26.38 2.43
N VAL A 344 -24.39 25.06 2.54
CA VAL A 344 -23.90 24.09 1.55
C VAL A 344 -24.46 24.43 0.17
N GLU A 345 -25.73 24.82 0.10
CA GLU A 345 -26.29 25.18 -1.19
C GLU A 345 -25.71 26.49 -1.72
N ALA A 346 -25.37 27.44 -0.85
CA ALA A 346 -24.73 28.68 -1.27
C ALA A 346 -23.30 28.48 -1.78
N LEU A 347 -22.62 27.41 -1.37
CA LEU A 347 -21.21 27.20 -1.66
C LEU A 347 -20.97 26.12 -2.70
N GLU A 348 -22.00 25.70 -3.43
CA GLU A 348 -21.97 24.42 -4.13
C GLU A 348 -20.88 24.36 -5.21
N GLY A 349 -20.55 25.47 -5.83
CA GLY A 349 -19.54 25.35 -6.88
C GLY A 349 -18.08 25.42 -6.44
N THR A 350 -17.82 25.77 -5.18
CA THR A 350 -16.58 26.43 -4.79
C THR A 350 -15.51 25.49 -4.23
N GLY A 351 -15.86 24.25 -3.89
CA GLY A 351 -14.90 23.43 -3.19
C GLY A 351 -14.53 23.95 -1.83
N ILE A 352 -15.35 24.83 -1.28
CA ILE A 352 -15.20 25.34 0.07
C ILE A 352 -16.14 24.56 0.99
N PRO A 353 -15.64 23.74 1.91
CA PRO A 353 -16.50 22.88 2.73
C PRO A 353 -17.20 23.61 3.88
N VAL A 354 -18.27 22.98 4.41
CA VAL A 354 -19.07 23.50 5.53
C VAL A 354 -18.86 22.62 6.75
N ILE A 355 -18.67 23.26 7.91
CA ILE A 355 -18.55 22.58 9.21
C ILE A 355 -19.82 22.89 10.00
N ALA A 356 -20.42 21.86 10.56
CA ALA A 356 -21.60 22.03 11.40
C ALA A 356 -21.12 22.14 12.84
N ASP A 357 -21.36 23.28 13.48
CA ASP A 357 -20.84 23.53 14.82
C ASP A 357 -21.96 23.82 15.80
N GLY A 358 -22.12 22.95 16.78
CA GLY A 358 -23.06 23.20 17.84
C GLY A 358 -24.33 22.39 17.71
N GLY A 359 -24.85 21.91 18.85
CA GLY A 359 -26.07 21.14 18.91
C GLY A 359 -25.95 19.64 18.70
N ILE A 360 -24.73 19.08 18.73
CA ILE A 360 -24.48 17.69 18.37
C ILE A 360 -24.49 16.87 19.65
N ARG A 361 -25.63 16.20 19.92
CA ARG A 361 -25.82 15.36 21.12
C ARG A 361 -25.32 13.92 20.92
N PHE A 362 -25.96 13.17 20.03
CA PHE A 362 -25.66 11.78 19.78
C PHE A 362 -25.00 11.61 18.42
N SER A 363 -24.52 10.39 18.14
CA SER A 363 -23.96 10.10 16.83
C SER A 363 -24.99 10.17 15.72
N GLY A 364 -26.28 10.14 16.04
CA GLY A 364 -27.29 10.33 15.02
C GLY A 364 -27.29 11.74 14.47
N ASP A 365 -26.92 12.71 15.31
CA ASP A 365 -26.87 14.11 14.88
C ASP A 365 -25.68 14.39 13.98
N ILE A 366 -24.57 13.68 14.20
CA ILE A 366 -23.43 13.73 13.30
C ILE A 366 -23.84 13.27 11.91
N ALA A 367 -24.51 12.13 11.84
CA ALA A 367 -24.95 11.61 10.55
C ALA A 367 -25.89 12.57 9.85
N LYS A 368 -26.77 13.24 10.61
CA LYS A 368 -27.74 14.17 10.03
C LYS A 368 -27.08 15.47 9.58
N ALA A 369 -26.11 15.97 10.35
CA ALA A 369 -25.40 17.17 9.94
C ALA A 369 -24.69 16.95 8.60
N ILE A 370 -24.12 15.76 8.39
CA ILE A 370 -23.37 15.46 7.18
C ILE A 370 -24.33 15.25 6.00
N ALA A 371 -25.41 14.49 6.20
CA ALA A 371 -26.39 14.31 5.14
C ALA A 371 -26.99 15.63 4.70
N ALA A 372 -27.06 16.61 5.60
CA ALA A 372 -27.50 17.95 5.23
C ALA A 372 -26.47 18.71 4.41
N GLY A 373 -25.24 18.19 4.33
CA GLY A 373 -24.25 18.71 3.40
C GLY A 373 -22.95 19.07 4.06
N ALA A 374 -22.87 18.91 5.37
CA ALA A 374 -21.65 19.26 6.07
C ALA A 374 -20.57 18.23 5.81
N SER A 375 -19.32 18.69 5.73
CA SER A 375 -18.19 17.83 5.46
C SER A 375 -17.51 17.36 6.73
N ALA A 376 -17.64 18.11 7.82
CA ALA A 376 -17.18 17.68 9.12
C ALA A 376 -18.11 18.29 10.15
N VAL A 377 -17.94 17.87 11.41
CA VAL A 377 -18.66 18.44 12.54
C VAL A 377 -17.64 18.81 13.62
N MET A 378 -17.93 19.90 14.34
CA MET A 378 -17.11 20.34 15.45
C MET A 378 -17.87 20.03 16.74
N VAL A 379 -17.18 19.51 17.76
CA VAL A 379 -17.81 19.13 19.01
C VAL A 379 -16.99 19.70 20.16
N GLY A 380 -17.66 19.95 21.28
CA GLY A 380 -17.00 20.56 22.42
C GLY A 380 -17.24 19.90 23.76
N SER A 381 -18.44 20.06 24.30
CA SER A 381 -18.75 19.52 25.61
C SER A 381 -18.68 18.00 25.62
N MET A 382 -18.89 17.37 24.47
CA MET A 382 -18.73 15.92 24.37
C MET A 382 -17.33 15.46 24.80
N LEU A 383 -16.31 16.31 24.61
CA LEU A 383 -14.91 15.95 24.90
C LEU A 383 -14.34 16.55 26.17
N ALA A 384 -15.01 17.49 26.80
CA ALA A 384 -14.52 17.96 28.10
C ALA A 384 -14.70 16.84 29.10
N GLY A 385 -13.72 16.68 29.99
CA GLY A 385 -13.76 15.59 30.95
C GLY A 385 -13.10 14.31 30.51
N THR A 386 -12.67 14.20 29.25
CA THR A 386 -11.86 13.07 28.85
C THR A 386 -10.49 13.20 29.48
N GLU A 387 -9.74 12.11 29.45
CA GLU A 387 -8.41 12.08 30.04
C GLU A 387 -7.54 13.20 29.48
N GLU A 388 -7.65 13.46 28.18
CA GLU A 388 -6.71 14.34 27.49
C GLU A 388 -7.12 15.81 27.52
N SER A 389 -8.36 16.14 27.81
CA SER A 389 -8.79 17.53 27.84
C SER A 389 -8.15 18.23 29.03
N PRO A 390 -8.21 19.56 29.08
CA PRO A 390 -7.64 20.26 30.22
C PRO A 390 -8.33 19.84 31.52
N GLY A 391 -7.57 19.94 32.60
CA GLY A 391 -8.14 19.75 33.92
C GLY A 391 -7.53 18.56 34.64
N GLU A 392 -7.65 18.59 35.95
CA GLU A 392 -7.10 17.54 36.80
C GLU A 392 -8.17 16.56 37.20
N ILE A 393 -7.80 15.27 37.21
CA ILE A 393 -8.74 14.24 37.64
C ILE A 393 -8.94 14.35 39.13
N GLU A 394 -10.19 14.33 39.55
CA GLU A 394 -10.51 14.54 40.94
C GLU A 394 -11.54 13.53 41.39
N LEU A 395 -11.34 13.01 42.58
CA LEU A 395 -12.28 12.11 43.20
C LEU A 395 -13.16 12.93 44.14
N TYR A 396 -14.47 12.84 43.96
CA TYR A 396 -15.40 13.61 44.77
C TYR A 396 -16.74 12.90 44.83
N GLN A 397 -17.14 12.56 46.06
CA GLN A 397 -18.30 11.70 46.37
C GLN A 397 -18.20 10.39 45.63
N GLY A 398 -17.06 9.70 45.77
CA GLY A 398 -16.77 8.43 45.12
C GLY A 398 -16.99 8.36 43.62
N ARG A 399 -16.85 9.49 42.92
CA ARG A 399 -17.14 9.57 41.50
C ARG A 399 -16.08 10.48 40.87
N SER A 400 -15.68 10.21 39.62
CA SER A 400 -14.48 10.83 39.05
C SER A 400 -14.79 12.06 38.21
N TYR A 401 -13.98 13.09 38.40
CA TYR A 401 -14.18 14.37 37.76
C TYR A 401 -12.87 14.88 37.21
N LYS A 402 -13.01 15.78 36.25
CA LYS A 402 -11.93 16.66 35.84
C LYS A 402 -12.25 18.00 36.46
N SER A 403 -11.32 18.52 37.26
CA SER A 403 -11.56 19.79 37.91
C SER A 403 -10.44 20.76 37.55
N TYR A 404 -10.74 22.04 37.69
CA TYR A 404 -9.86 23.10 37.19
C TYR A 404 -9.42 24.06 38.30
N GLY A 438 -17.90 22.94 40.22
CA GLY A 438 -17.15 23.36 39.04
C GLY A 438 -16.32 22.25 38.40
N ARG A 439 -16.97 21.11 38.17
CA ARG A 439 -16.29 19.92 37.72
C ARG A 439 -17.17 19.20 36.71
N VAL A 440 -16.51 18.43 35.84
CA VAL A 440 -17.18 17.70 34.78
C VAL A 440 -16.89 16.22 34.99
N ALA A 441 -17.88 15.38 34.69
CA ALA A 441 -17.69 13.95 34.75
C ALA A 441 -16.44 13.53 33.98
N TYR A 442 -15.70 12.61 34.56
CA TYR A 442 -14.57 12.00 33.89
C TYR A 442 -15.08 10.97 32.88
N LYS A 443 -14.62 11.08 31.64
CA LYS A 443 -15.16 10.26 30.55
C LYS A 443 -14.15 9.29 29.97
N GLY A 444 -13.02 9.08 30.63
CA GLY A 444 -12.00 8.20 30.14
C GLY A 444 -11.27 8.77 28.94
N ARG A 445 -10.71 7.85 28.16
CA ARG A 445 -9.86 8.22 27.06
C ARG A 445 -10.68 8.73 25.88
N LEU A 446 -10.14 9.72 25.18
CA LEU A 446 -10.79 10.24 23.99
C LEU A 446 -10.96 9.16 22.93
N LYS A 447 -10.02 8.21 22.84
CA LYS A 447 -10.12 7.14 21.84
C LYS A 447 -11.46 6.41 21.91
N GLU A 448 -11.97 6.18 23.11
CA GLU A 448 -13.17 5.34 23.25
C GLU A 448 -14.41 6.09 22.80
N ILE A 449 -14.44 7.40 23.01
CA ILE A 449 -15.59 8.21 22.61
C ILE A 449 -15.65 8.34 21.09
N ILE A 450 -14.51 8.58 20.45
CA ILE A 450 -14.47 8.61 18.99
C ILE A 450 -14.98 7.29 18.43
N HIS A 451 -14.58 6.18 19.08
CA HIS A 451 -15.00 4.87 18.62
C HIS A 451 -16.52 4.74 18.67
N GLN A 452 -17.12 5.19 19.77
CA GLN A 452 -18.56 5.09 19.95
C GLN A 452 -19.31 5.96 18.94
N GLN A 453 -18.78 7.16 18.66
CA GLN A 453 -19.48 8.11 17.80
C GLN A 453 -19.33 7.74 16.32
N MET A 454 -18.18 7.20 15.92
CA MET A 454 -18.04 6.79 14.53
C MET A 454 -18.61 5.42 14.28
N GLY A 455 -18.74 4.60 15.32
CA GLY A 455 -19.57 3.42 15.18
C GLY A 455 -20.97 3.75 14.72
N GLY A 456 -21.60 4.72 15.39
CA GLY A 456 -22.97 5.08 15.03
C GLY A 456 -23.06 5.72 13.66
N LEU A 457 -22.05 6.49 13.28
CA LEU A 457 -22.04 7.05 11.94
C LEU A 457 -21.88 5.95 10.90
N ARG A 458 -21.00 4.98 11.16
CA ARG A 458 -20.81 3.86 10.27
C ARG A 458 -22.08 3.06 10.07
N SER A 459 -22.82 2.80 11.16
CA SER A 459 -24.12 2.15 11.06
C SER A 459 -25.10 2.96 10.22
N CYS A 460 -25.12 4.27 10.41
CA CYS A 460 -25.97 5.10 9.58
C CYS A 460 -25.61 4.96 8.10
N MET A 461 -24.33 4.92 7.78
CA MET A 461 -23.97 4.76 6.37
C MET A 461 -24.29 3.36 5.86
N GLY A 462 -24.15 2.34 6.70
CA GLY A 462 -24.63 1.02 6.31
C GLY A 462 -26.10 1.03 5.99
N LEU A 463 -26.88 1.76 6.79
CA LEU A 463 -28.34 1.80 6.63
C LEU A 463 -28.80 2.61 5.42
N THR A 464 -28.09 3.69 5.09
CA THR A 464 -28.45 4.54 3.95
C THR A 464 -27.75 4.14 2.67
N GLY A 465 -26.87 3.14 2.71
CA GLY A 465 -26.14 2.68 1.53
C GLY A 465 -25.13 3.67 1.02
N CYS A 466 -24.59 4.51 1.89
CA CYS A 466 -23.63 5.55 1.52
C CYS A 466 -22.26 5.10 2.01
N GLY A 467 -21.36 4.79 1.09
CA GLY A 467 -20.10 4.21 1.51
C GLY A 467 -19.02 5.19 1.82
N THR A 468 -19.23 6.46 1.51
CA THR A 468 -18.29 7.53 1.77
C THR A 468 -19.05 8.73 2.29
N ILE A 469 -18.30 9.62 2.97
CA ILE A 469 -18.88 10.85 3.50
C ILE A 469 -19.51 11.67 2.39
N ASP A 470 -18.88 11.67 1.21
CA ASP A 470 -19.37 12.50 0.12
C ASP A 470 -20.66 11.96 -0.43
N GLU A 471 -20.84 10.64 -0.40
CA GLU A 471 -22.10 10.05 -0.81
C GLU A 471 -23.19 10.34 0.22
N LEU A 472 -22.86 10.26 1.50
CA LEU A 472 -23.83 10.60 2.53
C LEU A 472 -24.32 12.03 2.37
N ARG A 473 -23.39 12.94 2.08
CA ARG A 473 -23.69 14.36 1.90
C ARG A 473 -24.59 14.64 0.72
N THR A 474 -24.61 13.78 -0.28
CA THR A 474 -25.31 14.06 -1.51
C THR A 474 -26.43 13.09 -1.81
N LYS A 475 -26.35 11.84 -1.32
CA LYS A 475 -27.28 10.79 -1.69
C LYS A 475 -28.34 10.48 -0.63
N ALA A 476 -28.00 10.57 0.65
CA ALA A 476 -28.94 10.21 1.71
C ALA A 476 -30.11 11.19 1.80
N GLU A 477 -31.29 10.66 2.09
CA GLU A 477 -32.54 11.42 2.13
C GLU A 477 -33.16 11.49 3.51
N PHE A 478 -34.06 12.46 3.68
CA PHE A 478 -34.75 12.71 4.93
C PHE A 478 -36.26 12.54 4.78
N VAL A 479 -36.89 12.11 5.87
CA VAL A 479 -38.31 12.30 6.07
C VAL A 479 -38.47 13.32 7.18
N ARG A 480 -39.57 14.02 7.12
CA ARG A 480 -39.93 15.00 8.11
C ARG A 480 -40.90 14.33 9.08
N ILE A 481 -40.67 14.49 10.38
CA ILE A 481 -41.50 13.87 11.42
C ILE A 481 -42.08 14.96 12.30
N SER A 482 -43.00 14.56 13.19
CA SER A 482 -43.68 15.50 14.09
C SER A 482 -43.24 15.27 15.55
N GLY A 483 -43.75 16.14 16.43
CA GLY A 483 -43.44 16.08 17.86
C GLY A 483 -43.84 14.80 18.57
N ALA A 484 -45.13 14.44 18.49
CA ALA A 484 -45.65 13.19 19.04
C ALA A 484 -45.09 11.97 18.30
N ARG B 17 58.43 8.58 5.86
CA ARG B 17 57.49 7.89 4.96
C ARG B 17 56.16 8.62 4.84
N GLY B 18 55.70 8.82 3.61
CA GLY B 18 54.48 9.57 3.38
C GLY B 18 53.26 8.71 3.30
N SER B 19 52.10 9.32 3.58
CA SER B 19 50.86 8.56 3.54
C SER B 19 50.26 8.45 2.15
N HIS B 20 50.65 9.29 1.18
CA HIS B 20 50.04 9.23 -0.13
C HIS B 20 50.28 7.89 -0.79
N MET B 21 49.28 7.41 -1.52
CA MET B 21 49.42 6.18 -2.28
C MET B 21 48.40 6.19 -3.39
N LEU B 22 48.51 5.20 -4.28
CA LEU B 22 47.47 4.94 -5.26
C LEU B 22 46.35 4.19 -4.55
N ARG B 23 45.20 4.85 -4.37
CA ARG B 23 44.14 4.36 -3.47
C ARG B 23 43.22 3.39 -4.20
N ILE B 24 43.71 2.17 -4.40
CA ILE B 24 42.97 1.10 -5.07
C ILE B 24 42.16 0.33 -4.03
N ALA B 25 40.84 0.50 -4.07
CA ALA B 25 40.00 -0.07 -3.02
C ALA B 25 39.96 -1.58 -3.11
N LYS B 26 39.79 -2.10 -4.32
CA LYS B 26 39.79 -3.54 -4.56
C LYS B 26 39.89 -3.77 -6.05
N GLU B 27 39.61 -4.99 -6.44
CA GLU B 27 39.46 -5.41 -7.82
C GLU B 27 37.98 -5.67 -8.12
N ALA B 28 37.54 -5.28 -9.31
CA ALA B 28 36.14 -5.40 -9.65
C ALA B 28 35.99 -6.20 -10.93
N LEU B 29 34.97 -7.05 -10.96
CA LEU B 29 34.72 -7.98 -12.07
C LEU B 29 33.47 -7.57 -12.83
N THR B 30 33.47 -7.78 -14.15
CA THR B 30 32.32 -7.60 -15.00
C THR B 30 31.81 -8.97 -15.45
N PHE B 31 30.89 -9.00 -16.40
CA PHE B 31 30.20 -10.23 -16.75
C PHE B 31 31.15 -11.23 -17.42
N ASP B 32 32.06 -10.74 -18.26
CA ASP B 32 32.93 -11.58 -19.06
C ASP B 32 34.08 -12.20 -18.27
N ASP B 33 34.32 -11.74 -17.04
CA ASP B 33 35.39 -12.26 -16.20
C ASP B 33 35.04 -13.56 -15.50
N VAL B 34 33.77 -14.00 -15.59
CA VAL B 34 33.29 -15.14 -14.81
C VAL B 34 32.36 -16.00 -15.66
N LEU B 35 32.31 -17.30 -15.31
CA LEU B 35 31.32 -18.26 -15.81
C LEU B 35 30.67 -18.93 -14.62
N LEU B 36 29.44 -19.42 -14.83
CA LEU B 36 28.73 -20.21 -13.82
C LEU B 36 29.06 -21.69 -13.93
N VAL B 37 29.09 -22.34 -12.79
CA VAL B 37 29.56 -23.72 -12.67
C VAL B 37 28.35 -24.66 -12.74
N PRO B 38 28.35 -25.66 -13.61
CA PRO B 38 27.23 -26.61 -13.63
C PRO B 38 27.28 -27.52 -12.41
N ALA B 39 26.11 -27.82 -11.85
CA ALA B 39 26.03 -28.58 -10.62
C ALA B 39 24.97 -29.66 -10.77
N HIS B 40 24.90 -30.53 -9.76
CA HIS B 40 23.88 -31.56 -9.76
C HIS B 40 22.52 -30.92 -9.83
N SER B 41 21.65 -31.44 -10.68
CA SER B 41 20.41 -30.76 -10.97
C SER B 41 19.29 -31.75 -11.01
N THR B 42 18.19 -31.43 -10.33
CA THR B 42 16.89 -32.07 -10.57
C THR B 42 15.91 -31.08 -11.22
N VAL B 43 16.43 -29.99 -11.80
CA VAL B 43 15.65 -28.89 -12.33
C VAL B 43 15.56 -29.05 -13.84
N LEU B 44 14.36 -29.03 -14.39
CA LEU B 44 14.31 -28.95 -15.84
C LEU B 44 14.02 -27.52 -16.28
N PRO B 45 14.63 -27.05 -17.36
CA PRO B 45 14.43 -25.66 -17.76
C PRO B 45 12.97 -25.20 -17.74
N ASN B 46 12.07 -26.02 -18.26
CA ASN B 46 10.67 -25.59 -18.39
C ASN B 46 9.93 -25.57 -17.06
N THR B 47 10.41 -26.29 -16.04
CA THR B 47 9.78 -26.31 -14.72
C THR B 47 10.37 -25.28 -13.75
N ALA B 48 11.38 -24.52 -14.15
CA ALA B 48 11.99 -23.55 -13.28
C ALA B 48 11.03 -22.40 -12.97
N ASP B 49 11.16 -21.86 -11.77
CA ASP B 49 10.27 -20.83 -11.27
C ASP B 49 10.98 -19.49 -11.39
N LEU B 50 10.48 -18.61 -12.24
CA LEU B 50 11.12 -17.34 -12.49
C LEU B 50 10.54 -16.20 -11.67
N SER B 51 9.58 -16.47 -10.79
CA SER B 51 9.01 -15.35 -10.06
C SER B 51 10.03 -14.84 -9.06
N THR B 52 9.93 -13.55 -8.76
CA THR B 52 10.91 -12.90 -7.91
C THR B 52 10.25 -11.67 -7.28
N GLN B 53 10.67 -11.33 -6.06
CA GLN B 53 10.20 -10.10 -5.43
C GLN B 53 10.88 -8.89 -6.05
N LEU B 54 10.08 -7.90 -6.44
CA LEU B 54 10.58 -6.58 -6.82
C LEU B 54 10.74 -5.67 -5.61
N THR B 55 9.75 -5.59 -4.74
CA THR B 55 9.89 -4.97 -3.44
C THR B 55 9.35 -5.97 -2.45
N LYS B 56 9.25 -5.62 -1.17
CA LYS B 56 8.64 -6.55 -0.24
C LYS B 56 7.22 -6.89 -0.64
N THR B 57 6.55 -6.00 -1.37
CA THR B 57 5.14 -6.18 -1.58
C THR B 57 4.75 -6.45 -3.03
N ILE B 58 5.69 -6.45 -3.98
CA ILE B 58 5.38 -6.64 -5.39
C ILE B 58 6.17 -7.84 -5.90
N ARG B 59 5.47 -8.84 -6.41
CA ARG B 59 6.13 -10.03 -6.94
C ARG B 59 6.00 -10.04 -8.45
N LEU B 60 7.13 -10.17 -9.15
CA LEU B 60 7.15 -10.32 -10.58
C LEU B 60 7.07 -11.79 -10.94
N ASN B 61 6.51 -12.07 -12.10
CA ASN B 61 6.47 -13.46 -12.53
C ASN B 61 7.65 -13.80 -13.40
N ILE B 62 8.33 -12.78 -13.93
CA ILE B 62 9.65 -12.93 -14.53
C ILE B 62 10.51 -11.78 -14.06
N PRO B 63 11.79 -12.01 -13.91
CA PRO B 63 12.67 -10.99 -13.30
C PRO B 63 13.12 -9.89 -14.26
N MET B 64 12.16 -9.23 -14.92
CA MET B 64 12.53 -8.25 -15.92
C MET B 64 11.69 -6.99 -15.84
N LEU B 65 12.38 -5.85 -15.90
CA LEU B 65 11.84 -4.51 -15.98
C LEU B 65 12.36 -3.85 -17.26
N SER B 66 11.54 -3.01 -17.87
CA SER B 66 11.99 -2.27 -19.04
C SER B 66 12.35 -0.85 -18.65
N ALA B 67 13.38 -0.31 -19.29
CA ALA B 67 13.95 0.98 -18.92
C ALA B 67 13.00 2.13 -19.26
N ALA B 68 13.10 3.20 -18.47
CA ALA B 68 12.31 4.40 -18.70
C ALA B 68 12.95 5.27 -19.78
N MET B 69 12.98 4.73 -20.99
CA MET B 69 13.51 5.44 -22.13
C MET B 69 12.40 5.67 -23.14
N ASP B 70 12.46 6.81 -23.81
CA ASP B 70 11.41 7.19 -24.75
C ASP B 70 11.43 6.36 -26.03
N THR B 71 12.47 5.55 -26.25
CA THR B 71 12.46 4.56 -27.30
C THR B 71 12.05 3.18 -26.82
N VAL B 72 11.79 3.01 -25.52
CA VAL B 72 11.46 1.71 -24.98
C VAL B 72 10.05 1.70 -24.39
N THR B 73 9.81 2.44 -23.31
CA THR B 73 8.60 2.22 -22.52
C THR B 73 7.65 3.40 -22.61
N GLU B 74 6.51 3.17 -23.24
CA GLU B 74 5.29 3.91 -22.95
C GLU B 74 4.17 2.89 -22.71
N ALA B 75 2.92 3.33 -22.68
CA ALA B 75 1.85 2.48 -22.17
C ALA B 75 1.72 1.17 -22.95
N ARG B 76 2.02 1.20 -24.24
CA ARG B 76 1.80 0.00 -25.05
C ARG B 76 2.78 -1.11 -24.69
N LEU B 77 4.07 -0.79 -24.60
CA LEU B 77 5.05 -1.79 -24.21
C LEU B 77 4.90 -2.19 -22.75
N ALA B 78 4.61 -1.22 -21.89
CA ALA B 78 4.41 -1.52 -20.48
C ALA B 78 3.28 -2.51 -20.28
N ILE B 79 2.24 -2.45 -21.12
CA ILE B 79 1.16 -3.44 -21.05
C ILE B 79 1.69 -4.80 -21.50
N ALA B 80 2.36 -4.86 -22.66
CA ALA B 80 2.81 -6.15 -23.20
C ALA B 80 3.74 -6.85 -22.22
N LEU B 81 4.56 -6.08 -21.50
CA LEU B 81 5.52 -6.67 -20.58
C LEU B 81 4.83 -7.19 -19.32
N ALA B 82 3.91 -6.42 -18.73
CA ALA B 82 3.23 -6.90 -17.53
C ALA B 82 2.42 -8.15 -17.82
N GLN B 83 2.02 -8.35 -19.08
CA GLN B 83 1.29 -9.55 -19.46
C GLN B 83 2.19 -10.77 -19.46
N GLU B 84 3.49 -10.58 -19.71
CA GLU B 84 4.49 -11.64 -19.62
C GLU B 84 5.03 -11.83 -18.21
N GLY B 85 4.65 -11.00 -17.24
CA GLY B 85 5.02 -11.20 -15.86
C GLY B 85 6.00 -10.18 -15.31
N GLY B 86 6.40 -9.19 -16.09
CA GLY B 86 7.29 -8.13 -15.66
C GLY B 86 6.56 -6.82 -15.41
N ILE B 87 7.33 -5.73 -15.40
CA ILE B 87 6.80 -4.39 -15.14
C ILE B 87 7.57 -3.41 -15.99
N GLY B 88 6.85 -2.51 -16.67
CA GLY B 88 7.50 -1.46 -17.43
C GLY B 88 7.49 -0.12 -16.69
N PHE B 89 8.38 0.78 -17.11
CA PHE B 89 8.52 2.10 -16.50
C PHE B 89 8.35 3.19 -17.56
N ILE B 90 7.21 3.89 -17.53
CA ILE B 90 6.92 4.95 -18.50
C ILE B 90 7.96 6.03 -18.36
N HIS B 91 8.62 6.39 -19.46
CA HIS B 91 9.66 7.40 -19.44
C HIS B 91 9.06 8.77 -19.13
N LYS B 92 9.91 9.68 -18.67
CA LYS B 92 9.45 11.00 -18.21
C LYS B 92 9.59 12.08 -19.28
N ASN B 93 10.06 11.76 -20.47
CA ASN B 93 10.23 12.73 -21.53
C ASN B 93 8.89 13.03 -22.21
N MET B 94 7.94 13.47 -21.40
CA MET B 94 6.59 13.79 -21.84
C MET B 94 5.94 14.64 -20.74
N SER B 95 4.82 15.25 -21.09
CA SER B 95 4.09 16.09 -20.14
C SER B 95 3.56 15.28 -18.98
N ILE B 96 3.31 15.97 -17.85
CA ILE B 96 2.79 15.29 -16.66
C ILE B 96 1.45 14.64 -16.96
N GLU B 97 0.52 15.42 -17.51
CA GLU B 97 -0.80 14.88 -17.83
C GLU B 97 -0.71 13.72 -18.82
N ARG B 98 0.30 13.73 -19.71
CA ARG B 98 0.43 12.65 -20.66
C ARG B 98 1.04 11.41 -20.03
N GLN B 99 1.96 11.58 -19.09
CA GLN B 99 2.58 10.46 -18.40
C GLN B 99 1.64 9.81 -17.42
N ALA B 100 0.85 10.62 -16.72
CA ALA B 100 -0.24 10.10 -15.90
C ALA B 100 -1.29 9.41 -16.76
N GLU B 101 -1.42 9.84 -18.01
CA GLU B 101 -2.36 9.19 -18.93
C GLU B 101 -1.85 7.83 -19.33
N GLU B 102 -0.55 7.70 -19.60
CA GLU B 102 0.04 6.40 -19.93
C GLU B 102 -0.10 5.41 -18.77
N VAL B 103 0.09 5.86 -17.54
CA VAL B 103 -0.09 5.01 -16.36
C VAL B 103 -1.54 4.55 -16.25
N ARG B 104 -2.48 5.46 -16.48
CA ARG B 104 -3.90 5.10 -16.43
C ARG B 104 -4.24 4.05 -17.48
N ARG B 105 -3.70 4.20 -18.71
CA ARG B 105 -3.96 3.23 -19.77
C ARG B 105 -3.49 1.83 -19.38
N VAL B 106 -2.36 1.71 -18.67
CA VAL B 106 -1.87 0.39 -18.31
C VAL B 106 -2.72 -0.19 -17.19
N LYS B 107 -3.12 0.65 -16.24
CA LYS B 107 -3.88 0.16 -15.10
C LYS B 107 -5.28 -0.32 -15.51
N LYS B 108 -5.91 0.35 -16.50
CA LYS B 108 -7.28 0.05 -16.94
C LYS B 108 -7.37 -0.94 -18.09
N HIS B 109 -6.25 -1.44 -18.59
CA HIS B 109 -6.29 -2.28 -19.78
C HIS B 109 -6.93 -3.62 -19.46
N GLU B 110 -8.01 -3.94 -20.17
CA GLU B 110 -8.54 -5.30 -20.32
C GLU B 110 -8.76 -5.51 -21.80
N SER B 111 -8.07 -6.49 -22.40
CA SER B 111 -8.04 -6.59 -23.85
C SER B 111 -9.39 -6.98 -24.42
N ALA B 112 -10.17 -7.77 -23.69
CA ALA B 112 -11.47 -8.24 -24.17
C ALA B 112 -12.53 -7.15 -24.19
N ILE B 113 -12.32 -6.03 -23.50
CA ILE B 113 -13.34 -5.00 -23.38
C ILE B 113 -13.24 -4.04 -24.57
N VAL B 114 -14.34 -3.87 -25.28
CA VAL B 114 -14.43 -2.83 -26.30
C VAL B 114 -14.61 -1.51 -25.58
N ARG B 115 -13.69 -0.58 -25.79
CA ARG B 115 -13.59 0.57 -24.91
C ARG B 115 -14.30 1.80 -25.43
N ASP B 116 -14.41 1.99 -26.73
CA ASP B 116 -15.12 3.14 -27.29
C ASP B 116 -16.13 2.65 -28.33
N PRO B 117 -17.34 2.28 -27.91
CA PRO B 117 -18.41 1.92 -28.85
C PRO B 117 -19.21 3.13 -29.31
N VAL B 118 -20.00 2.93 -30.36
CA VAL B 118 -20.84 4.01 -30.90
C VAL B 118 -22.09 4.09 -30.04
N THR B 119 -22.39 5.28 -29.52
CA THR B 119 -23.51 5.48 -28.60
C THR B 119 -24.52 6.46 -29.17
N VAL B 120 -25.75 6.47 -28.62
CA VAL B 120 -26.78 7.45 -28.96
C VAL B 120 -27.27 8.13 -27.68
N THR B 121 -28.04 9.21 -27.87
CA THR B 121 -28.71 9.95 -26.80
C THR B 121 -30.21 9.72 -26.90
N PRO B 122 -30.96 9.94 -25.81
CA PRO B 122 -32.43 9.84 -25.92
C PRO B 122 -33.02 10.84 -26.88
N SER B 123 -32.36 11.97 -27.12
CA SER B 123 -32.81 12.99 -28.06
C SER B 123 -32.59 12.59 -29.53
N THR B 124 -31.78 11.58 -29.81
CA THR B 124 -31.47 11.19 -31.18
C THR B 124 -32.72 10.71 -31.89
N LYS B 125 -32.88 11.14 -33.13
CA LYS B 125 -34.02 10.68 -33.90
C LYS B 125 -33.83 9.24 -34.31
N ILE B 126 -34.93 8.49 -34.32
CA ILE B 126 -34.88 7.09 -34.74
C ILE B 126 -34.32 6.98 -36.16
N ILE B 127 -34.61 7.96 -37.01
CA ILE B 127 -34.10 7.93 -38.37
C ILE B 127 -32.58 7.95 -38.35
N GLU B 128 -32.00 8.85 -37.56
CA GLU B 128 -30.55 8.93 -37.46
C GLU B 128 -29.98 7.60 -36.98
N LEU B 129 -30.62 6.98 -35.98
CA LEU B 129 -30.18 5.68 -35.50
C LEU B 129 -30.08 4.65 -36.63
N LEU B 130 -31.15 4.52 -37.42
CA LEU B 130 -31.20 3.54 -38.51
C LEU B 130 -30.20 3.87 -39.61
N GLN B 131 -29.91 5.15 -39.80
CA GLN B 131 -28.86 5.51 -40.72
C GLN B 131 -27.52 5.05 -40.20
N MET B 132 -27.38 4.98 -38.88
CA MET B 132 -26.12 4.55 -38.27
C MET B 132 -26.00 3.03 -38.28
N ALA B 133 -27.13 2.33 -38.16
CA ALA B 133 -27.14 0.87 -38.21
C ALA B 133 -26.87 0.34 -39.62
N ARG B 134 -27.05 1.15 -40.65
CA ARG B 134 -26.68 0.73 -42.00
C ARG B 134 -25.17 0.54 -42.15
N GLU B 135 -24.38 1.23 -41.31
CA GLU B 135 -22.92 1.11 -41.34
C GLU B 135 -22.39 0.79 -39.95
N TYR B 136 -23.19 0.11 -39.12
CA TYR B 136 -22.72 -0.33 -37.80
C TYR B 136 -23.49 -1.55 -37.34
N GLY B 137 -24.49 -1.95 -38.11
CA GLY B 137 -25.32 -3.08 -37.73
C GLY B 137 -26.20 -2.80 -36.53
N PHE B 138 -26.94 -3.85 -36.13
CA PHE B 138 -27.92 -3.78 -35.06
C PHE B 138 -27.49 -4.57 -33.83
N SER B 139 -26.20 -4.58 -33.49
CA SER B 139 -25.76 -5.40 -32.35
C SER B 139 -26.19 -4.81 -31.02
N GLY B 140 -26.54 -3.54 -30.99
CA GLY B 140 -26.94 -2.91 -29.74
C GLY B 140 -26.31 -1.53 -29.66
N PHE B 141 -27.13 -0.48 -29.60
CA PHE B 141 -26.64 0.85 -29.43
C PHE B 141 -26.79 1.27 -27.98
N PRO B 142 -25.72 1.58 -27.25
CA PRO B 142 -25.90 2.17 -25.89
C PRO B 142 -26.43 3.59 -25.97
N VAL B 143 -27.33 3.92 -25.06
CA VAL B 143 -27.93 5.24 -24.91
C VAL B 143 -27.36 5.91 -23.67
N VAL B 144 -26.51 6.92 -23.87
CA VAL B 144 -25.92 7.67 -22.76
C VAL B 144 -26.41 9.11 -22.80
N GLU B 145 -26.57 9.68 -21.61
CA GLU B 145 -27.13 11.01 -21.40
C GLU B 145 -26.07 11.80 -20.64
N GLN B 146 -25.24 12.51 -21.41
CA GLN B 146 -24.11 13.31 -20.92
C GLN B 146 -23.04 12.45 -20.26
N GLY B 147 -22.90 11.20 -20.68
CA GLY B 147 -21.96 10.25 -20.11
C GLY B 147 -22.69 9.20 -19.30
N GLU B 148 -23.79 9.58 -18.65
CA GLU B 148 -24.56 8.68 -17.79
C GLU B 148 -25.33 7.67 -18.65
N LEU B 149 -25.09 6.39 -18.43
CA LEU B 149 -25.84 5.36 -19.12
C LEU B 149 -27.27 5.29 -18.60
N VAL B 150 -28.25 5.43 -19.51
CA VAL B 150 -29.67 5.42 -19.13
C VAL B 150 -30.48 4.30 -19.79
N GLY B 151 -29.98 3.66 -20.85
CA GLY B 151 -30.71 2.57 -21.49
C GLY B 151 -29.96 1.98 -22.66
N ILE B 152 -30.59 1.03 -23.37
CA ILE B 152 -30.03 0.46 -24.60
C ILE B 152 -31.17 0.14 -25.58
N VAL B 153 -30.89 0.29 -26.88
CA VAL B 153 -31.86 0.05 -27.96
C VAL B 153 -31.40 -1.17 -28.76
N THR B 154 -32.23 -2.21 -28.79
CA THR B 154 -31.95 -3.46 -29.51
C THR B 154 -32.76 -3.54 -30.81
N GLY B 155 -32.42 -4.52 -31.66
CA GLY B 155 -33.19 -4.73 -32.87
C GLY B 155 -34.64 -5.12 -32.59
N ARG B 156 -34.89 -5.70 -31.42
CA ARG B 156 -36.26 -5.94 -30.97
C ARG B 156 -36.98 -4.63 -30.68
N ASP B 157 -36.29 -3.71 -30.00
CA ASP B 157 -36.89 -2.44 -29.63
C ASP B 157 -37.23 -1.61 -30.84
N LEU B 158 -36.65 -1.93 -32.01
CA LEU B 158 -36.99 -1.24 -33.25
C LEU B 158 -38.12 -1.90 -34.02
N ARG B 159 -38.26 -3.22 -33.94
CA ARG B 159 -39.30 -3.90 -34.71
C ARG B 159 -40.68 -3.82 -34.06
N VAL B 160 -40.79 -3.25 -32.86
CA VAL B 160 -42.07 -3.12 -32.18
C VAL B 160 -42.84 -1.89 -32.69
N GLY B 165 -42.40 6.73 -32.60
CA GLY B 165 -42.28 7.58 -31.43
C GLY B 165 -41.29 8.73 -31.51
N ASP B 166 -40.50 8.72 -32.58
CA ASP B 166 -39.61 9.80 -33.05
C ASP B 166 -38.20 9.74 -32.49
N THR B 167 -38.03 9.78 -31.17
CA THR B 167 -36.70 9.77 -30.60
C THR B 167 -36.39 8.43 -29.93
N VAL B 168 -35.13 8.30 -29.56
CA VAL B 168 -34.64 7.07 -28.94
C VAL B 168 -35.31 6.82 -27.59
N ALA B 169 -35.61 7.89 -26.84
CA ALA B 169 -36.25 7.75 -25.54
C ALA B 169 -37.53 6.91 -25.60
N ALA B 170 -38.22 6.89 -26.74
CA ALA B 170 -39.51 6.23 -26.82
C ALA B 170 -39.43 4.70 -26.83
N ILE B 171 -38.31 4.12 -27.25
CA ILE B 171 -38.27 2.69 -27.56
C ILE B 171 -37.19 1.95 -26.79
N MET B 172 -36.29 2.69 -26.16
CA MET B 172 -35.13 2.07 -25.54
C MET B 172 -35.56 1.12 -24.43
N THR B 173 -34.70 0.16 -24.13
CA THR B 173 -34.80 -0.62 -22.90
C THR B 173 -34.36 0.27 -21.73
N PRO B 174 -35.22 0.50 -20.71
CA PRO B 174 -34.83 1.41 -19.62
C PRO B 174 -33.74 0.86 -18.70
N LYS B 175 -33.40 1.63 -17.66
CA LYS B 175 -32.36 1.21 -16.72
C LYS B 175 -32.68 -0.14 -16.09
N ASP B 176 -33.95 -0.36 -15.74
CA ASP B 176 -34.32 -1.49 -14.89
C ASP B 176 -34.01 -2.84 -15.54
N LYS B 177 -34.06 -2.91 -16.88
CA LYS B 177 -33.88 -4.17 -17.57
C LYS B 177 -32.50 -4.32 -18.21
N LEU B 178 -31.52 -3.52 -17.78
CA LEU B 178 -30.14 -3.67 -18.24
C LEU B 178 -29.38 -4.68 -17.40
N VAL B 179 -28.50 -5.42 -18.06
CA VAL B 179 -27.55 -6.32 -17.39
C VAL B 179 -26.17 -5.65 -17.52
N THR B 180 -25.65 -5.15 -16.41
CA THR B 180 -24.41 -4.36 -16.40
C THR B 180 -23.49 -4.81 -15.27
N ALA B 181 -22.21 -5.01 -15.59
CA ALA B 181 -21.18 -5.29 -14.61
C ALA B 181 -20.30 -4.06 -14.42
N ARG B 182 -19.79 -3.88 -13.20
CA ARG B 182 -18.98 -2.72 -12.91
C ARG B 182 -17.54 -2.94 -13.37
N GLU B 183 -16.91 -1.87 -13.87
CA GLU B 183 -15.54 -1.95 -14.38
C GLU B 183 -14.60 -2.47 -13.29
N GLY B 184 -13.64 -3.29 -13.69
CA GLY B 184 -12.73 -3.92 -12.75
C GLY B 184 -13.13 -5.32 -12.30
N THR B 185 -14.27 -5.83 -12.77
CA THR B 185 -14.71 -7.17 -12.42
C THR B 185 -13.83 -8.19 -13.14
N PRO B 186 -13.41 -9.27 -12.47
CA PRO B 186 -12.64 -10.31 -13.15
C PRO B 186 -13.38 -10.79 -14.39
N LEU B 187 -12.62 -11.04 -15.47
CA LEU B 187 -13.22 -11.40 -16.75
C LEU B 187 -14.03 -12.69 -16.65
N GLU B 188 -13.47 -13.71 -15.98
CA GLU B 188 -14.19 -14.98 -15.85
C GLU B 188 -15.47 -14.84 -15.02
N GLU B 189 -15.58 -13.77 -14.24
CA GLU B 189 -16.83 -13.40 -13.59
C GLU B 189 -17.79 -12.79 -14.61
N MET B 190 -17.29 -11.85 -15.40
CA MET B 190 -18.09 -11.22 -16.43
C MET B 190 -18.66 -12.26 -17.39
N LYS B 191 -17.84 -13.23 -17.80
CA LYS B 191 -18.31 -14.27 -18.71
C LYS B 191 -19.40 -15.11 -18.05
N ALA B 192 -19.26 -15.37 -16.75
CA ALA B 192 -20.24 -16.18 -16.05
C ALA B 192 -21.56 -15.45 -15.88
N LYS B 193 -21.55 -14.12 -15.84
CA LYS B 193 -22.81 -13.40 -15.75
C LYS B 193 -23.45 -13.20 -17.12
N LEU B 194 -22.64 -13.17 -18.19
CA LEU B 194 -23.17 -13.32 -19.54
C LEU B 194 -23.98 -14.59 -19.67
N TYR B 195 -23.43 -15.69 -19.16
CA TYR B 195 -23.98 -17.02 -19.29
C TYR B 195 -25.14 -17.23 -18.32
N GLU B 196 -25.02 -16.68 -17.10
CA GLU B 196 -26.12 -16.74 -16.14
C GLU B 196 -27.34 -15.96 -16.63
N ASN B 197 -27.12 -14.87 -17.37
CA ASN B 197 -28.23 -14.09 -17.90
C ASN B 197 -28.65 -14.51 -19.29
N ARG B 198 -28.01 -15.54 -19.85
CA ARG B 198 -28.42 -16.11 -21.12
C ARG B 198 -28.30 -15.07 -22.23
N ILE B 199 -27.25 -14.25 -22.14
CA ILE B 199 -27.00 -13.14 -23.06
C ILE B 199 -25.56 -13.25 -23.58
N GLU B 200 -25.28 -12.50 -24.63
CA GLU B 200 -23.96 -12.54 -25.26
C GLU B 200 -23.22 -11.23 -25.21
N LYS B 201 -23.91 -10.11 -25.08
CA LYS B 201 -23.30 -8.80 -24.99
C LYS B 201 -23.68 -8.15 -23.67
N MET B 202 -22.78 -7.35 -23.11
CA MET B 202 -23.00 -6.75 -21.80
C MET B 202 -22.30 -5.41 -21.72
N LEU B 203 -22.91 -4.46 -21.01
CA LEU B 203 -22.33 -3.13 -20.82
C LEU B 203 -21.52 -3.07 -19.52
N VAL B 204 -20.50 -2.23 -19.53
CA VAL B 204 -19.58 -2.06 -18.39
C VAL B 204 -19.68 -0.61 -17.92
N VAL B 205 -19.89 -0.43 -16.61
CA VAL B 205 -20.13 0.89 -16.01
C VAL B 205 -19.15 1.12 -14.86
N ASP B 206 -19.14 2.36 -14.35
CA ASP B 206 -18.36 2.71 -13.18
C ASP B 206 -19.29 2.95 -11.99
N GLU B 207 -18.78 3.63 -10.95
CA GLU B 207 -19.55 3.82 -9.72
C GLU B 207 -20.85 4.56 -9.98
N ASN B 208 -20.79 5.61 -10.80
CA ASN B 208 -21.93 6.49 -11.03
C ASN B 208 -22.75 6.07 -12.24
N PHE B 209 -22.63 4.82 -12.67
CA PHE B 209 -23.31 4.31 -13.86
C PHE B 209 -22.94 5.09 -15.11
N TYR B 210 -21.72 5.61 -15.15
CA TYR B 210 -21.17 6.19 -16.38
C TYR B 210 -20.63 5.07 -17.26
N LEU B 211 -20.87 5.19 -18.56
CA LEU B 211 -20.50 4.13 -19.49
C LEU B 211 -18.98 4.11 -19.72
N ARG B 212 -18.39 2.92 -19.61
CA ARG B 212 -16.94 2.71 -19.76
C ARG B 212 -16.55 1.73 -20.88
N GLY B 213 -17.48 0.97 -21.43
CA GLY B 213 -17.18 0.05 -22.51
C GLY B 213 -18.25 -1.03 -22.61
N LEU B 214 -17.95 -2.06 -23.40
CA LEU B 214 -18.76 -3.27 -23.41
C LEU B 214 -17.87 -4.48 -23.61
N VAL B 215 -18.46 -5.66 -23.40
CA VAL B 215 -17.78 -6.94 -23.51
C VAL B 215 -18.74 -7.97 -24.11
N THR B 216 -18.20 -8.88 -24.92
CA THR B 216 -19.00 -9.91 -25.54
C THR B 216 -18.44 -11.28 -25.19
N PHE B 217 -19.33 -12.28 -25.18
CA PHE B 217 -18.89 -13.67 -24.99
C PHE B 217 -17.87 -14.05 -26.05
N ARG B 218 -18.12 -13.64 -27.29
CA ARG B 218 -17.17 -13.86 -28.36
C ARG B 218 -15.81 -13.24 -28.03
N ASP B 219 -15.80 -11.99 -27.55
CA ASP B 219 -14.52 -11.33 -27.32
C ASP B 219 -13.74 -11.96 -26.19
N ILE B 220 -14.40 -12.68 -25.29
CA ILE B 220 -13.74 -13.25 -24.11
C ILE B 220 -13.06 -14.58 -24.44
N GLU B 221 -13.77 -15.46 -25.16
CA GLU B 221 -13.12 -16.66 -25.66
C GLU B 221 -12.03 -16.31 -26.67
N LYS B 222 -12.13 -15.12 -27.28
CA LYS B 222 -11.12 -14.62 -28.20
C LYS B 222 -9.87 -14.14 -27.46
N ALA B 223 -10.02 -13.69 -26.20
CA ALA B 223 -8.92 -13.09 -25.46
C ALA B 223 -7.66 -13.96 -25.52
N GLU B 224 -6.50 -13.29 -25.66
CA GLU B 224 -5.24 -13.97 -25.94
C GLU B 224 -4.83 -14.94 -24.83
N ARG B 225 -5.03 -14.59 -23.55
CA ARG B 225 -4.67 -15.42 -22.38
C ARG B 225 -3.21 -15.23 -21.96
N LYS B 226 -3.00 -14.69 -20.76
CA LYS B 226 -1.67 -14.36 -20.26
C LYS B 226 -1.57 -14.87 -18.84
N PRO B 227 -1.31 -16.16 -18.66
CA PRO B 227 -1.28 -16.75 -17.31
C PRO B 227 -0.22 -16.15 -16.42
N ASN B 228 0.76 -15.47 -16.98
CA ASN B 228 1.86 -14.98 -16.20
C ASN B 228 1.72 -13.52 -15.87
N ALA B 229 0.65 -12.88 -16.32
CA ALA B 229 0.52 -11.45 -16.19
C ALA B 229 0.82 -11.04 -14.76
N CYS B 230 1.66 -10.02 -14.63
CA CYS B 230 2.01 -9.45 -13.35
C CYS B 230 0.91 -8.45 -12.98
N LYS B 231 0.16 -8.77 -11.94
CA LYS B 231 -1.05 -8.04 -11.63
C LYS B 231 -1.09 -7.69 -10.16
N ASP B 232 -1.81 -6.63 -9.84
CA ASP B 232 -1.97 -6.22 -8.45
C ASP B 232 -3.08 -7.05 -7.82
N GLU B 233 -3.47 -6.68 -6.61
CA GLU B 233 -4.49 -7.44 -5.89
C GLU B 233 -5.88 -7.21 -6.44
N GLN B 234 -6.12 -6.10 -7.11
CA GLN B 234 -7.39 -5.86 -7.77
C GLN B 234 -7.44 -6.41 -9.19
N GLY B 235 -6.49 -7.27 -9.57
CA GLY B 235 -6.44 -7.85 -10.89
C GLY B 235 -5.99 -6.96 -12.00
N ARG B 236 -5.46 -5.78 -11.71
CA ARG B 236 -5.02 -4.87 -12.75
C ARG B 236 -3.53 -5.07 -13.05
N LEU B 237 -3.15 -4.85 -14.30
CA LEU B 237 -1.73 -4.93 -14.67
C LEU B 237 -0.92 -3.93 -13.87
N ARG B 238 0.30 -4.32 -13.51
CA ARG B 238 1.23 -3.49 -12.78
C ARG B 238 2.04 -2.60 -13.73
N VAL B 239 2.38 -1.40 -13.25
CA VAL B 239 3.10 -0.42 -14.06
C VAL B 239 3.95 0.46 -13.14
N GLY B 240 5.09 0.93 -13.67
CA GLY B 240 5.90 1.93 -13.00
C GLY B 240 6.06 3.17 -13.87
N ALA B 241 6.70 4.19 -13.29
CA ALA B 241 6.95 5.45 -13.98
C ALA B 241 8.19 6.12 -13.39
N ALA B 242 8.95 6.82 -14.24
CA ALA B 242 10.19 7.48 -13.82
C ALA B 242 10.00 8.98 -13.64
N VAL B 243 10.69 9.55 -12.66
CA VAL B 243 10.82 11.00 -12.53
C VAL B 243 12.28 11.34 -12.24
N GLY B 244 12.62 12.60 -12.46
CA GLY B 244 13.93 13.08 -12.09
C GLY B 244 14.04 13.21 -10.59
N ALA B 245 15.29 13.40 -10.13
CA ALA B 245 15.54 13.65 -8.73
C ALA B 245 15.80 15.11 -8.43
N GLY B 246 15.53 16.01 -9.37
CA GLY B 246 15.69 17.42 -9.13
C GLY B 246 14.51 18.01 -8.39
N ALA B 247 14.65 19.29 -8.05
CA ALA B 247 13.54 20.01 -7.49
C ALA B 247 12.47 20.27 -8.56
N GLY B 248 11.24 20.51 -8.09
CA GLY B 248 10.16 20.83 -8.98
C GLY B 248 9.37 19.64 -9.49
N ASN B 249 9.69 18.44 -9.06
CA ASN B 249 8.99 17.25 -9.50
C ASN B 249 7.83 16.86 -8.60
N GLU B 250 7.49 17.70 -7.60
CA GLU B 250 6.41 17.35 -6.69
C GLU B 250 5.10 17.21 -7.43
N GLU B 251 4.86 18.08 -8.39
CA GLU B 251 3.60 18.07 -9.11
C GLU B 251 3.47 16.84 -10.00
N ARG B 252 4.59 16.45 -10.64
CA ARG B 252 4.59 15.26 -11.49
C ARG B 252 4.35 13.99 -10.67
N VAL B 253 4.96 13.90 -9.50
CA VAL B 253 4.82 12.72 -8.64
C VAL B 253 3.38 12.61 -8.12
N ASP B 254 2.80 13.73 -7.69
CA ASP B 254 1.43 13.69 -7.18
C ASP B 254 0.49 13.16 -8.26
N ALA B 255 0.75 13.49 -9.52
CA ALA B 255 -0.17 13.10 -10.60
C ALA B 255 -0.03 11.62 -10.91
N LEU B 256 1.19 11.10 -10.78
CA LEU B 256 1.46 9.69 -11.08
C LEU B 256 0.90 8.78 -9.98
N VAL B 257 1.03 9.20 -8.72
CA VAL B 257 0.42 8.46 -7.62
C VAL B 257 -1.09 8.56 -7.70
N ALA B 258 -1.62 9.74 -8.04
CA ALA B 258 -3.06 9.85 -8.25
C ALA B 258 -3.52 8.94 -9.37
N ALA B 259 -2.65 8.63 -10.33
CA ALA B 259 -2.99 7.82 -11.48
C ALA B 259 -2.92 6.32 -11.22
N GLY B 260 -2.44 5.91 -10.05
CA GLY B 260 -2.46 4.52 -9.65
C GLY B 260 -1.18 3.76 -9.91
N VAL B 261 -0.07 4.46 -10.11
CA VAL B 261 1.20 3.80 -10.41
C VAL B 261 1.56 2.84 -9.28
N ASP B 262 2.07 1.66 -9.65
CA ASP B 262 2.43 0.65 -8.66
C ASP B 262 3.76 0.97 -7.99
N VAL B 263 4.71 1.51 -8.73
CA VAL B 263 6.07 1.73 -8.24
C VAL B 263 6.65 2.95 -8.95
N LEU B 264 7.36 3.77 -8.19
CA LEU B 264 7.94 5.01 -8.69
C LEU B 264 9.46 4.87 -8.77
N LEU B 265 10.03 5.26 -9.90
CA LEU B 265 11.46 5.20 -10.11
C LEU B 265 12.01 6.62 -10.03
N ILE B 266 12.86 6.88 -9.04
CA ILE B 266 13.57 8.14 -8.92
C ILE B 266 14.99 7.86 -9.43
N ASP B 267 15.21 8.16 -10.69
CA ASP B 267 16.41 7.74 -11.39
C ASP B 267 17.38 8.89 -11.48
N SER B 268 18.62 8.62 -11.10
CA SER B 268 19.68 9.60 -11.18
C SER B 268 20.91 8.92 -11.75
N SER B 269 21.75 9.70 -12.39
CA SER B 269 23.05 9.22 -12.80
C SER B 269 24.04 9.07 -11.64
N HIS B 270 23.76 9.69 -10.47
CA HIS B 270 24.55 9.53 -9.23
C HIS B 270 23.56 9.37 -8.10
N GLY B 271 23.19 8.13 -7.80
CA GLY B 271 22.23 7.89 -6.74
C GLY B 271 22.75 8.18 -5.35
N HIS B 272 24.07 8.21 -5.17
CA HIS B 272 24.66 8.52 -3.87
C HIS B 272 24.80 10.01 -3.63
N SER B 273 24.22 10.84 -4.48
CA SER B 273 24.28 12.28 -4.32
C SER B 273 23.28 12.72 -3.25
N GLU B 274 23.69 13.69 -2.42
CA GLU B 274 22.84 14.07 -1.29
C GLU B 274 21.49 14.61 -1.77
N GLY B 275 21.45 15.28 -2.91
CA GLY B 275 20.19 15.74 -3.46
C GLY B 275 19.21 14.64 -3.76
N VAL B 276 19.69 13.49 -4.29
CA VAL B 276 18.86 12.33 -4.58
C VAL B 276 18.37 11.68 -3.30
N LEU B 277 19.21 11.62 -2.28
CA LEU B 277 18.78 11.06 -1.01
C LEU B 277 17.72 11.93 -0.36
N GLN B 278 17.73 13.25 -0.61
CA GLN B 278 16.73 14.12 0.01
C GLN B 278 15.40 14.05 -0.70
N ARG B 279 15.40 13.96 -2.03
CA ARG B 279 14.14 13.79 -2.72
C ARG B 279 13.46 12.53 -2.21
N ILE B 280 14.23 11.46 -2.08
CA ILE B 280 13.66 10.19 -1.67
C ILE B 280 13.05 10.30 -0.29
N ARG B 281 13.70 11.07 0.60
CA ARG B 281 13.23 11.21 1.96
C ARG B 281 11.93 12.01 2.03
N GLU B 282 11.83 13.08 1.24
CA GLU B 282 10.62 13.89 1.23
C GLU B 282 9.44 13.17 0.61
N THR B 283 9.71 12.35 -0.40
CA THR B 283 8.67 11.55 -1.03
C THR B 283 8.16 10.45 -0.09
N ARG B 284 9.07 9.82 0.65
CA ARG B 284 8.66 8.81 1.60
C ARG B 284 7.91 9.40 2.79
N ALA B 285 8.19 10.65 3.18
CA ALA B 285 7.41 11.28 4.25
C ALA B 285 6.02 11.67 3.79
N LYS B 286 5.86 11.98 2.50
CA LYS B 286 4.57 12.37 1.96
C LYS B 286 3.71 11.16 1.65
N TYR B 287 4.36 10.09 1.19
CA TYR B 287 3.69 8.85 0.79
C TYR B 287 4.35 7.69 1.52
N PRO B 288 3.92 7.37 2.74
CA PRO B 288 4.65 6.36 3.53
C PRO B 288 4.62 4.96 2.94
N ASP B 289 3.62 4.61 2.09
CA ASP B 289 3.48 3.24 1.58
C ASP B 289 3.75 3.10 0.08
N LEU B 290 4.08 4.19 -0.60
CA LEU B 290 4.47 4.10 -1.99
C LEU B 290 5.77 3.32 -2.14
N GLN B 291 5.79 2.38 -3.09
CA GLN B 291 6.99 1.61 -3.42
C GLN B 291 7.92 2.51 -4.24
N ILE B 292 9.16 2.64 -3.79
CA ILE B 292 10.12 3.57 -4.37
C ILE B 292 11.40 2.81 -4.73
N ILE B 293 11.85 2.99 -5.98
CA ILE B 293 13.11 2.49 -6.49
C ILE B 293 14.04 3.70 -6.68
N GLY B 294 15.20 3.66 -6.04
CA GLY B 294 16.22 4.68 -6.26
C GLY B 294 17.44 4.11 -6.94
N GLY B 295 18.15 4.98 -7.67
CA GLY B 295 19.43 4.62 -8.24
C GLY B 295 19.96 5.84 -8.96
N ASN B 296 21.08 5.66 -9.64
CA ASN B 296 21.81 4.40 -9.67
C ASN B 296 22.98 4.48 -8.71
N VAL B 297 23.32 3.34 -8.10
CA VAL B 297 24.50 3.22 -7.26
C VAL B 297 25.34 2.04 -7.75
N ALA B 298 26.56 1.90 -7.17
CA ALA B 298 27.45 0.82 -7.54
C ALA B 298 28.34 0.36 -6.38
N THR B 299 28.00 0.70 -5.13
CA THR B 299 28.79 0.39 -3.94
C THR B 299 27.89 -0.07 -2.80
N ALA B 300 28.47 -0.77 -1.82
CA ALA B 300 27.71 -1.14 -0.62
C ALA B 300 27.22 0.09 0.11
N ALA B 301 28.07 1.10 0.24
CA ALA B 301 27.69 2.32 0.93
C ALA B 301 26.59 3.06 0.19
N GLY B 302 26.64 3.08 -1.14
CA GLY B 302 25.55 3.68 -1.88
C GLY B 302 24.25 2.96 -1.64
N ALA B 303 24.32 1.63 -1.52
CA ALA B 303 23.11 0.84 -1.33
C ALA B 303 22.50 1.10 0.03
N ARG B 304 23.33 1.18 1.08
CA ARG B 304 22.81 1.48 2.40
C ARG B 304 22.24 2.87 2.48
N ALA B 305 22.81 3.80 1.72
CA ALA B 305 22.32 5.16 1.75
C ALA B 305 20.90 5.27 1.19
N LEU B 306 20.64 4.61 0.06
CA LEU B 306 19.31 4.64 -0.53
C LEU B 306 18.30 3.88 0.32
N ALA B 307 18.69 2.72 0.86
CA ALA B 307 17.80 2.02 1.77
C ALA B 307 17.47 2.88 2.98
N GLU B 308 18.47 3.54 3.55
CA GLU B 308 18.23 4.39 4.73
C GLU B 308 17.34 5.57 4.39
N ALA B 309 17.43 6.09 3.17
CA ALA B 309 16.54 7.15 2.71
C ALA B 309 15.09 6.68 2.66
N GLY B 310 14.85 5.39 2.42
CA GLY B 310 13.51 4.86 2.44
C GLY B 310 13.11 4.14 1.17
N CYS B 311 14.08 3.70 0.38
CA CYS B 311 13.82 2.98 -0.86
C CYS B 311 13.30 1.58 -0.61
N SER B 312 12.37 1.15 -1.47
CA SER B 312 11.84 -0.20 -1.43
C SER B 312 12.65 -1.18 -2.25
N ALA B 313 13.41 -0.67 -3.22
CA ALA B 313 14.37 -1.42 -4.00
C ALA B 313 15.47 -0.46 -4.44
N VAL B 314 16.63 -1.01 -4.81
CA VAL B 314 17.83 -0.25 -5.13
C VAL B 314 18.35 -0.68 -6.49
N LYS B 315 18.50 0.27 -7.42
CA LYS B 315 18.98 -0.03 -8.77
C LYS B 315 20.49 0.22 -8.85
N VAL B 316 21.22 -0.77 -9.37
CA VAL B 316 22.68 -0.78 -9.40
C VAL B 316 23.14 -0.62 -10.83
N GLY B 317 24.12 0.26 -11.05
CA GLY B 317 24.67 0.46 -12.38
C GLY B 317 25.28 1.83 -12.60
N ILE B 318 26.61 1.95 -12.45
CA ILE B 318 27.35 3.18 -12.75
C ILE B 318 28.49 2.80 -13.68
N GLY B 319 28.41 3.25 -14.94
CA GLY B 319 29.33 2.82 -15.97
C GLY B 319 29.65 1.33 -15.88
N PRO B 320 28.62 0.46 -16.04
CA PRO B 320 28.87 -0.96 -15.83
C PRO B 320 29.53 -1.69 -17.02
N SER B 322 31.54 -1.35 -20.58
CA SER B 322 32.77 -1.09 -21.32
C SER B 322 32.57 0.13 -22.23
N ILE B 323 31.46 0.11 -22.99
CA ILE B 323 31.14 1.16 -23.95
C ILE B 323 30.41 2.30 -23.25
N CYS B 324 30.53 2.39 -21.93
CA CYS B 324 30.00 3.54 -21.24
C CYS B 324 30.80 4.78 -21.61
N THR B 325 30.07 5.82 -22.02
CA THR B 325 30.71 7.11 -22.16
C THR B 325 30.94 7.75 -20.79
N THR B 326 30.08 7.45 -19.83
CA THR B 326 30.30 7.84 -18.45
C THR B 326 31.73 7.53 -18.02
N ARG B 327 32.21 6.35 -18.41
CA ARG B 327 33.56 5.95 -18.04
C ARG B 327 34.62 6.68 -18.84
N ILE B 328 34.33 6.99 -20.10
CA ILE B 328 35.32 7.66 -20.94
C ILE B 328 35.42 9.14 -20.57
N VAL B 329 34.30 9.75 -20.18
CA VAL B 329 34.20 11.19 -19.97
C VAL B 329 34.56 11.59 -18.55
N THR B 330 34.02 10.86 -17.58
CA THR B 330 34.21 11.15 -16.17
C THR B 330 35.27 10.28 -15.52
N GLY B 331 35.60 9.13 -16.11
CA GLY B 331 36.50 8.15 -15.52
C GLY B 331 35.91 7.27 -14.43
N VAL B 332 34.60 7.39 -14.15
CA VAL B 332 33.95 6.77 -13.00
C VAL B 332 33.16 5.58 -13.48
N GLY B 333 33.21 4.51 -12.71
CA GLY B 333 32.37 3.36 -12.98
C GLY B 333 32.84 2.19 -12.14
N VAL B 334 31.92 1.25 -11.96
CA VAL B 334 32.26 -0.02 -11.31
C VAL B 334 31.78 -1.17 -12.18
N PRO B 335 32.65 -2.15 -12.48
CA PRO B 335 32.19 -3.36 -13.19
C PRO B 335 31.02 -4.02 -12.48
N GLN B 336 30.06 -4.48 -13.28
CA GLN B 336 28.70 -4.68 -12.78
C GLN B 336 28.55 -5.91 -11.89
N ILE B 337 29.31 -6.98 -12.10
CA ILE B 337 29.16 -8.13 -11.21
C ILE B 337 29.55 -7.75 -9.79
N THR B 338 30.69 -7.10 -9.63
CA THR B 338 31.13 -6.67 -8.30
C THR B 338 30.17 -5.66 -7.69
N ALA B 339 29.61 -4.76 -8.50
CA ALA B 339 28.71 -3.73 -7.99
C ALA B 339 27.44 -4.32 -7.42
N VAL B 340 26.91 -5.37 -8.07
CA VAL B 340 25.65 -5.97 -7.67
C VAL B 340 25.84 -6.82 -6.41
N ALA B 341 26.93 -7.59 -6.33
CA ALA B 341 27.20 -8.38 -5.13
C ALA B 341 27.50 -7.52 -3.91
N ASP B 342 28.12 -6.34 -4.10
CA ASP B 342 28.38 -5.42 -2.99
C ASP B 342 27.10 -4.79 -2.47
N ALA B 343 26.20 -4.36 -3.36
CA ALA B 343 24.91 -3.82 -2.95
C ALA B 343 24.05 -4.87 -2.26
N VAL B 344 24.04 -6.10 -2.77
CA VAL B 344 23.21 -7.16 -2.22
C VAL B 344 23.70 -7.57 -0.83
N GLU B 345 25.01 -7.68 -0.65
CA GLU B 345 25.53 -8.00 0.68
C GLU B 345 25.22 -6.89 1.69
N ALA B 346 25.28 -5.63 1.26
CA ALA B 346 24.99 -4.49 2.13
C ALA B 346 23.55 -4.48 2.61
N LEU B 347 22.62 -4.95 1.78
CA LEU B 347 21.19 -4.90 2.02
C LEU B 347 20.65 -6.19 2.63
N GLU B 348 21.51 -7.14 2.96
CA GLU B 348 21.06 -8.45 3.40
C GLU B 348 20.33 -8.35 4.74
N GLY B 349 19.15 -8.98 4.82
CA GLY B 349 18.31 -8.93 5.98
C GLY B 349 17.31 -7.80 5.98
N THR B 350 17.38 -6.91 4.98
CA THR B 350 16.44 -5.79 4.90
C THR B 350 15.21 -6.16 4.10
N GLY B 351 15.30 -7.16 3.23
CA GLY B 351 14.24 -7.43 2.28
C GLY B 351 14.14 -6.42 1.16
N ILE B 352 15.15 -5.58 0.99
CA ILE B 352 15.16 -4.56 -0.06
C ILE B 352 15.92 -5.16 -1.27
N PRO B 353 15.25 -5.41 -2.38
CA PRO B 353 15.92 -6.09 -3.49
C PRO B 353 16.75 -5.13 -4.35
N VAL B 354 17.73 -5.72 -5.05
CA VAL B 354 18.66 -5.01 -5.92
C VAL B 354 18.28 -5.31 -7.37
N ILE B 355 18.33 -4.28 -8.22
CA ILE B 355 18.06 -4.39 -9.66
C ILE B 355 19.34 -4.10 -10.41
N ALA B 356 19.71 -4.98 -11.33
CA ALA B 356 20.89 -4.78 -12.15
C ALA B 356 20.52 -4.05 -13.43
N ASP B 357 21.00 -2.83 -13.59
CA ASP B 357 20.63 -2.01 -14.73
C ASP B 357 21.87 -1.71 -15.57
N GLY B 358 22.00 -2.38 -16.70
CA GLY B 358 23.01 -1.97 -17.67
C GLY B 358 24.10 -2.96 -17.98
N GLY B 359 24.52 -2.99 -19.25
CA GLY B 359 25.54 -3.89 -19.72
C GLY B 359 25.11 -5.32 -19.97
N ILE B 360 23.81 -5.58 -20.12
CA ILE B 360 23.32 -6.94 -20.33
C ILE B 360 23.21 -7.17 -21.84
N ARG B 361 23.99 -8.11 -22.35
CA ARG B 361 24.03 -8.40 -23.78
C ARG B 361 23.26 -9.66 -24.16
N PHE B 362 23.50 -10.77 -23.46
CA PHE B 362 22.86 -12.04 -23.76
C PHE B 362 22.07 -12.53 -22.56
N SER B 363 21.30 -13.61 -22.76
CA SER B 363 20.61 -14.21 -21.64
C SER B 363 21.61 -14.71 -20.60
N GLY B 364 22.84 -15.00 -21.01
CA GLY B 364 23.85 -15.42 -20.06
C GLY B 364 24.17 -14.36 -19.02
N ASP B 365 24.14 -13.08 -19.44
CA ASP B 365 24.41 -11.96 -18.52
C ASP B 365 23.28 -11.79 -17.50
N ILE B 366 22.05 -12.16 -17.86
CA ILE B 366 20.93 -12.11 -16.92
C ILE B 366 21.14 -13.12 -15.81
N ALA B 367 21.56 -14.33 -16.18
CA ALA B 367 21.81 -15.37 -15.21
C ALA B 367 22.92 -14.98 -14.25
N LYS B 368 24.00 -14.39 -14.77
CA LYS B 368 25.11 -13.99 -13.92
C LYS B 368 24.72 -12.86 -12.98
N ALA B 369 23.87 -11.93 -13.44
CA ALA B 369 23.47 -10.80 -12.60
C ALA B 369 22.69 -11.28 -11.39
N ILE B 370 21.80 -12.26 -11.59
CA ILE B 370 20.97 -12.78 -10.50
C ILE B 370 21.78 -13.64 -9.53
N ALA B 371 22.69 -14.47 -10.04
CA ALA B 371 23.56 -15.24 -9.16
C ALA B 371 24.55 -14.36 -8.41
N ALA B 372 24.85 -13.16 -8.91
CA ALA B 372 25.58 -12.21 -8.11
C ALA B 372 24.73 -11.64 -6.98
N GLY B 373 23.39 -11.76 -7.06
CA GLY B 373 22.48 -11.37 -5.99
C GLY B 373 21.27 -10.55 -6.39
N ALA B 374 21.23 -10.10 -7.65
CA ALA B 374 20.14 -9.26 -8.12
C ALA B 374 18.82 -10.00 -8.12
N SER B 375 17.76 -9.31 -7.72
CA SER B 375 16.43 -9.90 -7.77
C SER B 375 15.79 -9.76 -9.14
N ALA B 376 16.28 -8.82 -9.94
CA ALA B 376 15.77 -8.57 -11.29
C ALA B 376 16.80 -7.75 -12.04
N VAL B 377 16.60 -7.64 -13.36
CA VAL B 377 17.45 -6.84 -14.23
C VAL B 377 16.60 -5.80 -14.95
N MET B 378 17.19 -4.66 -15.27
CA MET B 378 16.53 -3.67 -16.09
C MET B 378 17.18 -3.66 -17.47
N VAL B 379 16.37 -3.77 -18.51
CA VAL B 379 16.87 -3.80 -19.88
C VAL B 379 16.27 -2.64 -20.65
N GLY B 380 16.99 -2.18 -21.65
CA GLY B 380 16.42 -1.12 -22.43
C GLY B 380 16.55 -1.27 -23.92
N SER B 381 17.75 -1.06 -24.43
CA SER B 381 17.97 -1.19 -25.87
C SER B 381 17.58 -2.56 -26.40
N MET B 382 17.51 -3.56 -25.52
CA MET B 382 17.10 -4.90 -25.92
C MET B 382 15.66 -4.91 -26.43
N LEU B 383 14.83 -3.99 -25.95
CA LEU B 383 13.42 -3.90 -26.31
C LEU B 383 13.11 -2.77 -27.29
N ALA B 384 14.04 -1.86 -27.55
CA ALA B 384 13.80 -0.82 -28.54
C ALA B 384 13.73 -1.45 -29.92
N GLY B 385 12.68 -1.12 -30.67
CA GLY B 385 12.44 -1.78 -31.93
C GLY B 385 11.37 -2.84 -31.93
N THR B 386 10.91 -3.32 -30.77
CA THR B 386 9.82 -4.28 -30.77
C THR B 386 8.52 -3.64 -31.26
N GLU B 387 7.55 -4.49 -31.59
CA GLU B 387 6.25 -4.06 -32.10
C GLU B 387 5.60 -3.04 -31.17
N GLU B 388 5.69 -3.28 -29.86
CA GLU B 388 4.98 -2.52 -28.85
C GLU B 388 5.76 -1.30 -28.34
N SER B 389 7.00 -1.10 -28.76
CA SER B 389 7.80 0.02 -28.30
C SER B 389 7.37 1.28 -29.03
N PRO B 390 7.76 2.46 -28.54
CA PRO B 390 7.46 3.69 -29.29
C PRO B 390 8.04 3.67 -30.69
N GLY B 391 7.49 4.51 -31.55
CA GLY B 391 7.92 4.61 -32.92
C GLY B 391 7.01 3.86 -33.89
N GLU B 392 7.15 4.24 -35.16
CA GLU B 392 6.44 3.65 -36.29
C GLU B 392 7.41 2.84 -37.14
N ILE B 393 6.92 1.73 -37.71
CA ILE B 393 7.74 0.84 -38.53
C ILE B 393 7.95 1.46 -39.91
N GLU B 394 9.14 1.28 -40.48
CA GLU B 394 9.48 1.86 -41.77
C GLU B 394 10.24 0.85 -42.62
N LEU B 395 9.84 0.73 -43.88
CA LEU B 395 10.60 -0.08 -44.82
C LEU B 395 11.68 0.79 -45.42
N TYR B 396 12.94 0.43 -45.21
CA TYR B 396 14.04 1.19 -45.76
C TYR B 396 15.05 0.23 -46.35
N GLN B 397 15.19 0.26 -47.67
CA GLN B 397 16.22 -0.49 -48.38
C GLN B 397 16.22 -1.95 -47.93
N GLY B 398 15.07 -2.60 -48.12
CA GLY B 398 14.93 -4.03 -47.93
C GLY B 398 14.88 -4.51 -46.49
N ARG B 399 14.82 -3.61 -45.52
CA ARG B 399 14.87 -3.98 -44.12
C ARG B 399 13.76 -3.24 -43.37
N SER B 400 13.33 -3.81 -42.25
CA SER B 400 12.34 -3.18 -41.39
C SER B 400 13.00 -2.51 -40.19
N TYR B 401 12.55 -1.29 -39.91
CA TYR B 401 13.02 -0.44 -38.83
C TYR B 401 11.83 0.17 -38.11
N LYS B 402 12.07 0.67 -36.90
CA LYS B 402 11.20 1.65 -36.27
C LYS B 402 11.91 3.01 -36.29
N SER B 403 11.28 4.01 -36.88
CA SER B 403 11.88 5.33 -36.90
C SER B 403 11.01 6.27 -36.06
N TYR B 404 11.59 7.43 -35.73
CA TYR B 404 10.90 8.46 -34.93
C TYR B 404 10.97 9.89 -35.53
N ARG B 439 17.00 5.57 -36.85
CA ARG B 439 16.25 4.35 -37.10
C ARG B 439 16.83 3.13 -36.35
N VAL B 440 15.93 2.25 -35.86
CA VAL B 440 16.26 1.06 -35.06
C VAL B 440 15.63 -0.16 -35.73
N ALA B 441 16.34 -1.30 -35.70
CA ALA B 441 15.87 -2.50 -36.39
C ALA B 441 14.63 -3.10 -35.73
N TYR B 442 13.67 -3.53 -36.56
CA TYR B 442 12.44 -4.11 -36.04
C TYR B 442 12.73 -5.49 -35.48
N LYS B 443 12.14 -5.81 -34.32
CA LYS B 443 12.45 -7.04 -33.62
C LYS B 443 11.21 -7.90 -33.36
N GLY B 444 10.06 -7.53 -33.89
CA GLY B 444 8.88 -8.33 -33.72
C GLY B 444 8.23 -8.10 -32.37
N ARG B 445 7.41 -9.07 -31.99
CA ARG B 445 6.64 -8.95 -30.76
C ARG B 445 7.53 -9.15 -29.55
N LEU B 446 7.35 -8.30 -28.55
CA LEU B 446 8.04 -8.44 -27.28
C LEU B 446 7.86 -9.81 -26.67
N LYS B 447 6.80 -10.53 -27.04
CA LYS B 447 6.56 -11.83 -26.45
C LYS B 447 7.73 -12.77 -26.70
N GLU B 448 8.30 -12.73 -27.90
CA GLU B 448 9.29 -13.73 -28.32
C GLU B 448 10.68 -13.42 -27.79
N ILE B 449 11.04 -12.13 -27.75
CA ILE B 449 12.24 -11.69 -27.05
C ILE B 449 12.23 -12.25 -25.63
N ILE B 450 11.13 -12.05 -24.92
CA ILE B 450 11.06 -12.56 -23.54
C ILE B 450 11.18 -14.08 -23.54
N HIS B 451 10.53 -14.75 -24.50
CA HIS B 451 10.58 -16.20 -24.53
C HIS B 451 12.01 -16.70 -24.72
N GLN B 452 12.80 -16.01 -25.54
CA GLN B 452 14.19 -16.40 -25.81
C GLN B 452 15.11 -16.11 -24.63
N GLN B 453 14.93 -14.96 -23.97
CA GLN B 453 15.83 -14.58 -22.89
C GLN B 453 15.61 -15.43 -21.65
N MET B 454 14.34 -15.66 -21.29
CA MET B 454 14.02 -16.56 -20.20
C MET B 454 14.27 -18.00 -20.57
N GLY B 455 14.35 -18.33 -21.85
CA GLY B 455 14.76 -19.67 -22.25
C GLY B 455 16.21 -19.96 -21.93
N GLY B 456 17.09 -18.99 -22.12
CA GLY B 456 18.48 -19.18 -21.69
C GLY B 456 18.66 -19.08 -20.18
N LEU B 457 17.80 -18.34 -19.51
CA LEU B 457 17.84 -18.33 -18.06
C LEU B 457 17.34 -19.67 -17.52
N ARG B 458 16.23 -20.16 -18.07
CA ARG B 458 15.76 -21.49 -17.70
C ARG B 458 16.83 -22.54 -17.92
N SER B 459 17.54 -22.50 -19.06
CA SER B 459 18.62 -23.46 -19.32
C SER B 459 19.70 -23.39 -18.25
N CYS B 460 20.06 -22.18 -17.84
CA CYS B 460 21.09 -22.00 -16.82
C CYS B 460 20.65 -22.46 -15.44
N MET B 461 19.38 -22.27 -15.09
CA MET B 461 18.89 -22.79 -13.81
C MET B 461 18.83 -24.31 -13.81
N GLY B 462 18.67 -24.95 -14.97
CA GLY B 462 18.78 -26.40 -15.03
C GLY B 462 20.22 -26.87 -14.91
N LEU B 463 21.15 -26.18 -15.56
CA LEU B 463 22.56 -26.55 -15.49
C LEU B 463 23.16 -26.38 -14.11
N THR B 464 22.72 -25.37 -13.37
CA THR B 464 23.21 -25.11 -12.01
C THR B 464 22.37 -25.77 -10.94
N GLY B 465 21.23 -26.35 -11.30
CA GLY B 465 20.40 -27.03 -10.32
C GLY B 465 19.71 -26.07 -9.39
N CYS B 466 19.27 -24.93 -9.91
CA CYS B 466 18.65 -23.88 -9.11
C CYS B 466 17.20 -23.77 -9.57
N GLY B 467 16.26 -24.09 -8.70
CA GLY B 467 14.90 -24.20 -9.18
C GLY B 467 14.07 -22.94 -9.06
N THR B 468 14.56 -21.96 -8.31
CA THR B 468 13.87 -20.69 -8.09
C THR B 468 14.88 -19.58 -8.28
N ILE B 469 14.38 -18.36 -8.35
CA ILE B 469 15.26 -17.20 -8.45
C ILE B 469 16.06 -17.04 -7.16
N ASP B 470 15.43 -17.28 -6.01
CA ASP B 470 16.14 -17.12 -4.75
C ASP B 470 17.23 -18.16 -4.58
N GLU B 471 17.09 -19.33 -5.20
CA GLU B 471 18.14 -20.36 -5.17
C GLU B 471 19.32 -19.98 -6.04
N LEU B 472 19.07 -19.43 -7.22
CA LEU B 472 20.14 -18.97 -8.08
C LEU B 472 20.91 -17.83 -7.41
N ARG B 473 20.21 -16.97 -6.67
CA ARG B 473 20.84 -15.83 -6.02
C ARG B 473 21.73 -16.24 -4.86
N THR B 474 21.54 -17.41 -4.28
CA THR B 474 22.22 -17.76 -3.06
C THR B 474 23.10 -18.98 -3.17
N LYS B 475 22.86 -19.87 -4.13
CA LYS B 475 23.57 -21.15 -4.23
C LYS B 475 24.55 -21.25 -5.40
N ALA B 476 24.20 -20.73 -6.57
CA ALA B 476 25.05 -20.94 -7.75
C ALA B 476 26.41 -20.29 -7.52
N GLU B 477 27.45 -20.90 -8.11
CA GLU B 477 28.84 -20.48 -7.94
C GLU B 477 29.45 -20.04 -9.26
N PHE B 478 30.60 -19.37 -9.17
CA PHE B 478 31.33 -18.88 -10.33
C PHE B 478 32.74 -19.43 -10.37
N VAL B 479 33.29 -19.50 -11.58
CA VAL B 479 34.73 -19.58 -11.79
C VAL B 479 35.18 -18.24 -12.35
N ARG B 480 36.40 -17.86 -11.98
CA ARG B 480 37.05 -16.70 -12.56
C ARG B 480 37.90 -17.15 -13.76
N ILE B 481 37.73 -16.47 -14.89
CA ILE B 481 38.42 -16.82 -16.13
C ILE B 481 39.25 -15.63 -16.58
N SER B 482 40.16 -15.88 -17.52
CA SER B 482 41.01 -14.85 -18.11
C SER B 482 40.56 -14.50 -19.54
N GLY B 483 41.40 -13.77 -20.26
CA GLY B 483 41.01 -13.31 -21.60
C GLY B 483 40.95 -14.43 -22.62
N ALA B 484 42.03 -15.22 -22.71
CA ALA B 484 42.17 -16.32 -23.68
C ALA B 484 41.18 -17.45 -23.41
N HIS C 20 32.53 -17.74 -90.89
CA HIS C 20 33.12 -16.46 -91.31
C HIS C 20 32.87 -15.43 -90.21
N MET C 21 32.03 -14.44 -90.49
CA MET C 21 31.80 -13.26 -89.67
C MET C 21 31.26 -13.58 -88.27
N LEU C 22 31.45 -12.61 -87.38
CA LEU C 22 30.90 -12.66 -86.04
C LEU C 22 29.44 -12.27 -86.15
N ARG C 23 28.52 -13.20 -85.88
CA ARG C 23 27.10 -12.97 -86.14
C ARG C 23 26.49 -12.22 -84.97
N ILE C 24 26.47 -10.89 -85.07
CA ILE C 24 25.87 -10.02 -84.06
C ILE C 24 24.57 -9.46 -84.59
N ALA C 25 23.48 -9.78 -83.90
CA ALA C 25 22.17 -9.41 -84.43
C ALA C 25 21.90 -7.92 -84.26
N LYS C 26 22.31 -7.35 -83.14
CA LYS C 26 21.98 -5.98 -82.78
C LYS C 26 22.76 -5.64 -81.51
N GLU C 27 22.53 -4.45 -80.98
CA GLU C 27 22.95 -4.11 -79.64
C GLU C 27 21.71 -4.07 -78.73
N ALA C 28 21.85 -4.57 -77.50
CA ALA C 28 20.73 -4.65 -76.58
C ALA C 28 21.00 -3.87 -75.31
N LEU C 29 19.93 -3.28 -74.74
CA LEU C 29 19.99 -2.38 -73.58
C LEU C 29 19.26 -2.96 -72.38
N THR C 30 19.79 -2.70 -71.18
CA THR C 30 19.13 -3.08 -69.92
C THR C 30 18.61 -1.82 -69.23
N PHE C 31 18.18 -1.96 -67.98
CA PHE C 31 17.51 -0.85 -67.30
C PHE C 31 18.45 0.31 -67.08
N ASP C 32 19.70 0.01 -66.78
CA ASP C 32 20.63 1.05 -66.40
C ASP C 32 21.19 1.82 -67.59
N ASP C 33 20.91 1.37 -68.81
CA ASP C 33 21.34 2.08 -70.03
C ASP C 33 20.43 3.25 -70.41
N VAL C 34 19.27 3.41 -69.77
CA VAL C 34 18.27 4.38 -70.20
C VAL C 34 17.70 5.11 -68.99
N LEU C 35 17.21 6.33 -69.24
CA LEU C 35 16.38 7.08 -68.31
C LEU C 35 15.16 7.62 -69.06
N LEU C 36 14.05 7.77 -68.35
CA LEU C 36 12.82 8.32 -68.93
C LEU C 36 12.89 9.84 -68.99
N VAL C 37 12.31 10.40 -70.03
CA VAL C 37 12.42 11.83 -70.32
C VAL C 37 11.18 12.55 -69.80
N PRO C 38 11.33 13.58 -68.97
CA PRO C 38 10.16 14.32 -68.50
C PRO C 38 9.56 15.19 -69.60
N ALA C 39 8.23 15.33 -69.53
CA ALA C 39 7.46 16.01 -70.56
C ALA C 39 6.42 16.90 -69.90
N HIS C 40 5.76 17.71 -70.74
CA HIS C 40 4.61 18.47 -70.26
C HIS C 40 3.61 17.52 -69.65
N SER C 41 3.05 17.92 -68.51
CA SER C 41 2.26 17.01 -67.69
C SER C 41 1.12 17.77 -67.05
N THR C 42 -0.11 17.35 -67.34
CA THR C 42 -1.28 17.70 -66.56
C THR C 42 -1.65 16.58 -65.58
N VAL C 43 -0.72 15.68 -65.28
CA VAL C 43 -0.93 14.47 -64.49
C VAL C 43 -0.39 14.69 -63.08
N LEU C 44 -1.23 14.47 -62.08
CA LEU C 44 -0.78 14.43 -60.70
C LEU C 44 -0.60 12.98 -60.26
N PRO C 45 0.53 12.64 -59.64
CA PRO C 45 0.74 11.23 -59.24
C PRO C 45 -0.41 10.60 -58.49
N ASN C 46 -1.03 11.31 -57.55
CA ASN C 46 -2.16 10.76 -56.83
C ASN C 46 -3.32 10.42 -57.77
N THR C 47 -3.41 11.10 -58.89
CA THR C 47 -4.53 10.88 -59.79
C THR C 47 -4.19 9.93 -60.93
N ALA C 48 -2.93 9.54 -61.07
CA ALA C 48 -2.54 8.60 -62.13
C ALA C 48 -3.29 7.28 -61.99
N ASP C 49 -3.67 6.71 -63.14
CA ASP C 49 -4.46 5.48 -63.21
C ASP C 49 -3.54 4.29 -63.48
N LEU C 50 -3.48 3.36 -62.54
CA LEU C 50 -2.54 2.25 -62.60
C LEU C 50 -3.15 0.98 -63.18
N SER C 51 -4.38 1.01 -63.68
CA SER C 51 -4.97 -0.23 -64.16
C SER C 51 -4.39 -0.58 -65.52
N THR C 52 -4.48 -1.85 -65.86
CA THR C 52 -3.83 -2.31 -67.06
C THR C 52 -4.39 -3.68 -67.41
N GLN C 53 -4.48 -3.94 -68.70
CA GLN C 53 -4.95 -5.24 -69.15
C GLN C 53 -3.83 -6.26 -69.03
N LEU C 54 -4.06 -7.30 -68.22
CA LEU C 54 -3.20 -8.47 -68.23
C LEU C 54 -3.48 -9.42 -69.41
N THR C 55 -4.76 -9.69 -69.72
CA THR C 55 -5.17 -10.29 -70.99
C THR C 55 -6.34 -9.48 -71.53
N LYS C 56 -6.94 -9.93 -72.64
CA LYS C 56 -8.12 -9.24 -73.13
C LYS C 56 -9.24 -9.31 -72.13
N THR C 57 -9.22 -10.33 -71.25
CA THR C 57 -10.34 -10.60 -70.36
C THR C 57 -10.02 -10.34 -68.88
N ILE C 58 -8.80 -9.94 -68.54
CA ILE C 58 -8.41 -9.70 -67.15
C ILE C 58 -7.75 -8.34 -67.08
N ARG C 59 -8.30 -7.44 -66.26
CA ARG C 59 -7.73 -6.12 -66.02
C ARG C 59 -7.28 -6.06 -64.57
N LEU C 60 -6.00 -5.74 -64.37
CA LEU C 60 -5.41 -5.46 -63.07
C LEU C 60 -5.65 -4.01 -62.73
N ASN C 61 -5.60 -3.72 -61.43
CA ASN C 61 -5.69 -2.35 -60.97
C ASN C 61 -4.32 -1.77 -60.66
N ILE C 62 -3.31 -2.60 -60.46
CA ILE C 62 -1.93 -2.13 -60.48
C ILE C 62 -1.17 -3.05 -61.42
N PRO C 63 -0.12 -2.58 -62.09
CA PRO C 63 0.61 -3.42 -63.05
C PRO C 63 1.62 -4.37 -62.41
N MET C 64 1.16 -5.18 -61.45
CA MET C 64 2.09 -6.03 -60.72
C MET C 64 1.57 -7.43 -60.50
N LEU C 65 2.46 -8.41 -60.69
CA LEU C 65 2.27 -9.84 -60.46
C LEU C 65 3.43 -10.36 -59.62
N SER C 66 3.18 -11.41 -58.82
CA SER C 66 4.22 -11.99 -57.96
C SER C 66 4.65 -13.35 -58.49
N ALA C 67 5.96 -13.63 -58.37
CA ALA C 67 6.58 -14.77 -59.03
C ALA C 67 6.21 -16.06 -58.33
N ALA C 68 6.08 -17.12 -59.12
CA ALA C 68 5.74 -18.44 -58.58
C ALA C 68 6.96 -19.09 -57.96
N MET C 69 7.45 -18.49 -56.88
CA MET C 69 8.58 -18.98 -56.11
C MET C 69 8.12 -19.45 -54.75
N ASP C 70 8.68 -20.56 -54.26
CA ASP C 70 8.23 -21.17 -53.01
C ASP C 70 8.59 -20.26 -51.85
N THR C 71 9.29 -19.22 -52.17
CA THR C 71 9.78 -18.26 -51.23
C THR C 71 8.96 -16.98 -51.27
N VAL C 72 8.03 -16.89 -52.22
CA VAL C 72 7.27 -15.67 -52.45
C VAL C 72 5.78 -15.93 -52.31
N THR C 73 5.22 -16.80 -53.15
CA THR C 73 3.77 -16.88 -53.36
C THR C 73 3.21 -18.22 -52.92
N GLU C 74 2.39 -18.19 -51.87
CA GLU C 74 1.42 -19.23 -51.61
C GLU C 74 0.12 -18.44 -51.48
N ALA C 75 -0.93 -19.06 -50.89
CA ALA C 75 -2.25 -18.45 -50.93
C ALA C 75 -2.32 -17.15 -50.11
N ARG C 76 -1.50 -17.06 -49.06
CA ARG C 76 -1.51 -15.88 -48.20
C ARG C 76 -1.06 -14.64 -48.95
N LEU C 77 0.07 -14.72 -49.64
CA LEU C 77 0.54 -13.57 -50.42
C LEU C 77 -0.38 -13.30 -51.61
N ALA C 78 -0.89 -14.34 -52.25
CA ALA C 78 -1.76 -14.11 -53.40
C ALA C 78 -3.05 -13.37 -53.00
N ILE C 79 -3.58 -13.62 -51.80
CA ILE C 79 -4.77 -12.88 -51.37
C ILE C 79 -4.43 -11.41 -51.12
N ALA C 80 -3.31 -11.16 -50.45
CA ALA C 80 -2.91 -9.78 -50.18
C ALA C 80 -2.64 -8.99 -51.45
N LEU C 81 -1.93 -9.59 -52.41
CA LEU C 81 -1.62 -8.87 -53.64
C LEU C 81 -2.87 -8.60 -54.46
N ALA C 82 -3.77 -9.58 -54.56
CA ALA C 82 -5.02 -9.34 -55.27
C ALA C 82 -5.80 -8.21 -54.62
N GLN C 83 -5.67 -8.03 -53.30
CA GLN C 83 -6.39 -6.97 -52.61
C GLN C 83 -5.81 -5.59 -52.89
N GLU C 84 -4.58 -5.51 -53.38
CA GLU C 84 -4.00 -4.25 -53.83
C GLU C 84 -4.18 -4.02 -55.33
N GLY C 85 -4.65 -5.01 -56.08
CA GLY C 85 -4.94 -4.86 -57.49
C GLY C 85 -4.12 -5.70 -58.45
N GLY C 86 -3.20 -6.56 -57.98
CA GLY C 86 -2.44 -7.44 -58.84
C GLY C 86 -2.89 -8.87 -58.68
N ILE C 87 -2.04 -9.80 -59.12
CA ILE C 87 -2.31 -11.24 -59.05
C ILE C 87 -1.05 -11.97 -58.64
N GLY C 88 -1.17 -12.95 -57.74
CA GLY C 88 -0.08 -13.82 -57.38
C GLY C 88 -0.22 -15.20 -57.99
N PHE C 89 0.91 -15.87 -58.16
CA PHE C 89 0.97 -17.17 -58.83
C PHE C 89 1.40 -18.25 -57.85
N ILE C 90 0.47 -19.14 -57.49
CA ILE C 90 0.79 -20.22 -56.55
C ILE C 90 1.90 -21.05 -57.16
N HIS C 91 2.98 -21.24 -56.42
CA HIS C 91 4.06 -22.03 -56.98
C HIS C 91 3.65 -23.51 -57.04
N LYS C 92 4.35 -24.24 -57.92
CA LYS C 92 4.11 -25.66 -58.18
C LYS C 92 4.96 -26.59 -57.35
N ASN C 93 5.80 -26.06 -56.47
CA ASN C 93 6.63 -26.91 -55.61
C ASN C 93 5.80 -27.42 -54.43
N MET C 94 4.75 -28.14 -54.77
CA MET C 94 3.88 -28.78 -53.80
C MET C 94 2.99 -29.76 -54.56
N SER C 95 2.28 -30.58 -53.80
CA SER C 95 1.40 -31.56 -54.43
C SER C 95 0.30 -30.86 -55.23
N ILE C 96 -0.27 -31.58 -56.20
CA ILE C 96 -1.33 -30.95 -57.00
C ILE C 96 -2.56 -30.77 -56.12
N GLU C 97 -2.75 -31.60 -55.10
CA GLU C 97 -3.90 -31.39 -54.23
C GLU C 97 -3.67 -30.21 -53.33
N ARG C 98 -2.40 -29.95 -52.96
CA ARG C 98 -2.10 -28.78 -52.16
C ARG C 98 -2.16 -27.51 -52.98
N GLN C 99 -1.74 -27.59 -54.23
CA GLN C 99 -1.77 -26.40 -55.08
C GLN C 99 -3.20 -26.05 -55.47
N ALA C 100 -4.01 -27.04 -55.82
CA ALA C 100 -5.42 -26.78 -56.09
C ALA C 100 -6.14 -26.29 -54.83
N GLU C 101 -5.68 -26.71 -53.65
CA GLU C 101 -6.20 -26.16 -52.40
C GLU C 101 -5.84 -24.69 -52.25
N GLU C 102 -4.61 -24.33 -52.59
CA GLU C 102 -4.19 -22.93 -52.56
C GLU C 102 -5.03 -22.08 -53.49
N VAL C 103 -5.30 -22.58 -54.69
CA VAL C 103 -6.17 -21.85 -55.61
C VAL C 103 -7.57 -21.69 -55.01
N ARG C 104 -8.18 -22.78 -54.53
CA ARG C 104 -9.52 -22.71 -53.95
C ARG C 104 -9.56 -21.73 -52.78
N ARG C 105 -8.49 -21.70 -51.99
CA ARG C 105 -8.41 -20.83 -50.82
C ARG C 105 -8.53 -19.36 -51.19
N VAL C 106 -7.85 -18.93 -52.25
CA VAL C 106 -7.91 -17.55 -52.67
C VAL C 106 -9.27 -17.24 -53.27
N LYS C 107 -9.77 -18.12 -54.14
CA LYS C 107 -11.07 -17.92 -54.74
C LYS C 107 -12.18 -17.81 -53.71
N LYS C 108 -12.07 -18.47 -52.56
CA LYS C 108 -13.14 -18.42 -51.58
C LYS C 108 -12.81 -17.58 -50.35
N HIS C 109 -11.79 -16.72 -50.41
CA HIS C 109 -11.42 -15.92 -49.24
C HIS C 109 -12.52 -14.94 -48.83
N GLU C 110 -13.20 -14.32 -49.79
CA GLU C 110 -14.27 -13.36 -49.52
C GLU C 110 -15.68 -13.87 -49.83
N LEU C 129 -27.48 -28.84 -24.80
CA LEU C 129 -26.97 -27.74 -25.62
C LEU C 129 -26.31 -26.63 -24.78
N LEU C 130 -26.85 -26.44 -23.58
CA LEU C 130 -26.41 -25.37 -22.70
C LEU C 130 -24.99 -25.62 -22.17
N GLN C 131 -24.59 -26.90 -22.09
CA GLN C 131 -23.21 -27.25 -21.78
C GLN C 131 -22.27 -26.65 -22.81
N MET C 132 -22.69 -26.70 -24.07
CA MET C 132 -21.92 -26.09 -25.14
C MET C 132 -22.06 -24.58 -25.10
N ALA C 133 -23.17 -24.09 -24.53
CA ALA C 133 -23.41 -22.65 -24.50
C ALA C 133 -22.41 -21.95 -23.58
N ARG C 134 -21.99 -22.62 -22.49
CA ARG C 134 -20.91 -22.09 -21.67
C ARG C 134 -19.58 -22.10 -22.43
N GLU C 135 -19.44 -22.99 -23.40
CA GLU C 135 -18.20 -23.14 -24.16
C GLU C 135 -18.34 -22.59 -25.58
N TYR C 136 -19.42 -21.89 -25.90
CA TYR C 136 -19.56 -21.35 -27.25
C TYR C 136 -20.33 -20.02 -27.33
N GLY C 137 -21.08 -19.65 -26.31
CA GLY C 137 -21.83 -18.40 -26.34
C GLY C 137 -23.30 -18.63 -26.61
N PHE C 138 -24.01 -17.51 -26.78
CA PHE C 138 -25.48 -17.53 -26.83
C PHE C 138 -26.01 -16.80 -28.08
N SER C 139 -25.64 -17.30 -29.25
CA SER C 139 -26.18 -16.81 -30.50
C SER C 139 -26.85 -17.91 -31.32
N LEU C 187 -24.30 -10.59 -52.13
CA LEU C 187 -23.89 -10.16 -50.80
C LEU C 187 -24.69 -8.96 -50.32
N GLU C 188 -24.58 -7.82 -51.02
CA GLU C 188 -25.23 -6.61 -50.53
C GLU C 188 -26.74 -6.73 -50.52
N GLU C 189 -27.29 -7.57 -51.39
CA GLU C 189 -28.71 -7.89 -51.31
C GLU C 189 -29.02 -8.64 -50.03
N MET C 190 -28.09 -9.50 -49.60
CA MET C 190 -28.19 -10.15 -48.30
C MET C 190 -28.00 -9.13 -47.18
N LYS C 191 -26.91 -8.36 -47.24
CA LYS C 191 -26.66 -7.29 -46.29
C LYS C 191 -27.84 -6.35 -46.18
N ALA C 192 -28.49 -6.08 -47.31
CA ALA C 192 -29.75 -5.36 -47.28
C ALA C 192 -30.74 -6.01 -46.32
N LYS C 193 -30.93 -7.34 -46.46
CA LYS C 193 -31.97 -8.06 -45.72
C LYS C 193 -31.70 -8.08 -44.22
N LEU C 194 -30.43 -8.00 -43.81
CA LEU C 194 -30.12 -7.85 -42.40
C LEU C 194 -30.58 -6.50 -41.88
N TYR C 195 -30.30 -5.44 -42.64
CA TYR C 195 -30.64 -4.11 -42.21
C TYR C 195 -32.15 -3.96 -42.03
N GLU C 196 -32.92 -4.35 -43.05
CA GLU C 196 -34.35 -4.11 -42.97
C GLU C 196 -35.09 -5.21 -42.20
N ASN C 197 -34.40 -6.25 -41.74
CA ASN C 197 -34.94 -7.17 -40.76
C ASN C 197 -34.37 -6.94 -39.37
N ARG C 198 -33.48 -5.97 -39.21
CA ARG C 198 -32.99 -5.56 -37.91
C ARG C 198 -32.35 -6.73 -37.17
N ILE C 199 -31.51 -7.46 -37.89
CA ILE C 199 -30.83 -8.60 -37.32
C ILE C 199 -29.36 -8.51 -37.64
N GLU C 200 -28.57 -9.23 -36.85
CA GLU C 200 -27.13 -9.24 -36.98
C GLU C 200 -26.60 -10.45 -37.72
N LYS C 201 -27.26 -11.60 -37.63
CA LYS C 201 -26.85 -12.80 -38.36
C LYS C 201 -28.03 -13.32 -39.16
N MET C 202 -27.72 -14.10 -40.21
CA MET C 202 -28.73 -14.64 -41.11
C MET C 202 -28.25 -15.99 -41.68
N LEU C 203 -29.19 -16.81 -42.16
CA LEU C 203 -28.88 -18.13 -42.77
C LEU C 203 -29.26 -18.25 -44.25
N ARG C 225 -12.65 -2.77 -46.28
CA ARG C 225 -12.81 -2.15 -47.59
C ARG C 225 -11.47 -2.17 -48.32
N LYS C 226 -11.39 -2.98 -49.36
CA LYS C 226 -10.25 -3.03 -50.27
C LYS C 226 -10.78 -2.63 -51.64
N PRO C 227 -10.88 -1.32 -51.91
CA PRO C 227 -11.58 -0.89 -53.12
C PRO C 227 -10.78 -1.12 -54.39
N ASN C 228 -9.50 -1.44 -54.26
CA ASN C 228 -8.63 -1.66 -55.41
C ASN C 228 -8.46 -3.14 -55.74
N ALA C 229 -9.18 -4.02 -55.06
CA ALA C 229 -8.95 -5.45 -55.23
C ALA C 229 -9.22 -5.89 -56.66
N CYS C 230 -8.45 -6.89 -57.10
CA CYS C 230 -8.56 -7.46 -58.44
C CYS C 230 -9.46 -8.68 -58.32
N LYS C 231 -10.68 -8.57 -58.85
CA LYS C 231 -11.70 -9.58 -58.63
C LYS C 231 -12.29 -10.05 -59.95
N ASP C 232 -12.77 -11.30 -59.94
CA ASP C 232 -13.46 -11.85 -61.09
C ASP C 232 -14.91 -11.36 -61.11
N GLU C 233 -15.61 -11.70 -62.18
CA GLU C 233 -16.98 -11.25 -62.37
C GLU C 233 -17.91 -11.69 -61.24
N GLN C 234 -17.55 -12.71 -60.48
CA GLN C 234 -18.35 -13.09 -59.32
C GLN C 234 -17.78 -12.50 -58.05
N GLY C 235 -17.04 -11.40 -58.14
CA GLY C 235 -16.50 -10.74 -56.98
C GLY C 235 -15.47 -11.55 -56.21
N ARG C 236 -14.93 -12.60 -56.80
CA ARG C 236 -13.92 -13.39 -56.13
C ARG C 236 -12.54 -12.85 -56.50
N LEU C 237 -11.65 -12.77 -55.52
CA LEU C 237 -10.28 -12.40 -55.78
C LEU C 237 -9.72 -13.26 -56.90
N ARG C 238 -8.91 -12.65 -57.75
CA ARG C 238 -8.23 -13.38 -58.81
C ARG C 238 -6.93 -14.01 -58.29
N VAL C 239 -6.60 -15.19 -58.85
CA VAL C 239 -5.42 -15.96 -58.47
C VAL C 239 -4.85 -16.65 -59.71
N GLY C 240 -3.53 -16.89 -59.69
CA GLY C 240 -2.88 -17.70 -60.69
C GLY C 240 -2.08 -18.84 -60.05
N ALA C 241 -1.67 -19.78 -60.90
CA ALA C 241 -0.92 -20.94 -60.47
C ALA C 241 0.02 -21.35 -61.61
N ALA C 242 1.21 -21.85 -61.27
CA ALA C 242 2.19 -22.25 -62.28
C ALA C 242 2.31 -23.78 -62.36
N VAL C 243 2.61 -24.26 -63.57
CA VAL C 243 2.92 -25.67 -63.82
C VAL C 243 4.17 -25.73 -64.69
N GLY C 244 4.78 -26.90 -64.74
CA GLY C 244 5.91 -27.09 -65.63
C GLY C 244 5.48 -27.29 -67.08
N ALA C 245 6.44 -27.16 -67.98
CA ALA C 245 6.19 -27.30 -69.40
C ALA C 245 6.54 -28.68 -69.94
N GLY C 246 6.87 -29.63 -69.07
CA GLY C 246 7.16 -30.97 -69.50
C GLY C 246 5.92 -31.84 -69.60
N ALA C 247 6.15 -33.12 -69.84
CA ALA C 247 5.07 -34.08 -69.85
C ALA C 247 4.66 -34.39 -68.42
N GLY C 248 3.44 -34.92 -68.28
CA GLY C 248 2.95 -35.33 -66.99
C GLY C 248 2.26 -34.26 -66.18
N ASN C 249 1.95 -33.11 -66.77
CA ASN C 249 1.32 -32.02 -66.06
C ASN C 249 -0.16 -31.91 -66.37
N GLU C 250 -0.68 -32.77 -67.26
CA GLU C 250 -2.08 -32.79 -67.61
C GLU C 250 -2.97 -32.84 -66.37
N GLU C 251 -2.60 -33.68 -65.41
CA GLU C 251 -3.39 -33.87 -64.19
C GLU C 251 -3.38 -32.63 -63.32
N ARG C 252 -2.19 -32.05 -63.13
CA ARG C 252 -2.09 -30.84 -62.32
C ARG C 252 -2.86 -29.69 -62.94
N VAL C 253 -2.71 -29.50 -64.25
CA VAL C 253 -3.46 -28.46 -64.93
C VAL C 253 -4.95 -28.71 -64.75
N ASP C 254 -5.36 -29.98 -64.80
CA ASP C 254 -6.75 -30.36 -64.58
C ASP C 254 -7.25 -29.88 -63.24
N ALA C 255 -6.50 -30.17 -62.17
CA ALA C 255 -6.92 -29.82 -60.83
C ALA C 255 -6.95 -28.30 -60.64
N LEU C 256 -5.99 -27.60 -61.24
CA LEU C 256 -5.95 -26.15 -61.10
C LEU C 256 -7.14 -25.50 -61.75
N VAL C 257 -7.42 -25.84 -62.99
CA VAL C 257 -8.61 -25.31 -63.66
C VAL C 257 -9.84 -25.66 -62.84
N ALA C 258 -9.95 -26.92 -62.41
CA ALA C 258 -11.10 -27.37 -61.64
C ALA C 258 -11.24 -26.62 -60.32
N ALA C 259 -10.13 -26.16 -59.75
CA ALA C 259 -10.14 -25.33 -58.56
C ALA C 259 -10.46 -23.88 -58.85
N GLY C 260 -10.69 -23.53 -60.11
CA GLY C 260 -11.13 -22.19 -60.45
C GLY C 260 -10.02 -21.18 -60.63
N VAL C 261 -8.79 -21.63 -60.88
CA VAL C 261 -7.69 -20.71 -61.09
C VAL C 261 -8.05 -19.78 -62.25
N ASP C 262 -7.71 -18.48 -62.08
CA ASP C 262 -8.05 -17.45 -63.07
C ASP C 262 -7.10 -17.47 -64.27
N VAL C 263 -5.80 -17.70 -64.03
CA VAL C 263 -4.76 -17.73 -65.05
C VAL C 263 -3.83 -18.90 -64.75
N LEU C 264 -3.45 -19.65 -65.77
CA LEU C 264 -2.42 -20.69 -65.67
C LEU C 264 -1.12 -20.20 -66.30
N LEU C 265 -0.02 -20.27 -65.55
CA LEU C 265 1.32 -19.96 -66.05
C LEU C 265 2.03 -21.27 -66.39
N ILE C 266 2.45 -21.43 -67.65
CA ILE C 266 3.25 -22.56 -68.09
C ILE C 266 4.68 -22.04 -68.25
N ASP C 267 5.54 -22.22 -67.24
CA ASP C 267 6.82 -21.52 -67.22
C ASP C 267 7.97 -22.46 -67.60
N SER C 268 8.94 -21.91 -68.34
CA SER C 268 10.06 -22.67 -68.88
C SER C 268 11.27 -21.74 -68.91
N SER C 269 12.45 -22.33 -68.68
CA SER C 269 13.70 -21.62 -68.89
C SER C 269 13.93 -21.26 -70.35
N HIS C 270 13.21 -21.91 -71.27
CA HIS C 270 13.31 -21.67 -72.71
C HIS C 270 11.93 -21.86 -73.31
N GLY C 271 11.18 -20.76 -73.42
CA GLY C 271 9.85 -20.77 -73.99
C GLY C 271 9.79 -20.88 -75.50
N HIS C 272 10.91 -20.80 -76.21
CA HIS C 272 10.97 -21.04 -77.65
C HIS C 272 11.28 -22.50 -77.98
N SER C 273 11.35 -23.36 -76.97
CA SER C 273 11.49 -24.79 -77.16
C SER C 273 10.24 -25.34 -77.86
N GLU C 274 10.43 -26.29 -78.78
CA GLU C 274 9.27 -26.85 -79.48
C GLU C 274 8.38 -27.66 -78.56
N GLY C 275 8.97 -28.25 -77.52
CA GLY C 275 8.16 -28.97 -76.55
C GLY C 275 7.26 -28.05 -75.75
N VAL C 276 7.72 -26.81 -75.52
CA VAL C 276 6.90 -25.83 -74.81
C VAL C 276 5.75 -25.36 -75.69
N LEU C 277 6.06 -24.92 -76.91
CA LEU C 277 5.04 -24.55 -77.87
C LEU C 277 4.00 -25.66 -78.04
N GLN C 278 4.42 -26.92 -78.01
CA GLN C 278 3.47 -28.02 -78.15
C GLN C 278 2.54 -28.14 -76.95
N ARG C 279 3.07 -27.93 -75.74
CA ARG C 279 2.24 -28.10 -74.54
C ARG C 279 1.19 -27.02 -74.47
N ILE C 280 1.54 -25.81 -74.90
CA ILE C 280 0.57 -24.74 -74.94
C ILE C 280 -0.51 -25.03 -75.98
N ARG C 281 -0.11 -25.54 -77.16
CA ARG C 281 -1.13 -25.85 -78.14
C ARG C 281 -2.10 -26.88 -77.59
N GLU C 282 -1.60 -27.86 -76.83
CA GLU C 282 -2.43 -28.96 -76.32
C GLU C 282 -3.38 -28.48 -75.23
N THR C 283 -2.95 -27.50 -74.44
CA THR C 283 -3.78 -26.95 -73.37
C THR C 283 -4.84 -26.01 -73.93
N ARG C 284 -4.46 -25.25 -74.96
CA ARG C 284 -5.42 -24.41 -75.67
C ARG C 284 -6.52 -25.25 -76.33
N ALA C 285 -6.16 -26.37 -76.95
CA ALA C 285 -7.19 -27.23 -77.53
C ALA C 285 -8.12 -27.77 -76.46
N LYS C 286 -7.57 -28.21 -75.33
CA LYS C 286 -8.39 -28.78 -74.27
C LYS C 286 -9.27 -27.74 -73.59
N TYR C 287 -8.69 -26.60 -73.22
CA TYR C 287 -9.41 -25.54 -72.53
C TYR C 287 -9.46 -24.34 -73.45
N PRO C 288 -10.42 -24.30 -74.38
CA PRO C 288 -10.46 -23.18 -75.33
C PRO C 288 -10.55 -21.80 -74.68
N ASP C 289 -11.05 -21.70 -73.44
CA ASP C 289 -11.29 -20.40 -72.79
C ASP C 289 -10.28 -20.02 -71.72
N LEU C 290 -9.44 -20.93 -71.24
CA LEU C 290 -8.52 -20.64 -70.14
C LEU C 290 -7.49 -19.59 -70.55
N GLN C 291 -7.25 -18.61 -69.68
CA GLN C 291 -6.22 -17.59 -69.88
C GLN C 291 -4.84 -18.16 -69.52
N ILE C 292 -3.90 -18.16 -70.49
CA ILE C 292 -2.62 -18.86 -70.40
C ILE C 292 -1.48 -17.86 -70.62
N ILE C 293 -0.52 -17.82 -69.68
CA ILE C 293 0.74 -17.07 -69.81
C ILE C 293 1.88 -18.04 -70.13
N GLY C 294 2.67 -17.73 -71.15
CA GLY C 294 3.85 -18.52 -71.47
C GLY C 294 5.13 -17.71 -71.42
N GLY C 295 6.23 -18.38 -71.07
CA GLY C 295 7.56 -17.78 -71.11
C GLY C 295 8.59 -18.81 -70.70
N ASN C 296 9.86 -18.37 -70.63
CA ASN C 296 10.25 -17.01 -70.95
C ASN C 296 10.84 -16.94 -72.34
N VAL C 297 10.62 -15.80 -73.01
CA VAL C 297 11.27 -15.49 -74.27
C VAL C 297 11.97 -14.15 -74.13
N ALA C 298 12.80 -13.83 -75.13
CA ALA C 298 13.52 -12.57 -75.13
C ALA C 298 13.72 -12.01 -76.54
N THR C 299 12.97 -12.51 -77.54
CA THR C 299 13.05 -12.04 -78.92
C THR C 299 11.66 -11.75 -79.49
N ALA C 300 11.62 -11.01 -80.61
CA ALA C 300 10.36 -10.83 -81.33
C ALA C 300 9.81 -12.17 -81.81
N ALA C 301 10.69 -13.04 -82.26
CA ALA C 301 10.26 -14.28 -82.89
C ALA C 301 9.82 -15.31 -81.86
N GLY C 302 10.36 -15.25 -80.64
CA GLY C 302 9.81 -16.05 -79.56
C GLY C 302 8.48 -15.54 -79.07
N ALA C 303 8.31 -14.21 -78.98
CA ALA C 303 7.03 -13.64 -78.62
C ALA C 303 5.95 -14.04 -79.61
N ARG C 304 6.27 -14.03 -80.89
CA ARG C 304 5.28 -14.42 -81.89
CA ARG C 304 5.29 -14.43 -81.92
C ARG C 304 5.00 -15.92 -81.84
N ALA C 305 6.03 -16.74 -81.62
CA ALA C 305 5.83 -18.18 -81.60
C ALA C 305 4.91 -18.59 -80.45
N LEU C 306 5.03 -17.92 -79.30
CA LEU C 306 4.17 -18.19 -78.17
C LEU C 306 2.75 -17.73 -78.42
N ALA C 307 2.57 -16.52 -78.96
CA ALA C 307 1.23 -16.06 -79.26
C ALA C 307 0.56 -16.95 -80.30
N GLU C 308 1.31 -17.37 -81.32
CA GLU C 308 0.71 -18.23 -82.33
C GLU C 308 0.36 -19.61 -81.78
N ALA C 309 1.03 -20.07 -80.72
CA ALA C 309 0.66 -21.34 -80.11
C ALA C 309 -0.56 -21.22 -79.22
N GLY C 310 -0.99 -20.01 -78.91
CA GLY C 310 -2.23 -19.81 -78.18
C GLY C 310 -2.13 -19.18 -76.81
N CYS C 311 -1.10 -18.36 -76.58
CA CYS C 311 -0.96 -17.63 -75.31
C CYS C 311 -1.86 -16.40 -75.28
N SER C 312 -2.34 -16.07 -74.07
CA SER C 312 -3.08 -14.83 -73.82
C SER C 312 -2.18 -13.65 -73.46
N ALA C 313 -0.97 -13.94 -72.96
CA ALA C 313 0.02 -12.96 -72.56
C ALA C 313 1.38 -13.66 -72.58
N VAL C 314 2.44 -12.88 -72.80
CA VAL C 314 3.78 -13.41 -73.01
C VAL C 314 4.70 -12.82 -71.94
N LYS C 315 5.52 -13.67 -71.31
CA LYS C 315 6.46 -13.24 -70.28
C LYS C 315 7.86 -13.17 -70.85
N VAL C 316 8.55 -12.06 -70.59
CA VAL C 316 9.84 -11.75 -71.21
C VAL C 316 10.90 -11.72 -70.11
N GLY C 317 11.96 -12.49 -70.28
CA GLY C 317 13.05 -12.43 -69.35
C GLY C 317 13.96 -13.65 -69.45
N ILE C 318 15.05 -13.52 -70.22
CA ILE C 318 16.08 -14.57 -70.36
C ILE C 318 17.46 -13.97 -70.04
N GLY C 319 18.07 -14.41 -68.95
CA GLY C 319 19.38 -13.93 -68.56
C GLY C 319 19.40 -12.42 -68.39
N THR C 325 23.07 -16.07 -63.81
CA THR C 325 23.61 -17.43 -63.83
C THR C 325 23.46 -18.05 -65.21
N THR C 326 22.23 -18.04 -65.75
CA THR C 326 22.04 -18.56 -67.10
C THR C 326 23.06 -17.98 -68.06
N ARG C 327 23.56 -16.76 -67.79
CA ARG C 327 24.55 -16.12 -68.66
C ARG C 327 25.97 -16.67 -68.46
N ILE C 328 26.38 -16.89 -67.22
CA ILE C 328 27.75 -17.34 -67.06
C ILE C 328 27.88 -18.83 -67.34
N VAL C 329 26.81 -19.61 -67.13
CA VAL C 329 26.89 -21.05 -67.39
C VAL C 329 26.49 -21.40 -68.81
N THR C 330 25.51 -20.73 -69.41
CA THR C 330 25.14 -21.05 -70.78
C THR C 330 25.69 -20.06 -71.80
N GLY C 331 26.01 -18.83 -71.39
CA GLY C 331 26.36 -17.76 -72.31
C GLY C 331 25.18 -17.02 -72.89
N VAL C 332 23.96 -17.37 -72.50
CA VAL C 332 22.73 -16.98 -73.19
C VAL C 332 22.04 -15.89 -72.37
N GLY C 333 21.36 -14.99 -73.06
CA GLY C 333 20.56 -13.94 -72.47
C GLY C 333 20.38 -12.78 -73.42
N VAL C 334 19.39 -11.93 -73.11
CA VAL C 334 19.19 -10.63 -73.77
C VAL C 334 18.76 -9.60 -72.73
N PRO C 335 19.41 -8.43 -72.67
CA PRO C 335 19.04 -7.40 -71.69
C PRO C 335 17.59 -6.95 -71.82
N GLN C 336 17.01 -6.51 -70.69
CA GLN C 336 15.57 -6.59 -70.55
C GLN C 336 14.81 -5.51 -71.30
N ILE C 337 15.40 -4.33 -71.51
CA ILE C 337 14.66 -3.26 -72.19
C ILE C 337 14.49 -3.58 -73.68
N THR C 338 15.54 -4.13 -74.30
CA THR C 338 15.47 -4.54 -75.70
C THR C 338 14.57 -5.77 -75.90
N ALA C 339 14.71 -6.77 -75.02
CA ALA C 339 13.86 -7.95 -75.09
C ALA C 339 12.38 -7.55 -75.03
N VAL C 340 12.02 -6.66 -74.10
CA VAL C 340 10.64 -6.24 -73.93
C VAL C 340 10.16 -5.44 -75.14
N ALA C 341 10.93 -4.44 -75.57
CA ALA C 341 10.54 -3.67 -76.74
C ALA C 341 10.40 -4.56 -77.96
N ASP C 342 11.30 -5.52 -78.12
CA ASP C 342 11.24 -6.44 -79.25
C ASP C 342 9.98 -7.29 -79.19
N ALA C 343 9.67 -7.81 -78.00
CA ALA C 343 8.48 -8.62 -77.82
C ALA C 343 7.21 -7.81 -78.06
N VAL C 344 7.15 -6.57 -77.56
CA VAL C 344 5.97 -5.74 -77.71
C VAL C 344 5.76 -5.36 -79.17
N GLU C 345 6.85 -5.09 -79.89
CA GLU C 345 6.71 -4.74 -81.29
C GLU C 345 6.18 -5.90 -82.10
N ALA C 346 6.62 -7.11 -81.79
CA ALA C 346 6.16 -8.30 -82.51
C ALA C 346 4.71 -8.61 -82.22
N LEU C 347 4.18 -8.19 -81.08
CA LEU C 347 2.80 -8.47 -80.68
C LEU C 347 1.87 -7.30 -80.95
N GLU C 348 2.36 -6.22 -81.56
CA GLU C 348 1.52 -5.05 -81.80
C GLU C 348 0.27 -5.47 -82.56
N GLY C 349 -0.87 -4.94 -82.12
CA GLY C 349 -2.12 -5.22 -82.74
C GLY C 349 -2.70 -6.60 -82.46
N THR C 350 -2.02 -7.44 -81.69
CA THR C 350 -2.62 -8.72 -81.33
C THR C 350 -3.46 -8.62 -80.06
N GLY C 351 -3.34 -7.53 -79.30
CA GLY C 351 -3.99 -7.50 -78.01
C GLY C 351 -3.48 -8.53 -77.04
N ILE C 352 -2.22 -8.93 -77.18
CA ILE C 352 -1.58 -9.90 -76.30
C ILE C 352 -0.51 -9.15 -75.51
N PRO C 353 -0.69 -8.95 -74.20
CA PRO C 353 0.26 -8.12 -73.45
C PRO C 353 1.57 -8.83 -73.17
N VAL C 354 2.62 -8.03 -72.89
CA VAL C 354 3.95 -8.53 -72.55
C VAL C 354 4.18 -8.26 -71.06
N ILE C 355 4.72 -9.25 -70.35
CA ILE C 355 5.09 -9.14 -68.94
C ILE C 355 6.61 -9.10 -68.83
N ALA C 356 7.15 -8.11 -68.12
CA ALA C 356 8.58 -8.02 -67.88
C ALA C 356 8.91 -8.81 -66.62
N ASP C 357 9.78 -9.82 -66.74
CA ASP C 357 10.08 -10.72 -65.64
C ASP C 357 11.56 -10.69 -65.30
N GLY C 358 11.88 -10.27 -64.08
CA GLY C 358 13.26 -10.41 -63.64
C GLY C 358 14.10 -9.19 -63.90
N GLY C 359 15.07 -8.97 -63.01
CA GLY C 359 16.01 -7.88 -63.15
C GLY C 359 15.56 -6.54 -62.62
N ILE C 360 14.39 -6.47 -61.99
CA ILE C 360 13.78 -5.20 -61.57
C ILE C 360 14.22 -4.93 -60.13
N ARG C 361 14.97 -3.86 -59.92
CA ARG C 361 15.43 -3.57 -58.56
C ARG C 361 14.60 -2.48 -57.88
N PHE C 362 14.29 -1.38 -58.56
CA PHE C 362 13.60 -0.26 -57.92
C PHE C 362 12.29 0.03 -58.63
N SER C 363 11.55 0.98 -58.07
CA SER C 363 10.41 1.53 -58.76
C SER C 363 10.84 2.20 -60.06
N GLY C 364 12.06 2.75 -60.11
CA GLY C 364 12.57 3.25 -61.37
C GLY C 364 12.58 2.19 -62.46
N ASP C 365 12.94 0.95 -62.12
CA ASP C 365 12.98 -0.11 -63.12
C ASP C 365 11.60 -0.54 -63.58
N ILE C 366 10.60 -0.43 -62.72
CA ILE C 366 9.25 -0.78 -63.11
C ILE C 366 8.74 0.21 -64.15
N ALA C 367 8.97 1.49 -63.92
CA ALA C 367 8.51 2.49 -64.88
C ALA C 367 9.18 2.29 -66.22
N LYS C 368 10.44 1.88 -66.22
CA LYS C 368 11.16 1.67 -67.47
C LYS C 368 10.64 0.43 -68.20
N ALA C 369 10.26 -0.61 -67.45
CA ALA C 369 9.79 -1.82 -68.12
C ALA C 369 8.49 -1.54 -68.86
N ILE C 370 7.63 -0.71 -68.30
CA ILE C 370 6.33 -0.41 -68.88
C ILE C 370 6.46 0.56 -70.06
N ALA C 371 7.31 1.59 -69.92
CA ALA C 371 7.52 2.51 -71.04
C ALA C 371 8.19 1.82 -72.22
N ALA C 372 8.92 0.74 -71.96
CA ALA C 372 9.46 -0.10 -73.03
C ALA C 372 8.37 -0.93 -73.70
N GLY C 373 7.17 -0.99 -73.13
CA GLY C 373 6.03 -1.58 -73.80
C GLY C 373 5.31 -2.61 -72.98
N ALA C 374 5.87 -3.04 -71.86
CA ALA C 374 5.26 -4.10 -71.08
C ALA C 374 4.01 -3.59 -70.36
N SER C 375 2.99 -4.44 -70.29
CA SER C 375 1.74 -4.08 -69.65
C SER C 375 1.70 -4.39 -68.16
N ALA C 376 2.70 -5.10 -67.61
CA ALA C 376 2.82 -5.44 -66.20
C ALA C 376 4.22 -5.98 -65.96
N VAL C 377 4.66 -5.97 -64.70
CA VAL C 377 5.96 -6.51 -64.31
C VAL C 377 5.78 -7.60 -63.27
N MET C 378 6.59 -8.65 -63.35
CA MET C 378 6.58 -9.69 -62.33
C MET C 378 7.78 -9.51 -61.42
N VAL C 379 7.54 -9.56 -60.11
CA VAL C 379 8.57 -9.42 -59.09
C VAL C 379 8.56 -10.65 -58.17
N GLY C 380 9.71 -10.96 -57.59
CA GLY C 380 9.83 -12.14 -56.76
C GLY C 380 10.53 -11.83 -55.46
N SER C 381 11.86 -11.74 -55.52
CA SER C 381 12.68 -11.46 -54.33
C SER C 381 12.25 -10.17 -53.63
N MET C 382 11.68 -9.22 -54.38
CA MET C 382 11.22 -7.97 -53.79
C MET C 382 10.15 -8.24 -52.73
N LEU C 383 9.35 -9.29 -52.92
CA LEU C 383 8.27 -9.66 -52.00
C LEU C 383 8.60 -10.80 -51.05
N ALA C 384 9.78 -11.40 -51.17
CA ALA C 384 10.18 -12.42 -50.21
C ALA C 384 10.58 -11.75 -48.92
N GLY C 385 10.17 -12.32 -47.80
CA GLY C 385 10.41 -11.71 -46.52
C GLY C 385 9.29 -10.83 -46.01
N THR C 386 8.29 -10.51 -46.85
CA THR C 386 7.12 -9.81 -46.36
C THR C 386 6.35 -10.70 -45.38
N GLU C 387 5.56 -10.05 -44.52
CA GLU C 387 4.70 -10.77 -43.58
C GLU C 387 3.97 -11.91 -44.26
N GLU C 388 3.36 -11.64 -45.42
CA GLU C 388 2.46 -12.57 -46.08
C GLU C 388 3.17 -13.63 -46.91
N SER C 389 4.47 -13.50 -47.20
CA SER C 389 5.18 -14.50 -47.97
C SER C 389 5.36 -15.75 -47.09
N PRO C 390 5.74 -16.89 -47.67
CA PRO C 390 5.92 -18.09 -46.85
C PRO C 390 7.12 -17.95 -45.90
N GLY C 391 7.13 -18.78 -44.87
CA GLY C 391 8.19 -18.77 -43.87
C GLY C 391 7.70 -18.27 -42.52
N GLU C 392 8.46 -18.62 -41.49
CA GLU C 392 8.12 -18.17 -40.14
C GLU C 392 9.08 -17.08 -39.72
N ILE C 393 8.53 -16.10 -39.00
CA ILE C 393 9.35 -15.01 -38.53
C ILE C 393 10.26 -15.52 -37.43
N GLU C 394 11.54 -15.18 -37.53
CA GLU C 394 12.57 -15.56 -36.57
C GLU C 394 13.36 -14.31 -36.19
N LEU C 395 13.68 -14.17 -34.90
CA LEU C 395 14.61 -13.15 -34.44
C LEU C 395 16.01 -13.76 -34.38
N TYR C 396 17.00 -13.09 -35.00
CA TYR C 396 18.37 -13.62 -34.98
C TYR C 396 19.38 -12.49 -35.01
N GLN C 397 20.19 -12.41 -33.92
CA GLN C 397 21.23 -11.38 -33.75
C GLN C 397 20.65 -9.97 -33.86
N GLY C 398 19.57 -9.74 -33.12
CA GLY C 398 18.92 -8.44 -33.06
C GLY C 398 18.21 -8.02 -34.33
N ARG C 399 17.80 -8.95 -35.17
CA ARG C 399 17.20 -8.62 -36.46
C ARG C 399 16.07 -9.61 -36.76
N SER C 400 15.06 -9.18 -37.53
CA SER C 400 13.91 -10.01 -37.86
C SER C 400 14.00 -10.61 -39.26
N TYR C 401 13.66 -11.90 -39.36
CA TYR C 401 13.77 -12.64 -40.61
C TYR C 401 12.56 -13.55 -40.75
N LYS C 402 12.36 -14.06 -41.96
CA LYS C 402 11.51 -15.21 -42.20
C LYS C 402 12.42 -16.41 -42.41
N SER C 403 12.30 -17.40 -41.54
CA SER C 403 13.03 -18.64 -41.65
C SER C 403 12.14 -19.71 -42.26
N TYR C 404 12.76 -20.66 -42.96
CA TYR C 404 12.04 -21.76 -43.60
C TYR C 404 12.47 -23.13 -43.04
N GLY C 438 19.05 -20.06 -43.88
CA GLY C 438 17.75 -19.97 -44.55
C GLY C 438 16.94 -18.81 -44.03
N ARG C 439 17.55 -17.62 -44.10
CA ARG C 439 17.06 -16.43 -43.43
C ARG C 439 16.99 -15.27 -44.40
N VAL C 440 15.78 -14.83 -44.73
CA VAL C 440 15.53 -13.65 -45.54
C VAL C 440 15.05 -12.53 -44.62
N ALA C 441 15.55 -11.32 -44.84
CA ALA C 441 15.17 -10.18 -44.01
C ALA C 441 13.66 -9.97 -44.02
N TYR C 442 13.11 -9.64 -42.86
CA TYR C 442 11.70 -9.39 -42.74
C TYR C 442 11.40 -7.98 -43.25
N LYS C 443 10.36 -7.87 -44.08
CA LYS C 443 10.10 -6.66 -44.84
C LYS C 443 8.79 -5.99 -44.47
N GLY C 444 8.00 -6.56 -43.57
CA GLY C 444 6.74 -5.96 -43.17
C GLY C 444 5.56 -6.44 -44.00
N ARG C 445 4.49 -5.65 -43.97
CA ARG C 445 3.28 -6.01 -44.69
C ARG C 445 3.40 -5.69 -46.18
N LEU C 446 2.81 -6.55 -46.99
CA LEU C 446 2.91 -6.43 -48.44
C LEU C 446 2.39 -5.09 -48.92
N LYS C 447 1.43 -4.51 -48.18
CA LYS C 447 0.76 -3.30 -48.63
C LYS C 447 1.72 -2.12 -48.75
N GLU C 448 2.71 -2.06 -47.87
CA GLU C 448 3.58 -0.88 -47.83
C GLU C 448 4.66 -0.93 -48.93
N ILE C 449 5.03 -2.12 -49.40
CA ILE C 449 5.95 -2.19 -50.52
C ILE C 449 5.25 -1.76 -51.79
N ILE C 450 4.02 -2.23 -51.99
CA ILE C 450 3.23 -1.84 -53.16
C ILE C 450 3.12 -0.33 -53.23
N HIS C 451 2.75 0.28 -52.11
CA HIS C 451 2.58 1.73 -52.05
C HIS C 451 3.86 2.46 -52.46
N GLN C 452 5.00 1.95 -51.99
CA GLN C 452 6.29 2.58 -52.29
C GLN C 452 6.62 2.44 -53.77
N GLN C 453 6.46 1.23 -54.31
CA GLN C 453 6.79 0.97 -55.70
C GLN C 453 5.82 1.67 -56.64
N MET C 454 4.55 1.75 -56.23
CA MET C 454 3.52 2.41 -57.01
C MET C 454 3.59 3.91 -56.84
N GLY C 455 4.01 4.37 -55.67
CA GLY C 455 4.31 5.76 -55.50
C GLY C 455 5.44 6.22 -56.40
N GLY C 456 6.47 5.38 -56.57
CA GLY C 456 7.55 5.75 -57.46
C GLY C 456 7.13 5.68 -58.91
N LEU C 457 6.26 4.74 -59.23
CA LEU C 457 5.70 4.67 -60.56
C LEU C 457 4.78 5.85 -60.83
N ARG C 458 3.95 6.22 -59.85
CA ARG C 458 3.05 7.35 -60.02
C ARG C 458 3.81 8.66 -60.20
N SER C 459 4.87 8.84 -59.44
CA SER C 459 5.67 10.04 -59.58
C SER C 459 6.37 10.09 -60.94
N CYS C 460 6.78 8.94 -61.47
CA CYS C 460 7.31 8.88 -62.83
C CYS C 460 6.26 9.18 -63.90
N MET C 461 5.01 8.76 -63.71
CA MET C 461 3.99 9.12 -64.68
C MET C 461 3.66 10.60 -64.61
N GLY C 462 3.75 11.20 -63.43
CA GLY C 462 3.58 12.64 -63.36
C GLY C 462 4.69 13.37 -64.08
N LEU C 463 5.92 12.85 -63.99
CA LEU C 463 7.06 13.49 -64.64
C LEU C 463 6.96 13.41 -66.15
N THR C 464 6.55 12.25 -66.67
CA THR C 464 6.41 12.00 -68.09
C THR C 464 5.10 12.54 -68.67
N GLY C 465 4.17 12.96 -67.84
CA GLY C 465 2.87 13.40 -68.33
C GLY C 465 2.03 12.27 -68.84
N CYS C 466 2.27 11.05 -68.40
CA CYS C 466 1.51 9.89 -68.84
C CYS C 466 0.46 9.56 -67.79
N GLY C 467 -0.81 9.59 -68.18
CA GLY C 467 -1.89 9.46 -67.24
C GLY C 467 -2.39 8.04 -67.01
N THR C 468 -2.07 7.13 -67.92
CA THR C 468 -2.47 5.74 -67.82
C THR C 468 -1.27 4.87 -68.13
N ILE C 469 -1.43 3.56 -67.92
CA ILE C 469 -0.36 2.62 -68.24
C ILE C 469 -0.15 2.57 -69.75
N ASP C 470 -1.24 2.57 -70.52
CA ASP C 470 -1.13 2.47 -71.97
C ASP C 470 -0.46 3.68 -72.57
N GLU C 471 -0.58 4.83 -71.92
CA GLU C 471 0.17 6.01 -72.37
C GLU C 471 1.66 5.88 -72.06
N LEU C 472 1.98 5.43 -70.85
CA LEU C 472 3.38 5.22 -70.51
C LEU C 472 4.00 4.20 -71.44
N ARG C 473 3.25 3.16 -71.79
CA ARG C 473 3.70 2.12 -72.70
C ARG C 473 3.94 2.61 -74.12
N THR C 474 3.28 3.69 -74.54
CA THR C 474 3.34 4.09 -75.94
C THR C 474 3.86 5.50 -76.16
N LYS C 475 3.84 6.35 -75.14
CA LYS C 475 4.27 7.74 -75.33
C LYS C 475 5.61 8.05 -74.73
N ALA C 476 5.94 7.46 -73.59
CA ALA C 476 7.16 7.81 -72.88
C ALA C 476 8.36 7.55 -73.76
N GLU C 477 9.29 8.49 -73.75
CA GLU C 477 10.55 8.36 -74.46
C GLU C 477 11.71 8.16 -73.51
N PHE C 478 12.75 7.54 -74.04
CA PHE C 478 13.97 7.24 -73.33
C PHE C 478 15.07 8.15 -73.85
N VAL C 479 16.07 8.34 -73.02
CA VAL C 479 17.37 8.80 -73.48
C VAL C 479 18.37 7.70 -73.14
N ARG C 480 19.40 7.58 -73.95
CA ARG C 480 20.43 6.57 -73.76
C ARG C 480 21.62 7.21 -73.05
N ILE C 481 22.04 6.65 -71.92
CA ILE C 481 23.07 7.22 -71.07
C ILE C 481 24.32 6.35 -71.04
N SER C 482 25.46 6.95 -70.67
CA SER C 482 26.73 6.25 -70.58
C SER C 482 27.01 5.75 -69.16
N GLY C 483 28.14 5.05 -69.03
CA GLY C 483 28.54 4.51 -67.74
C GLY C 483 28.72 5.59 -66.68
N ALA C 484 29.37 6.70 -67.05
CA ALA C 484 29.63 7.83 -66.15
C ALA C 484 28.36 8.44 -65.54
N HIS D 20 -39.54 -15.73 80.18
CA HIS D 20 -38.87 -15.43 81.45
C HIS D 20 -37.67 -14.54 81.18
N MET D 21 -37.83 -13.25 81.48
CA MET D 21 -36.79 -12.24 81.30
C MET D 21 -36.29 -12.10 79.86
N LEU D 22 -36.52 -10.91 79.30
CA LEU D 22 -35.91 -10.50 78.03
C LEU D 22 -34.40 -10.48 78.22
N ARG D 23 -33.69 -11.38 77.52
CA ARG D 23 -32.27 -11.59 77.77
C ARG D 23 -31.44 -10.58 77.00
N ILE D 24 -31.33 -9.38 77.55
CA ILE D 24 -30.52 -8.32 76.95
C ILE D 24 -29.12 -8.36 77.57
N ALA D 25 -28.13 -8.72 76.75
CA ALA D 25 -26.79 -8.88 77.30
C ALA D 25 -26.18 -7.53 77.67
N LYS D 26 -26.44 -6.50 76.87
CA LYS D 26 -25.83 -5.19 77.09
C LYS D 26 -26.40 -4.20 76.07
N GLU D 27 -25.93 -2.96 76.19
CA GLU D 27 -26.09 -1.93 75.17
C GLU D 27 -24.90 -2.01 74.21
N ALA D 28 -25.14 -1.67 72.95
CA ALA D 28 -24.07 -1.74 71.97
C ALA D 28 -24.08 -0.47 71.15
N LEU D 29 -22.90 0.00 70.77
CA LEU D 29 -22.74 1.30 70.14
C LEU D 29 -22.20 1.18 68.74
N THR D 30 -22.61 2.10 67.87
CA THR D 30 -22.07 2.08 66.52
C THR D 30 -21.09 3.23 66.40
N PHE D 31 -20.64 3.49 65.17
CA PHE D 31 -19.75 4.61 64.89
C PHE D 31 -20.45 5.93 65.12
N ASP D 32 -21.70 6.02 64.69
CA ASP D 32 -22.42 7.27 64.80
C ASP D 32 -22.64 7.67 66.26
N ASP D 33 -22.55 6.72 67.19
CA ASP D 33 -22.91 6.96 68.58
C ASP D 33 -21.83 7.67 69.38
N VAL D 34 -20.61 7.78 68.84
CA VAL D 34 -19.45 8.24 69.59
C VAL D 34 -18.62 9.19 68.73
N LEU D 35 -17.95 10.13 69.39
CA LEU D 35 -16.96 10.98 68.74
C LEU D 35 -15.67 10.93 69.55
N LEU D 36 -14.56 11.09 68.85
CA LEU D 36 -13.26 11.13 69.53
C LEU D 36 -13.05 12.51 70.13
N VAL D 37 -12.41 12.52 71.29
CA VAL D 37 -12.14 13.77 72.00
C VAL D 37 -10.79 14.30 71.53
N PRO D 38 -10.69 15.58 71.16
CA PRO D 38 -9.38 16.15 70.84
C PRO D 38 -8.50 16.29 72.08
N ALA D 39 -7.20 16.08 71.93
CA ALA D 39 -6.29 16.13 73.06
C ALA D 39 -5.16 17.09 72.79
N HIS D 40 -4.41 17.40 73.84
CA HIS D 40 -3.16 18.08 73.64
C HIS D 40 -2.27 17.26 72.73
N SER D 41 -1.61 17.95 71.81
CA SER D 41 -1.00 17.22 70.72
C SER D 41 0.26 17.92 70.28
N THR D 42 1.36 17.15 70.20
CA THR D 42 2.56 17.57 69.52
C THR D 42 2.69 16.89 68.16
N VAL D 43 1.59 16.32 67.65
CA VAL D 43 1.61 15.48 66.45
C VAL D 43 1.22 16.36 65.26
N LEU D 44 2.12 16.47 64.28
CA LEU D 44 1.73 16.98 62.97
C LEU D 44 1.08 15.86 62.17
N PRO D 45 -0.08 16.10 61.55
CA PRO D 45 -0.72 15.01 60.79
C PRO D 45 0.22 14.32 59.81
N ASN D 46 1.16 15.05 59.21
CA ASN D 46 2.06 14.46 58.24
C ASN D 46 3.27 13.77 58.88
N THR D 47 3.38 13.81 60.21
CA THR D 47 4.40 13.09 60.94
C THR D 47 3.86 11.88 61.70
N ALA D 48 2.54 11.69 61.74
CA ALA D 48 1.95 10.53 62.38
C ALA D 48 2.48 9.24 61.73
N ASP D 49 2.83 8.27 62.57
CA ASP D 49 3.31 6.98 62.12
C ASP D 49 2.11 6.07 61.92
N LEU D 50 1.89 5.64 60.68
CA LEU D 50 0.74 4.80 60.34
C LEU D 50 1.04 3.30 60.37
N SER D 51 2.25 2.86 60.74
CA SER D 51 2.56 1.45 60.69
C SER D 51 1.95 0.73 61.88
N THR D 52 1.68 -0.57 61.71
CA THR D 52 0.95 -1.36 62.68
C THR D 52 1.14 -2.85 62.40
N GLN D 53 0.99 -3.67 63.44
CA GLN D 53 1.14 -5.12 63.29
C GLN D 53 -0.17 -5.75 62.87
N LEU D 54 -0.13 -6.50 61.76
CA LEU D 54 -1.27 -7.31 61.34
C LEU D 54 -1.30 -8.67 62.06
N THR D 55 -0.18 -9.37 62.10
CA THR D 55 0.03 -10.47 63.02
C THR D 55 1.31 -10.19 63.77
N LYS D 56 1.72 -11.14 64.61
CA LYS D 56 2.94 -10.95 65.38
C LYS D 56 4.12 -10.77 64.46
N THR D 57 4.09 -11.41 63.30
CA THR D 57 5.23 -11.48 62.41
C THR D 57 5.14 -10.56 61.21
N ILE D 58 3.98 -9.94 60.96
CA ILE D 58 3.76 -9.11 59.77
C ILE D 58 3.43 -7.68 60.19
N ARG D 59 4.17 -6.71 59.68
CA ARG D 59 3.95 -5.30 59.96
C ARG D 59 3.51 -4.61 58.69
N LEU D 60 2.40 -3.88 58.77
CA LEU D 60 1.90 -3.04 57.70
C LEU D 60 2.40 -1.61 57.83
N ASN D 61 2.44 -0.93 56.70
CA ASN D 61 2.85 0.46 56.72
C ASN D 61 1.67 1.42 56.77
N ILE D 62 0.51 1.03 56.24
CA ILE D 62 -0.74 1.76 56.48
C ILE D 62 -1.68 0.71 57.06
N PRO D 63 -2.64 1.08 57.87
CA PRO D 63 -3.54 0.09 58.50
C PRO D 63 -4.74 -0.34 57.65
N MET D 64 -4.48 -0.77 56.41
CA MET D 64 -5.55 -1.08 55.46
C MET D 64 -5.36 -2.40 54.72
N LEU D 65 -6.46 -3.17 54.63
CA LEU D 65 -6.60 -4.39 53.87
C LEU D 65 -7.78 -4.27 52.91
N SER D 66 -7.68 -4.91 51.74
CA SER D 66 -8.74 -4.94 50.73
C SER D 66 -9.45 -6.30 50.75
N ALA D 67 -10.78 -6.27 50.64
CA ALA D 67 -11.63 -7.43 50.86
C ALA D 67 -11.55 -8.44 49.72
N ALA D 68 -11.66 -9.72 50.06
CA ALA D 68 -11.59 -10.80 49.08
C ALA D 68 -12.89 -10.89 48.28
N MET D 69 -13.23 -9.78 47.63
CA MET D 69 -14.42 -9.71 46.82
C MET D 69 -14.03 -9.79 45.35
N ASP D 70 -14.87 -10.43 44.54
CA ASP D 70 -14.51 -10.56 43.12
C ASP D 70 -14.64 -9.24 42.35
N THR D 71 -15.23 -8.20 42.94
CA THR D 71 -15.30 -6.86 42.34
C THR D 71 -14.21 -5.91 42.86
N VAL D 72 -13.29 -6.41 43.70
CA VAL D 72 -12.35 -5.57 44.44
C VAL D 72 -10.92 -6.06 44.25
N THR D 73 -10.62 -7.28 44.72
CA THR D 73 -9.22 -7.73 44.84
C THR D 73 -8.89 -8.89 43.90
N GLU D 74 -8.03 -8.61 42.92
CA GLU D 74 -7.27 -9.62 42.22
C GLU D 74 -5.83 -9.12 42.28
N ALA D 75 -4.96 -9.66 41.41
CA ALA D 75 -3.53 -9.39 41.54
C ALA D 75 -3.19 -7.91 41.33
N ARG D 76 -3.86 -7.26 40.37
CA ARG D 76 -3.52 -5.88 40.03
C ARG D 76 -3.73 -4.94 41.21
N LEU D 77 -4.85 -5.10 41.91
CA LEU D 77 -5.15 -4.24 43.05
C LEU D 77 -4.28 -4.62 44.24
N ALA D 78 -4.05 -5.91 44.44
CA ALA D 78 -3.21 -6.35 45.55
C ALA D 78 -1.78 -5.81 45.44
N ILE D 79 -1.26 -5.68 44.22
CA ILE D 79 0.07 -5.09 44.03
C ILE D 79 0.01 -3.61 44.34
N ALA D 80 -0.99 -2.92 43.78
CA ALA D 80 -1.14 -1.48 43.99
C ALA D 80 -1.25 -1.15 45.48
N LEU D 81 -1.92 -2.00 46.25
CA LEU D 81 -2.10 -1.75 47.66
C LEU D 81 -0.86 -2.11 48.48
N ALA D 82 -0.22 -3.26 48.20
CA ALA D 82 1.03 -3.56 48.90
C ALA D 82 2.06 -2.46 48.69
N GLN D 83 2.04 -1.82 47.52
CA GLN D 83 2.96 -0.74 47.20
C GLN D 83 2.64 0.54 47.96
N GLU D 84 1.44 0.64 48.53
CA GLU D 84 1.06 1.73 49.42
C GLU D 84 1.18 1.39 50.90
N GLY D 85 1.45 0.14 51.27
CA GLY D 85 1.69 -0.19 52.65
C GLY D 85 0.71 -1.16 53.26
N GLY D 86 -0.38 -1.52 52.57
CA GLY D 86 -1.30 -2.52 53.03
C GLY D 86 -1.10 -3.86 52.35
N ILE D 87 -2.11 -4.73 52.47
CA ILE D 87 -2.12 -6.05 51.84
C ILE D 87 -3.50 -6.27 51.22
N GLY D 88 -3.57 -6.98 50.10
CA GLY D 88 -4.84 -7.34 49.48
C GLY D 88 -5.04 -8.84 49.52
N PHE D 89 -6.31 -9.27 49.60
CA PHE D 89 -6.68 -10.68 49.68
C PHE D 89 -7.39 -11.17 48.41
N ILE D 90 -6.73 -12.05 47.65
CA ILE D 90 -7.31 -12.55 46.41
C ILE D 90 -8.56 -13.35 46.73
N HIS D 91 -9.66 -12.99 46.09
CA HIS D 91 -10.92 -13.67 46.33
C HIS D 91 -10.84 -15.11 45.82
N LYS D 92 -11.70 -15.97 46.39
CA LYS D 92 -11.72 -17.40 46.10
C LYS D 92 -12.66 -17.75 44.94
N ASN D 93 -13.30 -16.78 44.31
CA ASN D 93 -14.27 -17.09 43.27
C ASN D 93 -13.53 -17.25 41.96
N MET D 94 -12.53 -18.14 41.93
CA MET D 94 -11.84 -18.54 40.71
C MET D 94 -11.23 -19.92 40.94
N SER D 95 -10.65 -20.50 39.90
CA SER D 95 -10.08 -21.83 40.04
C SER D 95 -8.87 -21.80 40.98
N ILE D 96 -8.52 -22.98 41.51
CA ILE D 96 -7.37 -23.06 42.40
C ILE D 96 -6.10 -22.64 41.66
N GLU D 97 -6.02 -22.99 40.38
CA GLU D 97 -4.82 -22.68 39.60
C GLU D 97 -4.76 -21.19 39.30
N ARG D 98 -5.93 -20.56 39.18
CA ARG D 98 -5.97 -19.11 38.96
C ARG D 98 -5.61 -18.36 40.23
N GLN D 99 -6.23 -18.72 41.36
CA GLN D 99 -5.94 -18.05 42.61
C GLN D 99 -4.47 -18.21 43.01
N ALA D 100 -3.90 -19.40 42.79
CA ALA D 100 -2.48 -19.59 43.10
C ALA D 100 -1.60 -18.82 42.12
N GLU D 101 -2.07 -18.57 40.89
CA GLU D 101 -1.30 -17.75 39.96
C GLU D 101 -1.37 -16.28 40.34
N GLU D 102 -2.53 -15.83 40.84
CA GLU D 102 -2.66 -14.44 41.29
C GLU D 102 -1.73 -14.14 42.46
N VAL D 103 -1.62 -15.07 43.41
CA VAL D 103 -0.68 -14.90 44.52
C VAL D 103 0.75 -14.82 44.02
N ARG D 104 1.12 -15.67 43.05
CA ARG D 104 2.50 -15.68 42.57
C ARG D 104 2.82 -14.38 41.84
N ARG D 105 1.86 -13.86 41.09
CA ARG D 105 2.03 -12.59 40.39
C ARG D 105 2.42 -11.46 41.35
N VAL D 106 1.77 -11.38 42.52
CA VAL D 106 2.09 -10.32 43.49
C VAL D 106 3.47 -10.55 44.09
N LYS D 107 3.80 -11.79 44.47
CA LYS D 107 5.06 -12.04 45.15
C LYS D 107 6.24 -11.78 44.25
N LYS D 108 6.06 -11.99 42.96
CA LYS D 108 7.12 -11.86 41.97
C LYS D 108 7.13 -10.49 41.29
N HIS D 109 6.22 -9.60 41.65
CA HIS D 109 6.09 -8.37 40.89
C HIS D 109 7.26 -7.43 41.18
N GLU D 110 7.94 -7.03 40.11
CA GLU D 110 8.93 -5.96 40.18
C GLU D 110 8.90 -5.28 38.82
N SER D 111 8.45 -4.03 38.81
CA SER D 111 8.26 -3.37 37.52
C SER D 111 9.58 -2.97 36.88
N ALA D 112 10.72 -3.04 37.60
CA ALA D 112 12.03 -2.75 37.02
C ALA D 112 12.52 -3.83 36.05
N ILE D 113 11.94 -5.04 36.10
CA ILE D 113 12.37 -6.13 35.22
C ILE D 113 11.54 -6.09 33.95
N VAL D 114 12.20 -6.07 32.81
CA VAL D 114 11.55 -6.28 31.52
C VAL D 114 11.32 -7.77 31.34
N ARG D 115 10.09 -8.14 30.97
CA ARG D 115 9.61 -9.48 31.25
C ARG D 115 9.64 -10.42 30.05
N ASP D 116 9.33 -9.95 28.84
CA ASP D 116 9.30 -10.81 27.66
C ASP D 116 10.32 -10.34 26.63
N PRO D 117 11.60 -10.59 26.86
CA PRO D 117 12.61 -10.23 25.86
C PRO D 117 12.65 -11.21 24.71
N VAL D 118 13.08 -10.69 23.56
CA VAL D 118 13.25 -11.53 22.37
C VAL D 118 14.47 -12.41 22.55
N THR D 119 14.28 -13.73 22.41
CA THR D 119 15.31 -14.73 22.59
C THR D 119 15.60 -15.46 21.28
N VAL D 120 16.82 -15.99 21.15
CA VAL D 120 17.15 -16.93 20.09
C VAL D 120 17.40 -18.30 20.72
N THR D 121 17.66 -19.30 19.89
CA THR D 121 18.05 -20.61 20.38
C THR D 121 19.42 -20.89 19.79
N PRO D 122 20.17 -21.85 20.32
CA PRO D 122 21.45 -22.21 19.70
C PRO D 122 21.30 -22.63 18.24
N SER D 123 20.10 -23.07 17.85
CA SER D 123 19.74 -23.50 16.51
C SER D 123 19.49 -22.34 15.54
N THR D 124 19.33 -21.10 16.05
CA THR D 124 18.97 -19.97 15.20
C THR D 124 20.08 -19.66 14.21
N LYS D 125 19.72 -19.54 12.94
CA LYS D 125 20.70 -19.15 11.94
C LYS D 125 21.16 -17.73 12.21
N ILE D 126 22.42 -17.47 11.86
CA ILE D 126 22.96 -16.11 11.98
C ILE D 126 22.19 -15.15 11.09
N ILE D 127 21.61 -15.66 10.01
CA ILE D 127 20.90 -14.79 9.08
C ILE D 127 19.60 -14.30 9.69
N GLU D 128 18.86 -15.19 10.36
CA GLU D 128 17.66 -14.74 11.05
C GLU D 128 18.02 -13.75 12.16
N LEU D 129 19.16 -13.99 12.80
CA LEU D 129 19.64 -13.13 13.88
C LEU D 129 19.90 -11.71 13.38
N LEU D 130 20.56 -11.58 12.23
CA LEU D 130 20.75 -10.27 11.63
C LEU D 130 19.44 -9.62 11.25
N GLN D 131 18.49 -10.41 10.76
CA GLN D 131 17.16 -9.87 10.50
C GLN D 131 16.56 -9.28 11.77
N MET D 132 16.78 -9.97 12.89
CA MET D 132 16.17 -9.55 14.14
C MET D 132 16.88 -8.31 14.69
N ALA D 133 18.20 -8.27 14.52
CA ALA D 133 19.01 -7.16 14.99
C ALA D 133 18.66 -5.87 14.28
N ARG D 134 18.15 -5.96 13.05
CA ARG D 134 17.66 -4.77 12.38
C ARG D 134 16.36 -4.29 13.01
N GLU D 135 15.59 -5.20 13.60
CA GLU D 135 14.35 -4.83 14.25
C GLU D 135 14.53 -4.47 15.72
N TYR D 136 15.44 -5.14 16.43
CA TYR D 136 15.59 -4.98 17.86
C TYR D 136 16.95 -4.48 18.29
N GLY D 137 17.85 -4.25 17.37
CA GLY D 137 19.18 -3.85 17.75
C GLY D 137 19.99 -5.04 18.18
N PHE D 138 21.26 -4.76 18.50
CA PHE D 138 22.23 -5.80 18.84
C PHE D 138 22.72 -5.72 20.27
N SER D 139 21.97 -5.08 21.16
CA SER D 139 22.40 -4.98 22.55
C SER D 139 22.58 -6.34 23.21
N GLY D 140 21.79 -7.34 22.80
CA GLY D 140 22.03 -8.70 23.24
C GLY D 140 20.79 -9.56 23.17
N PHE D 141 20.84 -10.65 22.39
CA PHE D 141 19.73 -11.58 22.32
C PHE D 141 20.00 -12.74 23.24
N PRO D 142 19.14 -13.01 24.22
CA PRO D 142 19.32 -14.21 25.05
C PRO D 142 19.16 -15.50 24.25
N VAL D 143 20.09 -16.42 24.43
CA VAL D 143 20.01 -17.72 23.78
C VAL D 143 19.41 -18.71 24.76
N VAL D 144 18.22 -19.21 24.43
CA VAL D 144 17.45 -20.07 25.32
C VAL D 144 17.23 -21.40 24.60
N GLU D 145 17.40 -22.48 25.35
CA GLU D 145 16.99 -23.80 24.89
C GLU D 145 16.06 -24.42 25.93
N GLN D 146 14.79 -24.56 25.57
CA GLN D 146 13.75 -25.19 26.40
C GLN D 146 13.36 -24.32 27.59
N GLY D 147 13.81 -23.07 27.65
CA GLY D 147 13.61 -22.20 28.79
C GLY D 147 14.85 -21.98 29.63
N GLU D 148 15.84 -22.89 29.54
CA GLU D 148 17.11 -22.75 30.25
C GLU D 148 18.03 -21.81 29.52
N LEU D 149 18.47 -20.76 30.21
CA LEU D 149 19.40 -19.80 29.66
C LEU D 149 20.76 -20.45 29.45
N VAL D 150 21.28 -20.39 28.22
CA VAL D 150 22.52 -21.07 27.86
C VAL D 150 23.56 -20.15 27.23
N GLY D 151 23.26 -18.88 27.04
CA GLY D 151 24.22 -17.95 26.48
C GLY D 151 23.54 -16.69 25.99
N ILE D 152 24.33 -15.81 25.39
CA ILE D 152 23.82 -14.57 24.78
C ILE D 152 24.66 -14.25 23.55
N VAL D 153 24.08 -13.49 22.63
CA VAL D 153 24.81 -13.07 21.42
C VAL D 153 24.58 -11.57 21.20
N THR D 154 25.65 -10.79 21.30
CA THR D 154 25.67 -9.35 21.07
C THR D 154 26.29 -9.05 19.72
N GLY D 155 26.19 -7.80 19.29
CA GLY D 155 26.80 -7.41 18.03
C GLY D 155 28.31 -7.51 18.07
N ARG D 156 28.88 -7.54 19.27
CA ARG D 156 30.32 -7.74 19.37
C ARG D 156 30.69 -9.18 19.06
N ASP D 157 29.86 -10.14 19.47
CA ASP D 157 30.13 -11.56 19.28
C ASP D 157 30.14 -11.98 17.83
N LEU D 158 29.54 -11.19 16.96
CA LEU D 158 29.37 -11.57 15.57
C LEU D 158 30.61 -11.26 14.73
N ARG D 159 31.33 -10.17 15.02
CA ARG D 159 32.42 -9.62 14.19
C ARG D 159 33.43 -10.67 13.70
N VAL D 160 33.20 -11.09 12.44
CA VAL D 160 33.86 -12.07 11.58
C VAL D 160 32.76 -12.44 10.58
N LYS D 161 33.04 -12.31 9.28
CA LYS D 161 31.99 -12.50 8.29
C LYS D 161 31.42 -13.91 8.35
N PRO D 162 30.12 -14.05 8.57
CA PRO D 162 29.53 -15.39 8.69
C PRO D 162 29.56 -16.13 7.37
N ASN D 163 29.71 -17.46 7.48
CA ASN D 163 29.54 -18.34 6.34
C ASN D 163 28.06 -18.75 6.25
N ALA D 164 27.77 -19.62 5.28
CA ALA D 164 26.38 -19.98 5.00
C ALA D 164 25.85 -20.97 6.04
N GLY D 165 24.62 -20.75 6.47
CA GLY D 165 24.01 -21.62 7.46
C GLY D 165 24.72 -21.67 8.78
N ASP D 166 25.41 -20.59 9.17
CA ASP D 166 26.00 -20.55 10.49
C ASP D 166 24.93 -20.37 11.56
N THR D 167 25.19 -20.99 12.71
CA THR D 167 24.34 -20.98 13.88
C THR D 167 24.90 -20.01 14.92
N VAL D 168 24.04 -19.58 15.85
CA VAL D 168 24.49 -18.67 16.91
C VAL D 168 25.31 -19.40 17.95
N ALA D 169 25.16 -20.73 18.02
CA ALA D 169 25.91 -21.53 18.99
C ALA D 169 27.41 -21.36 18.81
N ALA D 170 27.85 -21.13 17.57
CA ALA D 170 29.28 -20.92 17.29
C ALA D 170 29.83 -19.66 17.97
N ILE D 171 29.10 -18.53 17.89
CA ILE D 171 29.65 -17.22 18.22
C ILE D 171 29.17 -16.69 19.55
N MET D 172 28.26 -17.38 20.22
CA MET D 172 27.60 -16.82 21.38
C MET D 172 28.56 -16.75 22.56
N THR D 173 28.19 -15.95 23.56
CA THR D 173 28.93 -15.94 24.83
C THR D 173 28.42 -17.05 25.73
N PRO D 174 29.30 -17.91 26.26
CA PRO D 174 28.81 -19.08 26.98
C PRO D 174 28.19 -18.70 28.31
N LYS D 175 27.54 -19.70 28.90
CA LYS D 175 26.86 -19.56 30.18
C LYS D 175 27.80 -19.10 31.28
N ASP D 176 29.01 -19.64 31.30
CA ASP D 176 29.91 -19.36 32.42
C ASP D 176 30.48 -17.96 32.38
N LYS D 177 30.50 -17.35 31.20
CA LYS D 177 31.02 -16.02 31.03
C LYS D 177 29.94 -14.96 31.14
N LEU D 178 28.76 -15.33 31.62
CA LEU D 178 27.66 -14.41 31.75
C LEU D 178 27.63 -13.77 33.12
N VAL D 179 27.16 -12.53 33.17
CA VAL D 179 26.86 -11.83 34.42
C VAL D 179 25.35 -11.81 34.55
N THR D 180 24.80 -12.48 35.56
CA THR D 180 23.36 -12.53 35.81
C THR D 180 23.04 -12.17 37.26
N ALA D 181 21.74 -12.02 37.54
CA ALA D 181 21.24 -11.68 38.87
C ALA D 181 19.99 -12.48 39.19
N ARG D 182 19.89 -12.93 40.43
CA ARG D 182 18.75 -13.73 40.86
C ARG D 182 17.53 -12.84 41.10
N GLU D 183 16.35 -13.35 40.73
CA GLU D 183 15.08 -12.68 41.02
C GLU D 183 14.92 -12.49 42.53
N GLY D 184 14.53 -11.28 42.94
CA GLY D 184 14.48 -10.89 44.34
C GLY D 184 15.67 -10.07 44.82
N THR D 185 16.75 -9.98 44.03
CA THR D 185 17.92 -9.17 44.39
C THR D 185 17.52 -7.71 44.54
N PRO D 186 17.90 -7.05 45.63
CA PRO D 186 17.59 -5.62 45.77
C PRO D 186 18.06 -4.83 44.56
N LEU D 187 17.28 -3.83 44.20
CA LEU D 187 17.54 -3.11 42.95
C LEU D 187 18.85 -2.34 42.98
N GLU D 188 19.33 -1.97 44.16
CA GLU D 188 20.61 -1.28 44.25
C GLU D 188 21.76 -2.24 44.02
N GLU D 189 21.56 -3.51 44.37
CA GLU D 189 22.56 -4.54 44.12
C GLU D 189 22.71 -4.81 42.64
N MET D 190 21.59 -4.78 41.93
CA MET D 190 21.60 -4.92 40.49
C MET D 190 22.30 -3.75 39.82
N LYS D 191 22.11 -2.55 40.36
CA LYS D 191 22.81 -1.36 39.86
C LYS D 191 24.31 -1.48 40.10
N ALA D 192 24.67 -1.93 41.30
CA ALA D 192 26.07 -2.17 41.60
C ALA D 192 26.67 -3.12 40.60
N LYS D 193 25.92 -4.17 40.25
CA LYS D 193 26.44 -5.21 39.37
C LYS D 193 26.49 -4.73 37.92
N LEU D 194 25.49 -3.99 37.47
CA LEU D 194 25.52 -3.38 36.14
C LEU D 194 26.71 -2.43 36.00
N TYR D 195 26.92 -1.56 36.99
CA TYR D 195 28.00 -0.58 36.91
C TYR D 195 29.37 -1.25 36.95
N GLU D 196 29.59 -2.12 37.93
CA GLU D 196 30.94 -2.63 38.16
C GLU D 196 31.38 -3.60 37.06
N ASN D 197 30.45 -4.28 36.42
CA ASN D 197 30.77 -5.15 35.30
C ASN D 197 30.70 -4.43 33.96
N ARG D 198 30.38 -3.14 33.96
CA ARG D 198 30.38 -2.32 32.74
C ARG D 198 29.42 -2.85 31.69
N ILE D 199 28.27 -3.32 32.11
CA ILE D 199 27.29 -3.87 31.18
C ILE D 199 26.11 -2.93 31.12
N GLU D 200 25.43 -2.94 29.96
CA GLU D 200 24.29 -2.06 29.70
C GLU D 200 22.97 -2.68 30.10
N LYS D 201 22.83 -4.01 29.95
CA LYS D 201 21.69 -4.76 30.45
C LYS D 201 22.18 -6.05 31.10
N MET D 202 21.35 -6.61 31.97
CA MET D 202 21.69 -7.79 32.75
C MET D 202 20.52 -8.76 32.77
N LEU D 203 20.79 -10.04 32.57
CA LEU D 203 19.75 -11.07 32.53
C LEU D 203 19.38 -11.53 33.94
N VAL D 204 18.08 -11.71 34.17
CA VAL D 204 17.51 -12.12 35.46
C VAL D 204 17.10 -13.58 35.33
N VAL D 205 17.57 -14.43 36.24
CA VAL D 205 17.27 -15.86 36.27
C VAL D 205 16.66 -16.24 37.62
N ASP D 206 16.28 -17.52 37.76
CA ASP D 206 15.67 -18.01 39.00
C ASP D 206 16.52 -19.11 39.63
N GLU D 207 15.97 -19.79 40.65
CA GLU D 207 16.71 -20.80 41.38
C GLU D 207 17.31 -21.84 40.44
N ASN D 208 16.62 -22.14 39.34
CA ASN D 208 16.99 -23.18 38.38
C ASN D 208 17.59 -22.63 37.10
N PHE D 209 18.09 -21.39 37.14
CA PHE D 209 18.73 -20.72 36.00
C PHE D 209 17.82 -20.60 34.78
N TYR D 210 16.51 -20.56 35.00
CA TYR D 210 15.57 -20.28 33.93
C TYR D 210 15.48 -18.77 33.72
N LEU D 211 15.53 -18.35 32.47
CA LEU D 211 15.49 -16.92 32.15
C LEU D 211 14.18 -16.29 32.60
N ARG D 212 14.29 -15.16 33.32
CA ARG D 212 13.12 -14.56 33.95
C ARG D 212 12.88 -13.10 33.56
N GLY D 213 13.79 -12.47 32.87
CA GLY D 213 13.62 -11.10 32.46
C GLY D 213 14.97 -10.46 32.37
N LEU D 214 15.00 -9.13 32.31
CA LEU D 214 16.28 -8.44 32.37
C LEU D 214 16.09 -7.06 32.98
N VAL D 215 17.19 -6.49 33.48
CA VAL D 215 17.19 -5.13 33.99
C VAL D 215 18.24 -4.31 33.25
N THR D 216 17.98 -2.99 33.20
CA THR D 216 18.91 -1.97 32.76
C THR D 216 18.90 -0.84 33.78
N PHE D 217 19.83 0.11 33.65
CA PHE D 217 19.78 1.27 34.54
C PHE D 217 18.51 2.07 34.30
N ARG D 218 18.06 2.15 33.03
CA ARG D 218 16.88 2.95 32.72
C ARG D 218 15.60 2.30 33.24
N ASP D 219 15.49 0.97 33.14
CA ASP D 219 14.30 0.31 33.64
C ASP D 219 14.20 0.39 35.15
N ILE D 220 15.35 0.38 35.83
CA ILE D 220 15.34 0.55 37.28
C ILE D 220 14.94 1.97 37.64
N GLU D 221 15.41 2.97 36.87
CA GLU D 221 15.02 4.35 37.11
C GLU D 221 13.52 4.54 36.90
N LYS D 222 13.01 4.04 35.78
CA LYS D 222 11.63 4.29 35.38
C LYS D 222 10.63 3.71 36.37
N ALA D 223 10.98 2.62 37.04
CA ALA D 223 10.07 2.03 38.02
C ALA D 223 9.76 3.05 39.10
N GLU D 224 8.47 3.30 39.29
CA GLU D 224 8.03 4.28 40.27
C GLU D 224 8.40 3.80 41.66
N ARG D 225 8.96 4.70 42.46
CA ARG D 225 9.45 4.37 43.79
C ARG D 225 8.28 4.31 44.78
N LYS D 226 8.36 3.39 45.75
CA LYS D 226 7.26 3.14 46.68
C LYS D 226 7.80 2.90 48.08
N PRO D 227 8.23 3.97 48.77
CA PRO D 227 8.91 3.79 50.07
C PRO D 227 8.07 3.10 51.11
N ASN D 228 6.76 3.11 50.97
CA ASN D 228 5.90 2.49 51.95
C ASN D 228 5.45 1.11 51.55
N ALA D 229 6.02 0.55 50.48
CA ALA D 229 5.62 -0.78 50.03
C ALA D 229 5.70 -1.76 51.18
N CYS D 230 4.70 -2.64 51.27
CA CYS D 230 4.64 -3.66 52.32
C CYS D 230 5.22 -4.97 51.82
N LYS D 231 6.41 -5.31 52.30
CA LYS D 231 7.21 -6.36 51.71
C LYS D 231 7.67 -7.33 52.78
N ASP D 232 8.01 -8.56 52.36
CA ASP D 232 8.50 -9.58 53.27
C ASP D 232 10.01 -9.46 53.41
N GLU D 233 10.60 -10.30 54.27
CA GLU D 233 12.03 -10.17 54.52
C GLU D 233 12.90 -10.45 53.30
N GLN D 234 12.34 -10.87 52.16
CA GLN D 234 13.09 -10.98 50.92
C GLN D 234 12.83 -9.82 49.97
N GLY D 235 12.15 -8.77 50.43
CA GLY D 235 11.87 -7.64 49.57
C GLY D 235 10.67 -7.80 48.68
N ARG D 236 9.94 -8.90 48.79
CA ARG D 236 8.82 -9.17 47.91
C ARG D 236 7.54 -8.55 48.46
N LEU D 237 6.72 -8.00 47.56
CA LEU D 237 5.43 -7.51 48.00
C LEU D 237 4.65 -8.61 48.72
N ARG D 238 3.96 -8.22 49.78
CA ARG D 238 3.15 -9.16 50.52
C ARG D 238 1.78 -9.29 49.85
N VAL D 239 1.11 -10.41 50.12
CA VAL D 239 -0.18 -10.73 49.53
C VAL D 239 -0.93 -11.65 50.48
N GLY D 240 -2.27 -11.65 50.37
CA GLY D 240 -3.10 -12.61 51.06
C GLY D 240 -4.07 -13.27 50.10
N ALA D 241 -4.77 -14.30 50.59
CA ALA D 241 -5.76 -15.01 49.78
C ALA D 241 -6.81 -15.64 50.69
N ALA D 242 -8.04 -15.75 50.18
CA ALA D 242 -9.14 -16.28 50.98
C ALA D 242 -9.61 -17.65 50.49
N VAL D 243 -10.06 -18.47 51.43
CA VAL D 243 -10.71 -19.75 51.14
C VAL D 243 -11.99 -19.83 51.97
N GLY D 244 -12.88 -20.73 51.57
CA GLY D 244 -14.04 -21.01 52.39
C GLY D 244 -13.68 -21.84 53.60
N ALA D 245 -14.60 -21.87 54.56
CA ALA D 245 -14.46 -22.72 55.73
C ALA D 245 -15.05 -24.11 55.52
N GLY D 246 -15.67 -24.38 54.39
CA GLY D 246 -16.21 -25.69 54.15
C GLY D 246 -15.13 -26.73 53.95
N ALA D 247 -15.56 -27.98 53.91
CA ALA D 247 -14.70 -29.07 53.48
C ALA D 247 -14.32 -28.88 52.01
N GLY D 248 -13.22 -29.51 51.62
CA GLY D 248 -12.82 -29.54 50.24
C GLY D 248 -11.88 -28.43 49.81
N ASN D 249 -11.49 -27.55 50.72
CA ASN D 249 -10.57 -26.45 50.44
C ASN D 249 -9.14 -26.80 50.84
N GLU D 250 -8.87 -28.08 51.09
CA GLU D 250 -7.52 -28.53 51.40
C GLU D 250 -6.57 -28.25 50.25
N GLU D 251 -6.94 -28.72 49.05
CA GLU D 251 -6.07 -28.54 47.91
C GLU D 251 -5.83 -27.08 47.61
N ARG D 252 -6.87 -26.26 47.74
CA ARG D 252 -6.73 -24.81 47.56
C ARG D 252 -5.70 -24.24 48.52
N VAL D 253 -5.82 -24.56 49.81
CA VAL D 253 -4.90 -24.00 50.79
C VAL D 253 -3.47 -24.44 50.48
N ASP D 254 -3.27 -25.72 50.15
CA ASP D 254 -1.91 -26.19 49.86
C ASP D 254 -1.34 -25.45 48.66
N ALA D 255 -2.20 -25.11 47.70
CA ALA D 255 -1.74 -24.47 46.48
C ALA D 255 -1.42 -23.01 46.72
N LEU D 256 -2.15 -22.38 47.64
CA LEU D 256 -1.88 -20.99 47.99
C LEU D 256 -0.61 -20.87 48.82
N VAL D 257 -0.41 -21.78 49.77
CA VAL D 257 0.81 -21.75 50.56
C VAL D 257 2.01 -21.97 49.65
N ALA D 258 1.94 -22.99 48.80
CA ALA D 258 2.98 -23.27 47.82
C ALA D 258 3.25 -22.09 46.92
N ALA D 259 2.22 -21.27 46.65
CA ALA D 259 2.44 -20.08 45.84
C ALA D 259 3.20 -19.00 46.59
N GLY D 260 3.31 -19.08 47.90
CA GLY D 260 4.04 -18.09 48.66
C GLY D 260 3.18 -17.04 49.32
N VAL D 261 1.87 -17.28 49.46
CA VAL D 261 0.98 -16.35 50.13
C VAL D 261 1.52 -16.04 51.52
N ASP D 262 1.40 -14.78 51.93
CA ASP D 262 1.93 -14.33 53.21
C ASP D 262 0.97 -14.58 54.37
N VAL D 263 -0.32 -14.53 54.13
CA VAL D 263 -1.30 -14.84 55.17
C VAL D 263 -2.55 -15.44 54.52
N LEU D 264 -3.13 -16.45 55.15
CA LEU D 264 -4.33 -17.11 54.64
C LEU D 264 -5.56 -16.64 55.43
N LEU D 265 -6.62 -16.26 54.71
CA LEU D 265 -7.89 -15.84 55.28
C LEU D 265 -8.93 -16.95 55.13
N ILE D 266 -9.30 -17.58 56.25
CA ILE D 266 -10.38 -18.56 56.28
C ILE D 266 -11.62 -17.79 56.72
N ASP D 267 -12.55 -17.53 55.80
CA ASP D 267 -13.67 -16.63 56.06
C ASP D 267 -15.02 -17.33 55.97
N SER D 268 -15.91 -16.94 56.88
CA SER D 268 -17.30 -17.36 56.85
C SER D 268 -18.17 -16.27 57.46
N SER D 269 -19.49 -16.38 57.26
CA SER D 269 -20.40 -15.44 57.89
C SER D 269 -20.62 -15.72 59.37
N HIS D 270 -20.22 -16.87 59.89
CA HIS D 270 -20.27 -17.14 61.35
C HIS D 270 -18.97 -17.82 61.77
N GLY D 271 -18.01 -17.02 62.21
CA GLY D 271 -16.72 -17.55 62.60
C GLY D 271 -16.73 -18.24 63.95
N HIS D 272 -17.78 -18.06 64.73
CA HIS D 272 -17.96 -18.81 65.96
C HIS D 272 -18.60 -20.16 65.73
N SER D 273 -18.77 -20.53 64.47
CA SER D 273 -19.30 -21.82 64.11
C SER D 273 -18.24 -22.90 64.34
N GLU D 274 -18.67 -24.05 64.85
CA GLU D 274 -17.73 -25.11 65.20
C GLU D 274 -16.98 -25.64 63.98
N GLY D 275 -17.65 -25.75 62.83
CA GLY D 275 -16.96 -26.20 61.63
C GLY D 275 -15.88 -25.25 61.17
N VAL D 276 -16.09 -23.94 61.36
CA VAL D 276 -15.06 -22.96 61.03
C VAL D 276 -13.85 -23.17 61.95
N LEU D 277 -14.10 -23.31 63.25
CA LEU D 277 -13.02 -23.53 64.20
C LEU D 277 -12.24 -24.79 63.88
N GLN D 278 -12.93 -25.83 63.41
CA GLN D 278 -12.25 -27.09 63.10
C GLN D 278 -11.33 -26.92 61.92
N ARG D 279 -11.84 -26.33 60.84
CA ARG D 279 -11.02 -26.08 59.68
C ARG D 279 -9.75 -25.33 60.06
N ILE D 280 -9.86 -24.42 61.02
CA ILE D 280 -8.70 -23.62 61.41
C ILE D 280 -7.69 -24.46 62.17
N ARG D 281 -8.16 -25.33 63.06
CA ARG D 281 -7.24 -26.21 63.77
C ARG D 281 -6.46 -27.06 62.80
N GLU D 282 -7.13 -27.55 61.76
CA GLU D 282 -6.48 -28.43 60.80
C GLU D 282 -5.43 -27.69 59.98
N THR D 283 -5.66 -26.41 59.71
CA THR D 283 -4.68 -25.64 58.94
C THR D 283 -3.49 -25.25 59.80
N ARG D 284 -3.74 -24.89 61.06
CA ARG D 284 -2.65 -24.63 61.98
C ARG D 284 -1.83 -25.90 62.23
N ALA D 285 -2.52 -27.05 62.32
CA ALA D 285 -1.83 -28.32 62.48
C ALA D 285 -0.90 -28.58 61.31
N LYS D 286 -1.41 -28.39 60.09
CA LYS D 286 -0.64 -28.70 58.91
C LYS D 286 0.44 -27.67 58.68
N TYR D 287 0.17 -26.41 59.03
CA TYR D 287 1.03 -25.28 58.70
C TYR D 287 1.32 -24.47 59.95
N PRO D 288 2.22 -24.96 60.80
CA PRO D 288 2.42 -24.33 62.11
C PRO D 288 2.84 -22.87 62.04
N ASP D 289 3.62 -22.48 61.03
CA ASP D 289 4.15 -21.14 60.88
C ASP D 289 3.31 -20.25 59.99
N LEU D 290 2.33 -20.82 59.31
CA LEU D 290 1.48 -20.04 58.44
C LEU D 290 0.68 -19.02 59.23
N GLN D 291 0.65 -17.78 58.73
CA GLN D 291 -0.18 -16.73 59.31
C GLN D 291 -1.61 -16.88 58.82
N ILE D 292 -2.54 -16.98 59.77
CA ILE D 292 -3.93 -17.33 59.51
C ILE D 292 -4.83 -16.28 60.14
N ILE D 293 -5.77 -15.75 59.36
CA ILE D 293 -6.82 -14.85 59.82
C ILE D 293 -8.15 -15.56 59.75
N GLY D 294 -8.95 -15.46 60.81
CA GLY D 294 -10.28 -16.03 60.84
C GLY D 294 -11.34 -15.00 61.17
N GLY D 295 -12.53 -15.19 60.63
CA GLY D 295 -13.69 -14.39 60.97
C GLY D 295 -14.95 -15.00 60.39
N ASN D 296 -16.08 -14.33 60.59
CA ASN D 296 -16.19 -13.09 61.39
C ASN D 296 -16.85 -13.39 62.73
N VAL D 297 -16.51 -12.63 63.76
CA VAL D 297 -17.10 -12.76 65.10
C VAL D 297 -17.45 -11.36 65.61
N ALA D 298 -18.25 -11.29 66.69
CA ALA D 298 -18.67 -9.99 67.20
C ALA D 298 -18.80 -9.99 68.73
N THR D 299 -18.18 -10.96 69.39
CA THR D 299 -18.23 -11.10 70.84
C THR D 299 -16.84 -11.43 71.34
N ALA D 300 -16.61 -11.27 72.65
CA ALA D 300 -15.32 -11.66 73.22
C ALA D 300 -15.09 -13.17 73.10
N ALA D 301 -16.18 -13.96 73.18
CA ALA D 301 -16.03 -15.41 73.13
C ALA D 301 -15.76 -15.91 71.72
N GLY D 302 -16.34 -15.27 70.70
CA GLY D 302 -16.00 -15.66 69.35
C GLY D 302 -14.54 -15.45 69.05
N ALA D 303 -13.97 -14.37 69.60
CA ALA D 303 -12.58 -14.01 69.33
C ALA D 303 -11.61 -14.93 70.05
N ARG D 304 -11.88 -15.20 71.32
CA ARG D 304 -11.11 -16.18 72.08
C ARG D 304 -11.17 -17.57 71.45
N ALA D 305 -12.35 -17.98 70.95
CA ALA D 305 -12.48 -19.29 70.29
C ALA D 305 -11.61 -19.38 69.04
N LEU D 306 -11.55 -18.29 68.25
CA LEU D 306 -10.73 -18.26 67.04
C LEU D 306 -9.24 -18.20 67.36
N ALA D 307 -8.87 -17.56 68.47
CA ALA D 307 -7.47 -17.57 68.89
C ALA D 307 -6.96 -18.98 69.18
N GLU D 308 -7.76 -19.80 69.86
CA GLU D 308 -7.31 -21.13 70.28
C GLU D 308 -7.33 -22.13 69.12
N ALA D 309 -8.23 -21.93 68.16
CA ALA D 309 -8.17 -22.70 66.92
C ALA D 309 -6.85 -22.48 66.17
N GLY D 310 -6.23 -21.32 66.34
CA GLY D 310 -4.89 -21.11 65.85
C GLY D 310 -4.68 -19.90 64.98
N CYS D 311 -5.55 -18.89 65.12
CA CYS D 311 -5.46 -17.70 64.29
C CYS D 311 -4.36 -16.76 64.76
N SER D 312 -3.70 -16.14 63.78
CA SER D 312 -2.67 -15.12 64.00
C SER D 312 -3.27 -13.73 64.11
N ALA D 313 -4.52 -13.57 63.71
CA ALA D 313 -5.28 -12.33 63.74
C ALA D 313 -6.75 -12.70 63.67
N VAL D 314 -7.61 -11.79 64.13
CA VAL D 314 -9.05 -12.06 64.24
C VAL D 314 -9.83 -10.92 63.60
N LYS D 315 -10.80 -11.26 62.74
CA LYS D 315 -11.59 -10.28 61.99
C LYS D 315 -12.98 -10.16 62.60
N VAL D 316 -13.43 -8.93 62.83
CA VAL D 316 -14.64 -8.64 63.60
C VAL D 316 -15.65 -7.92 62.70
N GLY D 317 -16.87 -8.44 62.64
CA GLY D 317 -17.94 -7.74 61.95
C GLY D 317 -19.13 -8.59 61.61
N ILE D 318 -20.18 -8.58 62.44
CA ILE D 318 -21.41 -9.35 62.20
C ILE D 318 -22.60 -8.40 62.14
N GLY D 319 -23.20 -8.29 60.95
CA GLY D 319 -24.25 -7.33 60.73
C GLY D 319 -23.89 -5.99 61.33
N PRO D 320 -22.81 -5.33 60.78
CA PRO D 320 -22.38 -3.99 61.23
C PRO D 320 -23.30 -2.82 60.86
N GLY D 321 -23.76 -2.71 59.57
CA GLY D 321 -24.55 -1.56 59.15
C GLY D 321 -26.02 -1.60 59.58
N SER D 322 -26.67 -0.44 59.55
CA SER D 322 -28.04 -0.34 60.08
C SER D 322 -29.01 -1.22 59.31
N ILE D 323 -28.90 -1.26 57.99
CA ILE D 323 -29.86 -2.00 57.17
C ILE D 323 -29.14 -3.09 56.36
N CYS D 324 -28.04 -3.65 56.88
CA CYS D 324 -27.41 -4.70 56.08
C CYS D 324 -28.29 -5.95 56.16
N THR D 325 -28.19 -6.77 55.10
CA THR D 325 -29.18 -7.83 54.86
C THR D 325 -29.13 -8.90 55.93
N THR D 326 -27.93 -9.19 56.48
CA THR D 326 -27.84 -10.17 57.56
C THR D 326 -28.68 -9.74 58.77
N ARG D 327 -28.66 -8.46 59.14
CA ARG D 327 -29.53 -7.98 60.23
C ARG D 327 -31.01 -8.09 59.87
N ILE D 328 -31.37 -7.75 58.63
CA ILE D 328 -32.78 -7.68 58.27
C ILE D 328 -33.38 -9.08 58.09
N VAL D 329 -32.57 -10.01 57.57
CA VAL D 329 -33.00 -11.37 57.24
C VAL D 329 -32.92 -12.30 58.44
N THR D 330 -31.85 -12.19 59.25
CA THR D 330 -31.59 -13.09 60.36
C THR D 330 -31.77 -12.45 61.74
N GLY D 331 -31.94 -11.12 61.82
CA GLY D 331 -32.05 -10.41 63.08
C GLY D 331 -30.79 -10.32 63.91
N VAL D 332 -29.70 -10.90 63.43
CA VAL D 332 -28.48 -11.06 64.20
C VAL D 332 -27.52 -9.91 63.88
N GLY D 333 -26.81 -9.44 64.89
CA GLY D 333 -25.80 -8.43 64.68
C GLY D 333 -25.33 -7.84 65.99
N VAL D 334 -24.14 -7.25 65.97
CA VAL D 334 -23.66 -6.45 67.09
C VAL D 334 -23.08 -5.15 66.53
N PRO D 335 -23.60 -3.98 66.93
CA PRO D 335 -23.00 -2.70 66.49
C PRO D 335 -21.50 -2.69 66.71
N GLN D 336 -20.79 -2.03 65.79
CA GLN D 336 -19.40 -2.38 65.52
C GLN D 336 -18.42 -1.85 66.57
N ILE D 337 -18.66 -0.66 67.11
CA ILE D 337 -17.74 -0.11 68.11
C ILE D 337 -17.67 -1.05 69.31
N THR D 338 -18.81 -1.53 69.78
CA THR D 338 -18.82 -2.45 70.90
C THR D 338 -18.16 -3.77 70.54
N ALA D 339 -18.38 -4.27 69.32
CA ALA D 339 -17.85 -5.59 68.95
C ALA D 339 -16.34 -5.59 68.88
N VAL D 340 -15.73 -4.47 68.48
CA VAL D 340 -14.27 -4.37 68.36
C VAL D 340 -13.64 -4.21 69.73
N ALA D 341 -14.22 -3.36 70.57
CA ALA D 341 -13.74 -3.25 71.94
C ALA D 341 -13.87 -4.60 72.65
N ASP D 342 -14.97 -5.32 72.43
CA ASP D 342 -15.18 -6.64 73.04
C ASP D 342 -14.08 -7.61 72.64
N ALA D 343 -13.73 -7.65 71.36
CA ALA D 343 -12.75 -8.61 70.87
C ALA D 343 -11.34 -8.23 71.27
N VAL D 344 -11.01 -6.95 71.24
CA VAL D 344 -9.68 -6.48 71.62
C VAL D 344 -9.40 -6.83 73.07
N GLU D 345 -10.38 -6.59 73.95
CA GLU D 345 -10.20 -6.91 75.35
C GLU D 345 -10.01 -8.40 75.55
N ALA D 346 -10.71 -9.23 74.78
CA ALA D 346 -10.51 -10.68 74.86
C ALA D 346 -9.08 -11.07 74.51
N LEU D 347 -8.45 -10.34 73.60
CA LEU D 347 -7.18 -10.74 73.03
C LEU D 347 -6.01 -9.96 73.60
N GLU D 348 -6.23 -9.19 74.66
CA GLU D 348 -5.18 -8.35 75.22
C GLU D 348 -4.02 -9.19 75.71
N GLY D 349 -2.80 -8.75 75.42
CA GLY D 349 -1.64 -9.50 75.87
C GLY D 349 -1.34 -10.75 75.08
N THR D 350 -2.08 -11.03 74.02
CA THR D 350 -1.83 -12.18 73.18
C THR D 350 -1.06 -11.83 71.92
N GLY D 351 -0.88 -10.55 71.63
CA GLY D 351 -0.27 -10.18 70.37
C GLY D 351 -1.02 -10.64 69.14
N ILE D 352 -2.28 -11.02 69.29
CA ILE D 352 -3.15 -11.35 68.17
C ILE D 352 -3.95 -10.10 67.83
N PRO D 353 -3.65 -9.40 66.74
CA PRO D 353 -4.38 -8.16 66.43
C PRO D 353 -5.82 -8.42 65.96
N VAL D 354 -6.67 -7.39 66.11
CA VAL D 354 -8.07 -7.42 65.70
C VAL D 354 -8.20 -6.59 64.43
N ILE D 355 -9.02 -7.05 63.49
CA ILE D 355 -9.28 -6.35 62.24
C ILE D 355 -10.76 -5.98 62.17
N ALA D 356 -11.05 -4.74 61.81
CA ALA D 356 -12.43 -4.28 61.72
C ALA D 356 -12.95 -4.40 60.28
N ASP D 357 -14.00 -5.19 60.09
CA ASP D 357 -14.52 -5.48 58.75
C ASP D 357 -15.95 -4.96 58.59
N GLY D 358 -16.12 -3.92 57.80
CA GLY D 358 -17.44 -3.62 57.28
C GLY D 358 -18.16 -2.53 58.05
N GLY D 359 -18.88 -1.70 57.30
CA GLY D 359 -19.63 -0.58 57.85
C GLY D 359 -18.89 0.74 57.85
N ILE D 360 -17.76 0.84 57.15
CA ILE D 360 -16.87 2.00 57.20
C ILE D 360 -17.26 2.95 56.07
N ARG D 361 -17.85 4.09 56.43
CA ARG D 361 -18.28 5.06 55.44
C ARG D 361 -17.19 6.08 55.12
N PHE D 362 -16.63 6.74 56.12
CA PHE D 362 -15.70 7.84 55.91
C PHE D 362 -14.34 7.52 56.49
N SER D 363 -13.41 8.45 56.32
CA SER D 363 -12.12 8.33 56.98
C SER D 363 -12.25 8.50 58.49
N GLY D 364 -13.29 9.20 58.94
CA GLY D 364 -13.56 9.28 60.37
C GLY D 364 -13.90 7.93 60.99
N ASP D 365 -14.57 7.05 60.23
CA ASP D 365 -14.93 5.73 60.75
C ASP D 365 -13.70 4.85 60.93
N ILE D 366 -12.66 5.10 60.14
CA ILE D 366 -11.39 4.39 60.29
C ILE D 366 -10.75 4.72 61.63
N ALA D 367 -10.69 6.00 61.98
CA ALA D 367 -10.01 6.38 63.22
C ALA D 367 -10.76 5.88 64.45
N LYS D 368 -12.09 5.78 64.39
CA LYS D 368 -12.88 5.30 65.53
C LYS D 368 -12.69 3.81 65.75
N ALA D 369 -12.50 3.04 64.67
CA ALA D 369 -12.30 1.61 64.81
C ALA D 369 -10.98 1.31 65.52
N ILE D 370 -9.94 2.12 65.23
CA ILE D 370 -8.61 1.93 65.81
C ILE D 370 -8.57 2.37 67.28
N ALA D 371 -9.10 3.56 67.60
CA ALA D 371 -9.17 4.00 68.98
C ALA D 371 -10.05 3.10 69.82
N ALA D 372 -10.88 2.27 69.17
CA ALA D 372 -11.65 1.19 69.77
C ALA D 372 -10.82 -0.08 69.98
N GLY D 373 -9.66 -0.18 69.34
CA GLY D 373 -8.68 -1.20 69.68
C GLY D 373 -8.17 -2.00 68.49
N ALA D 374 -8.87 -1.88 67.38
CA ALA D 374 -8.50 -2.60 66.16
C ALA D 374 -7.12 -2.18 65.67
N SER D 375 -6.37 -3.14 65.16
CA SER D 375 -5.05 -2.83 64.65
C SER D 375 -5.07 -2.50 63.17
N ALA D 376 -6.16 -2.82 62.46
CA ALA D 376 -6.34 -2.45 61.05
C ALA D 376 -7.81 -2.57 60.67
N VAL D 377 -8.16 -2.07 59.47
CA VAL D 377 -9.54 -2.14 58.95
C VAL D 377 -9.56 -2.74 57.54
N MET D 378 -10.66 -3.41 57.20
CA MET D 378 -10.87 -4.00 55.89
C MET D 378 -11.97 -3.26 55.12
N VAL D 379 -11.68 -2.86 53.88
CA VAL D 379 -12.62 -2.12 53.05
C VAL D 379 -12.87 -2.89 51.76
N GLY D 380 -14.09 -2.74 51.22
CA GLY D 380 -14.48 -3.47 50.02
C GLY D 380 -14.96 -2.55 48.92
N SER D 381 -16.20 -2.08 49.01
CA SER D 381 -16.82 -1.28 47.96
C SER D 381 -16.18 0.11 47.79
N MET D 382 -15.48 0.60 48.81
CA MET D 382 -14.76 1.86 48.66
C MET D 382 -13.73 1.77 47.54
N LEU D 383 -13.25 0.57 47.24
CA LEU D 383 -12.20 0.33 46.26
C LEU D 383 -12.69 -0.29 44.96
N ALA D 384 -13.94 -0.71 44.88
CA ALA D 384 -14.47 -1.19 43.61
C ALA D 384 -14.63 -0.01 42.66
N GLY D 385 -14.30 -0.23 41.40
CA GLY D 385 -14.36 0.86 40.45
C GLY D 385 -13.10 1.68 40.32
N THR D 386 -12.07 1.39 41.12
CA THR D 386 -10.75 1.98 40.90
C THR D 386 -10.11 1.37 39.65
N GLU D 387 -9.05 2.01 39.16
CA GLU D 387 -8.39 1.54 37.95
C GLU D 387 -7.90 0.11 38.11
N GLU D 388 -7.27 -0.20 39.25
CA GLU D 388 -6.63 -1.48 39.48
C GLU D 388 -7.59 -2.60 39.83
N SER D 389 -8.84 -2.27 40.20
CA SER D 389 -9.81 -3.29 40.59
C SER D 389 -10.32 -4.01 39.34
N PRO D 390 -10.98 -5.14 39.50
CA PRO D 390 -11.43 -5.91 38.33
C PRO D 390 -12.52 -5.18 37.56
N GLY D 391 -12.77 -5.67 36.35
CA GLY D 391 -13.64 -5.02 35.40
C GLY D 391 -12.81 -4.14 34.48
N GLU D 392 -13.36 -3.77 33.33
CA GLU D 392 -12.67 -2.74 32.58
C GLU D 392 -13.61 -1.59 32.28
N ILE D 393 -12.98 -0.43 32.06
CA ILE D 393 -13.69 0.84 32.07
C ILE D 393 -14.69 0.88 30.92
N GLU D 394 -15.85 1.43 31.22
CA GLU D 394 -16.94 1.58 30.27
C GLU D 394 -17.45 3.01 30.37
N LEU D 395 -17.64 3.65 29.24
CA LEU D 395 -18.30 4.95 29.21
C LEU D 395 -19.77 4.69 28.96
N TYR D 396 -20.62 5.35 29.73
CA TYR D 396 -22.05 5.09 29.61
C TYR D 396 -22.76 6.36 30.04
N GLN D 397 -23.39 7.02 29.07
CA GLN D 397 -24.19 8.20 29.31
C GLN D 397 -23.36 9.29 29.97
N GLY D 398 -22.24 9.65 29.32
CA GLY D 398 -21.37 10.73 29.72
C GLY D 398 -20.57 10.50 30.97
N ARG D 399 -20.49 9.28 31.45
CA ARG D 399 -19.89 9.05 32.74
C ARG D 399 -19.07 7.77 32.65
N SER D 400 -18.06 7.63 33.50
CA SER D 400 -17.18 6.47 33.49
C SER D 400 -17.52 5.49 34.60
N TYR D 401 -17.57 4.22 34.21
CA TYR D 401 -17.91 3.12 35.08
C TYR D 401 -16.95 1.98 34.80
N LYS D 402 -16.95 0.99 35.68
CA LYS D 402 -16.34 -0.30 35.40
C LYS D 402 -17.45 -1.33 35.22
N SER D 403 -17.42 -2.03 34.11
CA SER D 403 -18.45 -3.00 33.76
C SER D 403 -17.90 -4.42 33.85
N TYR D 404 -18.82 -5.39 33.95
CA TYR D 404 -18.44 -6.80 34.13
C TYR D 404 -19.12 -7.84 33.19
N GLY D 438 -25.59 -3.29 35.82
CA GLY D 438 -24.47 -3.82 36.58
C GLY D 438 -23.13 -3.11 36.33
N ARG D 439 -23.00 -1.89 36.86
CA ARG D 439 -21.84 -1.07 36.59
C ARG D 439 -21.62 -0.14 37.77
N VAL D 440 -20.35 0.02 38.17
CA VAL D 440 -19.98 0.85 39.31
C VAL D 440 -19.18 2.05 38.84
N ALA D 441 -19.30 3.15 39.58
CA ALA D 441 -18.65 4.40 39.20
C ALA D 441 -17.14 4.25 39.19
N TYR D 442 -16.53 4.72 38.10
CA TYR D 442 -15.08 4.73 38.00
C TYR D 442 -14.50 5.73 39.00
N LYS D 443 -13.54 5.28 39.81
CA LYS D 443 -13.06 6.07 40.93
C LYS D 443 -11.61 6.52 40.78
N GLY D 444 -10.94 6.19 39.69
CA GLY D 444 -9.56 6.59 39.52
C GLY D 444 -8.56 5.63 40.15
N ARG D 445 -7.33 6.12 40.33
CA ARG D 445 -6.27 5.28 40.86
C ARG D 445 -6.44 5.06 42.35
N LEU D 446 -6.07 3.86 42.79
CA LEU D 446 -6.17 3.47 44.18
C LEU D 446 -5.36 4.38 45.08
N LYS D 447 -4.22 4.85 44.60
CA LYS D 447 -3.35 5.71 45.38
C LYS D 447 -4.08 6.97 45.86
N GLU D 448 -4.91 7.57 45.01
CA GLU D 448 -5.60 8.79 45.38
C GLU D 448 -6.56 8.58 46.53
N ILE D 449 -7.21 7.42 46.55
CA ILE D 449 -8.18 7.12 47.60
C ILE D 449 -7.47 6.83 48.91
N ILE D 450 -6.40 6.03 48.87
CA ILE D 450 -5.59 5.81 50.05
C ILE D 450 -5.13 7.15 50.61
N HIS D 451 -4.62 8.00 49.73
CA HIS D 451 -4.13 9.30 50.16
C HIS D 451 -5.20 10.06 50.93
N GLN D 452 -6.41 10.10 50.37
CA GLN D 452 -7.51 10.85 50.95
C GLN D 452 -7.94 10.27 52.29
N GLN D 453 -7.95 8.94 52.43
CA GLN D 453 -8.40 8.32 53.67
C GLN D 453 -7.34 8.42 54.75
N MET D 454 -6.09 8.16 54.41
CA MET D 454 -5.03 8.33 55.38
C MET D 454 -4.81 9.79 55.71
N GLY D 455 -5.16 10.70 54.81
CA GLY D 455 -5.13 12.11 55.18
C GLY D 455 -6.15 12.43 56.26
N GLY D 456 -7.31 11.79 56.20
CA GLY D 456 -8.31 11.97 57.24
C GLY D 456 -7.95 11.26 58.52
N LEU D 457 -7.18 10.17 58.43
CA LEU D 457 -6.71 9.49 59.63
C LEU D 457 -5.56 10.24 60.28
N ARG D 458 -4.63 10.77 59.47
CA ARG D 458 -3.57 11.62 60.00
C ARG D 458 -4.13 12.84 60.71
N SER D 459 -5.19 13.45 60.15
CA SER D 459 -5.79 14.64 60.77
C SER D 459 -6.38 14.31 62.13
N CYS D 460 -6.89 13.09 62.32
CA CYS D 460 -7.40 12.69 63.62
C CYS D 460 -6.30 12.44 64.65
N MET D 461 -5.18 11.84 64.23
CA MET D 461 -4.09 11.56 65.17
C MET D 461 -3.41 12.84 65.63
N GLY D 462 -3.39 13.88 64.80
CA GLY D 462 -3.00 15.18 65.28
C GLY D 462 -4.01 15.78 66.24
N LEU D 463 -5.30 15.51 66.04
CA LEU D 463 -6.33 16.07 66.92
C LEU D 463 -6.29 15.43 68.29
N THR D 464 -6.14 14.11 68.35
CA THR D 464 -6.08 13.37 69.59
C THR D 464 -4.68 13.24 70.17
N GLY D 465 -3.64 13.68 69.46
CA GLY D 465 -2.31 13.62 70.00
C GLY D 465 -1.75 12.22 70.07
N CYS D 466 -2.16 11.36 69.17
CA CYS D 466 -1.72 9.98 69.14
C CYS D 466 -0.79 9.85 67.93
N GLY D 467 0.52 9.88 68.17
CA GLY D 467 1.51 9.89 67.11
C GLY D 467 1.77 8.57 66.43
N THR D 468 1.32 7.47 67.02
CA THR D 468 1.42 6.16 66.39
C THR D 468 0.05 5.51 66.46
N ILE D 469 -0.08 4.39 65.75
CA ILE D 469 -1.33 3.64 65.77
C ILE D 469 -1.59 3.02 67.14
N ASP D 470 -0.54 2.58 67.85
CA ASP D 470 -0.76 1.99 69.15
C ASP D 470 -1.18 3.03 70.18
N GLU D 471 -0.73 4.29 70.01
CA GLU D 471 -1.20 5.37 70.86
C GLU D 471 -2.68 5.62 70.64
N LEU D 472 -3.10 5.69 69.39
CA LEU D 472 -4.51 5.85 69.09
C LEU D 472 -5.33 4.71 69.68
N ARG D 473 -4.86 3.47 69.52
CA ARG D 473 -5.58 2.29 70.02
C ARG D 473 -5.77 2.28 71.53
N THR D 474 -4.88 2.96 72.27
CA THR D 474 -4.81 2.81 73.71
C THR D 474 -5.11 4.09 74.47
N LYS D 475 -4.91 5.25 73.85
CA LYS D 475 -4.91 6.56 74.50
C LYS D 475 -6.12 7.41 74.17
N ALA D 476 -6.55 7.42 72.91
CA ALA D 476 -7.61 8.30 72.47
C ALA D 476 -8.92 7.89 73.13
N GLU D 477 -9.77 8.88 73.37
CA GLU D 477 -11.00 8.72 74.12
C GLU D 477 -12.20 9.15 73.28
N PHE D 478 -13.38 8.78 73.78
CA PHE D 478 -14.63 9.00 73.10
C PHE D 478 -15.61 9.79 73.96
N VAL D 479 -16.50 10.50 73.29
CA VAL D 479 -17.72 11.01 73.90
C VAL D 479 -18.91 10.29 73.30
N ARG D 480 -19.87 9.95 74.13
CA ARG D 480 -21.11 9.37 73.67
C ARG D 480 -22.05 10.50 73.31
N ILE D 481 -22.60 10.47 72.10
CA ILE D 481 -23.48 11.52 71.63
C ILE D 481 -24.84 10.92 71.30
N SER D 482 -25.85 11.77 71.19
CA SER D 482 -27.20 11.34 70.90
C SER D 482 -27.45 11.31 69.38
N GLY D 483 -28.70 11.00 69.00
CA GLY D 483 -29.09 11.04 67.60
C GLY D 483 -29.43 12.44 67.09
N ALA D 484 -29.90 13.32 67.96
CA ALA D 484 -30.00 14.74 67.66
C ALA D 484 -28.61 15.37 67.52
#